data_8PTW
#
_entry.id   8PTW
#
_cell.length_a   1.00
_cell.length_b   1.00
_cell.length_c   1.00
_cell.angle_alpha   90.00
_cell.angle_beta   90.00
_cell.angle_gamma   90.00
#
_symmetry.space_group_name_H-M   'P 1'
#
loop_
_entity.id
_entity.type
_entity.pdbx_description
1 polymer 'Pre-rRNA-processing protein IPI3'
2 polymer 'Pre-rRNA-processing protein RIX1'
#
loop_
_entity_poly.entity_id
_entity_poly.type
_entity_poly.pdbx_seq_one_letter_code
_entity_poly.pdbx_strand_id
1 'polypeptide(L)'
;MLTEEFVSAICGPPLSSNTAIAKDVGIYCHTLSPSYSVKSTFKKSSVPVNCLAVSDTHIFAGQHEKAYVHVYSRLRGNQE
AFVALPERIRCLILIGDILVVGTTEGRLMLWEICTGRLVSTPARHVQAVSCVAATPSHVLTGSDDSDIHVWSLSQLLELD
SAAEHEPLRTLANHRAAITALAVSPSDSADTNFCVSASKDKSCIIWNYQTGDALRTLIFPGYPLCMSLDPSSRAIFVSCE
DSSLYVAEMFGEKPLLGPGSEDPSTVVQISTPFGATQPDVGPASCLSVSYDGTMLLTGHPRGQIMRWDISENKSPVELAN
LNAAVTNLIFVSPFLTSKPTKTVNIIKPSQAERAYTFTAQFEPMSFTKSRLDSLLNATGFPADALESAIVAFYQPVTQSA
GDQELQRQNEELWEIINEQRALQKETLQRYVEAKSSR
;
CT,CU
2 'polypeptide(L)'
;MTAPPDLRVVCHRLASTPVDSLPRLCPLLINHVLRCGGPLSEPQDAKGKDRTSETAMLVHKFRTHITSLLTGKSPAGRFT
AVCLIKAVIDVGGWESLRSAEPWIRGLIGVLQKPDPLSSKELSIVTLTKLYILLQDYQTLIREMATPTLPGYATACLQLI
KPPASGRPLKVPLNFVDTVAWSLSKLVVLYSTTMRPFSGQIKSALRPYIAPTSSDNVVVPQSLKENSRNLLILLTYTAPK
NGSSDEWVKAIRATILDCHTTADQVFRAVRESWESTTGYHIQPVNATGEPSGGGDSVDELPPWSGLQAGAERLTGLLEYL
TAYFNNPTRAPVNVPLGELLDLTTRLTLVIPPSLGAEDSIETNPAIGRDEKAELWSALPDIHHAVLRLHCAIIRRLEANA
IPLATDIIDQMVRVSTASKQLPSVRETAYILAKEILLLAGSTLPKLTVDILIPLIQSSCHDILTAAGHAQPAQSQSSVPV
TASKQQKSSSPALTNADAFLPGQSSSSTPKTSTASPVSQAASALLPTFFTHLPQKHLPPDIRGLLDRTAILSHNQSAMLA
SCLHPYRDSRGRYYPSILPFLVRRFPRDESVEVLRSNLVKVGGSDASRGWDLSNGVTRDISYGREFAQEMISEEKGVVKE
DETFAKEIEPVKSTAKPATSANAWGVEMELDVEHVNVAPIPETTNPFATVVGTTSQPSTLIQPACPSSPLKRKSDAEEFD
EGSRPKRVDTGKAVSHPQMAVISSVPKPEEDKSDESSDSEGSVQIDMTLEDDEEDEEEEDE
;
CV,CW
#
# COMPACT_ATOMS: atom_id res chain seq x y z
N MET A 1 -3.50 -27.15 -14.61
CA MET A 1 -3.77 -25.75 -14.92
C MET A 1 -2.51 -25.05 -15.41
N LEU A 2 -1.48 -25.84 -15.70
CA LEU A 2 -0.16 -25.30 -16.01
C LEU A 2 0.62 -26.30 -16.83
N THR A 3 1.69 -25.82 -17.47
CA THR A 3 2.66 -26.66 -18.14
C THR A 3 3.98 -26.56 -17.40
N GLU A 4 4.66 -27.69 -17.21
CA GLU A 4 5.88 -27.74 -16.43
C GLU A 4 6.98 -28.43 -17.23
N GLU A 5 8.18 -27.87 -17.14
CA GLU A 5 9.32 -28.28 -17.96
C GLU A 5 10.51 -28.53 -17.05
N PHE A 6 11.44 -29.37 -17.53
CA PHE A 6 12.67 -29.63 -16.81
C PHE A 6 13.79 -29.92 -17.79
N VAL A 7 15.03 -29.72 -17.33
CA VAL A 7 16.23 -29.84 -18.14
C VAL A 7 17.06 -31.00 -17.61
N SER A 8 17.49 -31.88 -18.51
CA SER A 8 18.28 -33.04 -18.15
C SER A 8 19.68 -32.93 -18.73
N ALA A 9 20.63 -33.60 -18.07
CA ALA A 9 22.02 -33.65 -18.53
C ALA A 9 22.55 -35.07 -18.33
N ILE A 10 23.32 -35.55 -19.29
CA ILE A 10 23.89 -36.89 -19.24
C ILE A 10 25.41 -36.78 -19.28
N CYS A 11 26.06 -37.91 -19.00
CA CYS A 11 27.51 -37.98 -18.96
C CYS A 11 27.97 -39.37 -19.38
N GLY A 12 29.22 -39.45 -19.81
CA GLY A 12 29.83 -40.72 -20.14
C GLY A 12 29.48 -41.21 -21.53
N PRO A 13 29.97 -42.41 -21.87
CA PRO A 13 29.69 -42.96 -23.19
C PRO A 13 28.26 -43.47 -23.26
N PRO A 14 27.71 -43.64 -24.47
CA PRO A 14 26.40 -44.28 -24.59
C PRO A 14 26.45 -45.73 -24.14
N LEU A 15 25.44 -46.13 -23.36
CA LEU A 15 25.50 -47.42 -22.69
C LEU A 15 25.16 -48.57 -23.64
N SER A 16 24.16 -48.39 -24.48
CA SER A 16 23.69 -49.45 -25.36
C SER A 16 23.72 -48.97 -26.80
N SER A 17 24.19 -49.85 -27.69
CA SER A 17 24.23 -49.54 -29.11
C SER A 17 22.89 -49.85 -29.76
N ASN A 18 22.68 -49.26 -30.94
CA ASN A 18 21.51 -49.42 -31.79
C ASN A 18 20.20 -49.04 -31.11
N THR A 19 20.23 -48.10 -30.16
CA THR A 19 19.00 -47.66 -29.52
C THR A 19 18.40 -46.46 -30.24
N ALA A 20 19.03 -46.02 -31.33
CA ALA A 20 18.64 -44.93 -32.22
C ALA A 20 18.66 -43.56 -31.54
N ILE A 21 19.21 -43.44 -30.33
CA ILE A 21 19.33 -42.14 -29.70
C ILE A 21 20.54 -41.42 -30.27
N ALA A 22 20.50 -40.09 -30.23
CA ALA A 22 21.63 -39.30 -30.70
C ALA A 22 22.79 -39.42 -29.73
N LYS A 23 24.00 -39.63 -30.27
CA LYS A 23 25.17 -39.79 -29.42
C LYS A 23 25.78 -38.44 -29.07
N ASP A 24 25.53 -37.43 -29.90
CA ASP A 24 26.19 -36.13 -29.70
C ASP A 24 25.48 -35.29 -28.65
N VAL A 25 24.21 -35.58 -28.35
CA VAL A 25 23.47 -34.75 -27.42
C VAL A 25 23.90 -35.03 -25.99
N GLY A 26 23.98 -33.96 -25.19
CA GLY A 26 24.33 -34.10 -23.79
C GLY A 26 23.35 -33.44 -22.85
N ILE A 27 22.57 -32.49 -23.36
CA ILE A 27 21.56 -31.77 -22.58
C ILE A 27 20.23 -31.82 -23.32
N TYR A 28 19.18 -32.21 -22.60
CA TYR A 28 17.83 -32.26 -23.14
C TYR A 28 16.96 -31.24 -22.43
N CYS A 29 15.90 -30.82 -23.12
CA CYS A 29 14.84 -30.01 -22.53
C CYS A 29 13.51 -30.72 -22.75
N HIS A 30 12.80 -30.98 -21.67
CA HIS A 30 11.57 -31.75 -21.72
C HIS A 30 10.38 -30.91 -21.27
N THR A 31 9.18 -31.42 -21.52
CA THR A 31 7.95 -30.90 -20.95
C THR A 31 7.34 -32.00 -20.10
N LEU A 32 7.39 -31.83 -18.78
CA LEU A 32 6.83 -32.85 -17.89
C LEU A 32 5.31 -32.81 -17.87
N SER A 33 4.73 -31.60 -17.86
CA SER A 33 3.29 -31.44 -17.79
C SER A 33 2.86 -30.53 -18.93
N PRO A 34 1.73 -30.82 -19.61
CA PRO A 34 0.73 -31.87 -19.38
C PRO A 34 1.14 -33.28 -19.81
N SER A 35 1.89 -33.40 -20.90
CA SER A 35 2.31 -34.68 -21.43
C SER A 35 3.81 -34.65 -21.70
N TYR A 36 4.44 -35.82 -21.61
CA TYR A 36 5.87 -35.92 -21.80
C TYR A 36 6.25 -35.69 -23.26
N SER A 37 7.27 -34.86 -23.48
CA SER A 37 7.78 -34.55 -24.80
C SER A 37 9.18 -33.98 -24.63
N VAL A 38 9.86 -33.78 -25.76
CA VAL A 38 11.19 -33.19 -25.79
C VAL A 38 11.10 -31.94 -26.67
N LYS A 39 11.48 -30.79 -26.09
CA LYS A 39 11.48 -29.56 -26.88
C LYS A 39 12.73 -29.47 -27.76
N SER A 40 13.90 -29.43 -27.14
CA SER A 40 15.14 -29.21 -27.89
C SER A 40 16.28 -29.89 -27.15
N THR A 41 17.37 -30.09 -27.87
CA THR A 41 18.55 -30.75 -27.33
C THR A 41 19.77 -29.87 -27.58
N PHE A 42 20.81 -30.10 -26.77
CA PHE A 42 22.08 -29.40 -26.92
C PHE A 42 23.17 -30.44 -27.09
N LYS A 43 24.14 -30.14 -27.96
CA LYS A 43 25.10 -31.14 -28.39
C LYS A 43 26.44 -30.97 -27.66
N LYS A 44 27.21 -32.07 -27.66
CA LYS A 44 28.62 -32.08 -27.24
C LYS A 44 28.81 -31.64 -25.79
N SER A 45 28.25 -32.39 -24.85
CA SER A 45 28.32 -32.05 -23.44
C SER A 45 28.40 -33.31 -22.61
N SER A 46 29.27 -33.30 -21.60
CA SER A 46 29.42 -34.40 -20.64
C SER A 46 29.58 -33.76 -19.26
N VAL A 47 28.51 -33.78 -18.47
CA VAL A 47 28.40 -32.99 -17.25
C VAL A 47 28.36 -33.95 -16.06
N PRO A 48 29.28 -33.83 -15.10
CA PRO A 48 29.14 -34.60 -13.87
C PRO A 48 28.05 -34.04 -12.97
N VAL A 49 27.85 -34.71 -11.84
CA VAL A 49 26.80 -34.30 -10.90
C VAL A 49 27.16 -32.98 -10.26
N ASN A 50 26.15 -32.13 -10.06
CA ASN A 50 26.16 -30.80 -9.43
C ASN A 50 26.89 -29.76 -10.27
N CYS A 51 27.12 -30.01 -11.57
CA CYS A 51 27.82 -29.07 -12.42
C CYS A 51 26.92 -28.39 -13.45
N LEU A 52 25.61 -28.47 -13.28
CA LEU A 52 24.66 -27.86 -14.20
C LEU A 52 23.89 -26.75 -13.50
N ALA A 53 23.78 -25.60 -14.17
CA ALA A 53 22.99 -24.49 -13.67
C ALA A 53 22.11 -23.98 -14.79
N VAL A 54 20.85 -23.69 -14.48
CA VAL A 54 19.87 -23.27 -15.48
C VAL A 54 19.30 -21.92 -15.06
N SER A 55 19.35 -20.96 -15.97
CA SER A 55 18.68 -19.67 -15.83
C SER A 55 17.61 -19.56 -16.92
N ASP A 56 16.99 -18.39 -17.00
CA ASP A 56 15.98 -18.17 -18.03
C ASP A 56 16.62 -18.05 -19.40
N THR A 57 17.88 -17.60 -19.46
CA THR A 57 18.49 -17.31 -20.75
C THR A 57 19.60 -18.30 -21.10
N HIS A 58 20.36 -18.76 -20.11
CA HIS A 58 21.52 -19.60 -20.38
C HIS A 58 21.48 -20.88 -19.56
N ILE A 59 22.17 -21.88 -20.06
CA ILE A 59 22.47 -23.11 -19.34
C ILE A 59 23.99 -23.22 -19.23
N PHE A 60 24.48 -23.32 -18.00
CA PHE A 60 25.91 -23.42 -17.73
C PHE A 60 26.23 -24.86 -17.33
N ALA A 61 27.23 -25.45 -17.98
CA ALA A 61 27.55 -26.84 -17.78
C ALA A 61 29.04 -27.01 -17.50
N GLY A 62 29.36 -27.65 -16.39
CA GLY A 62 30.72 -28.01 -16.06
C GLY A 62 31.07 -29.34 -16.70
N GLN A 63 32.27 -29.41 -17.26
CA GLN A 63 32.68 -30.59 -18.02
C GLN A 63 33.52 -31.54 -17.18
N HIS A 64 33.37 -32.83 -17.46
CA HIS A 64 34.01 -33.86 -16.67
C HIS A 64 35.51 -33.89 -16.91
N GLU A 65 36.29 -33.81 -15.82
CA GLU A 65 37.76 -33.84 -15.84
C GLU A 65 38.33 -32.73 -16.72
N LYS A 66 37.71 -31.55 -16.70
CA LYS A 66 38.01 -30.51 -17.66
C LYS A 66 37.56 -29.17 -17.08
N ALA A 67 38.44 -28.17 -17.20
CA ALA A 67 38.23 -26.92 -16.47
C ALA A 67 37.29 -25.97 -17.18
N TYR A 68 36.82 -26.35 -18.37
CA TYR A 68 35.98 -25.46 -19.15
C TYR A 68 34.52 -25.54 -18.71
N VAL A 69 33.79 -24.44 -18.91
CA VAL A 69 32.36 -24.38 -18.73
C VAL A 69 31.74 -24.14 -20.10
N HIS A 70 30.84 -25.01 -20.52
CA HIS A 70 30.09 -24.82 -21.75
C HIS A 70 28.83 -24.03 -21.43
N VAL A 71 28.67 -22.89 -22.11
CA VAL A 71 27.52 -22.02 -21.91
C VAL A 71 26.66 -22.09 -23.15
N TYR A 72 25.41 -22.49 -22.98
CA TYR A 72 24.45 -22.65 -24.05
C TYR A 72 23.35 -21.60 -23.89
N SER A 73 22.86 -21.09 -25.01
CA SER A 73 21.81 -20.07 -24.99
C SER A 73 20.46 -20.75 -25.16
N ARG A 74 19.56 -20.51 -24.20
CA ARG A 74 18.22 -21.05 -24.32
C ARG A 74 17.39 -20.26 -25.33
N LEU A 75 17.74 -18.99 -25.54
CA LEU A 75 17.02 -18.15 -26.49
C LEU A 75 17.35 -18.57 -27.92
N ARG A 76 18.63 -18.56 -28.27
CA ARG A 76 19.03 -18.90 -29.64
C ARG A 76 18.94 -20.39 -29.89
N GLY A 77 19.21 -21.21 -28.87
CA GLY A 77 19.15 -22.64 -29.00
C GLY A 77 20.45 -23.32 -29.38
N ASN A 78 21.58 -22.64 -29.26
CA ASN A 78 22.88 -23.20 -29.61
C ASN A 78 23.85 -22.98 -28.46
N GLN A 79 25.09 -23.41 -28.67
CA GLN A 79 26.15 -23.21 -27.69
C GLN A 79 26.69 -21.80 -27.82
N GLU A 80 26.76 -21.08 -26.69
CA GLU A 80 27.24 -19.70 -26.73
C GLU A 80 28.75 -19.63 -26.59
N ALA A 81 29.30 -20.25 -25.55
CA ALA A 81 30.70 -19.96 -25.21
C ALA A 81 31.37 -21.19 -24.62
N PHE A 82 32.72 -21.21 -24.75
CA PHE A 82 33.62 -22.20 -24.15
C PHE A 82 34.48 -21.46 -23.13
N VAL A 83 33.96 -21.30 -21.91
CA VAL A 83 34.66 -20.53 -20.89
C VAL A 83 35.80 -21.36 -20.31
N ALA A 84 36.96 -20.73 -20.15
CA ALA A 84 38.12 -21.37 -19.54
C ALA A 84 38.35 -20.80 -18.15
N LEU A 85 38.43 -21.69 -17.16
CA LEU A 85 38.69 -21.33 -15.78
C LEU A 85 40.04 -21.85 -15.34
N PRO A 86 40.69 -21.21 -14.33
CA PRO A 86 42.04 -21.62 -13.92
C PRO A 86 42.21 -23.08 -13.50
N GLU A 87 41.22 -23.64 -12.81
CA GLU A 87 41.34 -24.97 -12.23
C GLU A 87 40.14 -25.83 -12.60
N ARG A 88 40.31 -27.15 -12.46
CA ARG A 88 39.26 -28.11 -12.78
C ARG A 88 38.12 -27.99 -11.78
N ILE A 89 36.90 -28.27 -12.26
CA ILE A 89 35.67 -27.92 -11.55
C ILE A 89 35.04 -29.19 -11.00
N ARG A 90 34.69 -29.16 -9.71
CA ARG A 90 33.92 -30.26 -9.12
C ARG A 90 32.43 -29.92 -9.06
N CYS A 91 32.10 -28.65 -8.83
CA CYS A 91 30.72 -28.22 -8.70
C CYS A 91 30.60 -26.73 -9.01
N LEU A 92 29.43 -26.34 -9.51
CA LEU A 92 29.12 -24.96 -9.81
C LEU A 92 27.62 -24.75 -9.66
N ILE A 93 27.24 -23.58 -9.15
CA ILE A 93 25.84 -23.18 -9.13
C ILE A 93 25.74 -21.73 -9.62
N LEU A 94 24.51 -21.25 -9.70
CA LEU A 94 24.22 -19.92 -10.20
C LEU A 94 23.31 -19.21 -9.22
N ILE A 95 23.79 -18.10 -8.64
CA ILE A 95 22.98 -17.24 -7.80
C ILE A 95 22.89 -15.87 -8.46
N GLY A 96 21.66 -15.45 -8.78
CA GLY A 96 21.43 -14.24 -9.54
C GLY A 96 22.10 -14.27 -10.90
N ASP A 97 23.11 -13.43 -11.08
CA ASP A 97 23.93 -13.44 -12.28
C ASP A 97 25.37 -13.80 -11.99
N ILE A 98 25.62 -14.61 -10.96
CA ILE A 98 26.97 -14.98 -10.54
C ILE A 98 27.07 -16.51 -10.55
N LEU A 99 28.07 -17.04 -11.24
CA LEU A 99 28.37 -18.46 -11.21
C LEU A 99 29.42 -18.72 -10.13
N VAL A 100 29.05 -19.52 -9.15
CA VAL A 100 29.93 -19.84 -8.02
C VAL A 100 30.50 -21.24 -8.25
N VAL A 101 31.82 -21.34 -8.25
CA VAL A 101 32.53 -22.52 -8.73
C VAL A 101 33.50 -22.99 -7.65
N GLY A 102 33.41 -24.29 -7.31
CA GLY A 102 34.40 -24.93 -6.46
C GLY A 102 35.31 -25.84 -7.27
N THR A 103 36.53 -26.03 -6.80
CA THR A 103 37.56 -26.73 -7.56
C THR A 103 38.15 -27.90 -6.79
N THR A 104 39.04 -28.61 -7.49
CA THR A 104 39.78 -29.71 -6.88
C THR A 104 40.87 -29.19 -5.96
N GLU A 105 41.36 -27.98 -6.22
CA GLU A 105 42.40 -27.40 -5.37
C GLU A 105 41.84 -26.89 -4.06
N GLY A 106 40.51 -26.81 -3.94
CA GLY A 106 39.87 -26.29 -2.75
C GLY A 106 39.55 -24.83 -2.80
N ARG A 107 39.87 -24.15 -3.89
CA ARG A 107 39.55 -22.74 -4.01
C ARG A 107 38.09 -22.55 -4.37
N LEU A 108 37.62 -21.32 -4.16
CA LEU A 108 36.28 -20.90 -4.52
C LEU A 108 36.40 -19.67 -5.40
N MET A 109 35.71 -19.66 -6.54
CA MET A 109 35.64 -18.43 -7.31
C MET A 109 34.20 -18.06 -7.59
N LEU A 110 33.99 -16.76 -7.73
CA LEU A 110 32.73 -16.20 -8.17
C LEU A 110 32.99 -15.49 -9.48
N TRP A 111 32.37 -15.98 -10.54
CA TRP A 111 32.46 -15.35 -11.85
C TRP A 111 31.15 -14.60 -12.12
N GLU A 112 31.26 -13.29 -12.24
CA GLU A 112 30.11 -12.45 -12.54
C GLU A 112 29.86 -12.51 -14.04
N ILE A 113 28.66 -12.95 -14.41
CA ILE A 113 28.32 -13.19 -15.82
C ILE A 113 28.35 -11.89 -16.60
N CYS A 114 27.92 -10.80 -15.98
CA CYS A 114 27.76 -9.55 -16.71
C CYS A 114 29.03 -8.68 -16.68
N THR A 115 29.80 -8.73 -15.60
CA THR A 115 30.94 -7.83 -15.47
C THR A 115 32.27 -8.49 -15.79
N GLY A 116 32.34 -9.82 -15.83
CA GLY A 116 33.56 -10.51 -16.17
C GLY A 116 34.58 -10.63 -15.06
N ARG A 117 34.24 -10.22 -13.83
CA ARG A 117 35.17 -10.43 -12.71
C ARG A 117 35.27 -11.90 -12.35
N LEU A 118 36.45 -12.30 -11.89
CA LEU A 118 36.66 -13.64 -11.36
C LEU A 118 37.28 -13.50 -9.99
N VAL A 119 36.43 -13.47 -8.96
CA VAL A 119 36.88 -13.31 -7.58
C VAL A 119 37.32 -14.67 -7.07
N SER A 120 38.61 -14.84 -6.85
CA SER A 120 39.18 -16.11 -6.42
C SER A 120 39.65 -16.01 -4.98
N THR A 121 39.10 -16.85 -4.13
CA THR A 121 39.46 -16.92 -2.72
C THR A 121 40.73 -17.74 -2.54
N PRO A 122 41.46 -17.54 -1.44
CA PRO A 122 42.52 -18.48 -1.10
C PRO A 122 41.94 -19.85 -0.76
N ALA A 123 42.77 -20.88 -0.93
CA ALA A 123 42.33 -22.25 -0.74
C ALA A 123 42.12 -22.55 0.74
N ARG A 124 40.95 -22.16 1.27
CA ARG A 124 40.65 -22.43 2.67
C ARG A 124 40.39 -23.92 2.90
N HIS A 125 39.67 -24.55 1.98
CA HIS A 125 39.48 -26.00 2.05
C HIS A 125 40.77 -26.71 1.64
N VAL A 126 41.13 -27.73 2.42
CA VAL A 126 42.35 -28.48 2.13
C VAL A 126 42.21 -29.33 0.87
N GLN A 127 41.05 -29.94 0.65
CA GLN A 127 40.80 -30.73 -0.55
C GLN A 127 39.63 -30.13 -1.32
N ALA A 128 39.17 -30.90 -2.32
CA ALA A 128 38.20 -30.46 -3.32
C ALA A 128 36.87 -30.03 -2.73
N VAL A 129 36.33 -28.91 -3.20
CA VAL A 129 35.00 -28.46 -2.80
C VAL A 129 33.97 -29.28 -3.57
N SER A 130 33.15 -30.02 -2.85
CA SER A 130 32.28 -31.00 -3.49
C SER A 130 30.89 -30.43 -3.77
N CYS A 131 30.35 -29.61 -2.86
CA CYS A 131 29.02 -29.06 -3.04
C CYS A 131 29.00 -27.57 -2.68
N VAL A 132 28.14 -26.83 -3.38
CA VAL A 132 27.98 -25.39 -3.17
C VAL A 132 26.50 -25.06 -3.13
N ALA A 133 26.09 -24.27 -2.14
CA ALA A 133 24.75 -23.72 -2.08
C ALA A 133 24.87 -22.22 -1.83
N ALA A 134 23.83 -21.47 -2.16
CA ALA A 134 23.91 -20.03 -2.04
C ALA A 134 22.56 -19.44 -1.61
N THR A 135 22.64 -18.26 -1.00
CA THR A 135 21.55 -17.39 -0.66
C THR A 135 21.82 -16.04 -1.32
N PRO A 136 20.89 -15.08 -1.22
CA PRO A 136 21.27 -13.70 -1.55
C PRO A 136 22.33 -13.10 -0.64
N SER A 137 22.55 -13.66 0.55
CA SER A 137 23.47 -13.03 1.50
C SER A 137 24.73 -13.86 1.73
N HIS A 138 24.63 -15.19 1.74
CA HIS A 138 25.75 -16.05 2.09
C HIS A 138 25.98 -17.09 1.00
N VAL A 139 27.19 -17.65 1.00
CA VAL A 139 27.56 -18.76 0.13
C VAL A 139 28.15 -19.86 1.00
N LEU A 140 27.64 -21.08 0.85
CA LEU A 140 28.05 -22.20 1.69
C LEU A 140 28.73 -23.25 0.83
N THR A 141 29.97 -23.60 1.18
CA THR A 141 30.76 -24.54 0.40
C THR A 141 31.18 -25.72 1.26
N GLY A 142 30.76 -26.91 0.87
CA GLY A 142 31.17 -28.14 1.53
C GLY A 142 32.19 -28.87 0.68
N SER A 143 33.25 -29.36 1.35
CA SER A 143 34.41 -29.90 0.66
C SER A 143 34.67 -31.32 1.14
N ASP A 144 35.83 -31.84 0.74
CA ASP A 144 36.20 -33.21 1.12
C ASP A 144 36.87 -33.24 2.49
N ASP A 145 37.17 -32.06 3.05
CA ASP A 145 37.80 -32.03 4.37
C ASP A 145 36.77 -31.92 5.49
N SER A 146 35.50 -32.23 5.18
CA SER A 146 34.39 -32.29 6.14
C SER A 146 34.04 -30.94 6.75
N ASP A 147 34.58 -29.85 6.22
CA ASP A 147 34.31 -28.52 6.74
C ASP A 147 33.43 -27.77 5.76
N ILE A 148 32.27 -27.33 6.24
CA ILE A 148 31.37 -26.50 5.44
C ILE A 148 31.66 -25.05 5.78
N HIS A 149 32.30 -24.33 4.86
CA HIS A 149 32.64 -22.93 5.08
C HIS A 149 31.48 -22.03 4.65
N VAL A 150 31.09 -21.14 5.56
CA VAL A 150 30.04 -20.16 5.32
C VAL A 150 30.70 -18.82 5.09
N TRP A 151 30.48 -18.26 3.90
CA TRP A 151 31.11 -17.04 3.42
C TRP A 151 30.04 -15.98 3.24
N SER A 152 30.44 -14.72 3.36
CA SER A 152 29.57 -13.58 3.10
C SER A 152 29.72 -13.17 1.64
N LEU A 153 28.60 -13.04 0.94
CA LEU A 153 28.64 -12.56 -0.44
C LEU A 153 29.14 -11.12 -0.52
N SER A 154 28.78 -10.31 0.48
CA SER A 154 29.12 -8.89 0.44
C SER A 154 30.62 -8.68 0.54
N GLN A 155 31.31 -9.48 1.35
CA GLN A 155 32.76 -9.33 1.48
C GLN A 155 33.50 -9.86 0.27
N LEU A 156 32.99 -10.94 -0.34
CA LEU A 156 33.65 -11.49 -1.53
C LEU A 156 33.47 -10.58 -2.74
N LEU A 157 32.27 -10.01 -2.90
CA LEU A 157 31.94 -9.35 -4.16
C LEU A 157 32.47 -7.93 -4.22
N GLU A 158 32.72 -7.29 -3.07
CA GLU A 158 32.93 -5.85 -3.06
C GLU A 158 34.31 -5.48 -3.61
N LEU A 159 34.42 -4.24 -4.09
CA LEU A 159 35.37 -3.93 -5.16
C LEU A 159 36.77 -3.66 -4.64
N ASP A 160 36.93 -2.70 -3.73
CA ASP A 160 38.24 -2.11 -3.49
C ASP A 160 39.15 -3.01 -2.65
N SER A 161 38.68 -4.18 -2.24
CA SER A 161 39.50 -5.08 -1.45
C SER A 161 40.63 -5.68 -2.27
N ALA A 162 41.83 -5.64 -1.71
CA ALA A 162 42.96 -6.42 -2.21
C ALA A 162 43.43 -7.48 -1.24
N ALA A 163 42.94 -7.48 0.00
CA ALA A 163 43.33 -8.49 0.97
C ALA A 163 42.64 -9.82 0.67
N GLU A 164 43.18 -10.88 1.26
CA GLU A 164 42.61 -12.21 1.10
C GLU A 164 41.26 -12.31 1.81
N HIS A 165 40.38 -13.14 1.26
CA HIS A 165 39.07 -13.34 1.85
C HIS A 165 39.11 -14.48 2.87
N GLU A 166 38.21 -14.39 3.85
CA GLU A 166 38.07 -15.40 4.89
C GLU A 166 36.60 -15.78 5.03
N PRO A 167 36.31 -17.03 5.38
CA PRO A 167 34.93 -17.40 5.66
C PRO A 167 34.45 -16.79 6.97
N LEU A 168 33.14 -16.50 7.04
CA LEU A 168 32.57 -16.09 8.31
C LEU A 168 32.58 -17.23 9.31
N ARG A 169 32.19 -18.43 8.89
CA ARG A 169 32.12 -19.53 9.83
C ARG A 169 32.55 -20.83 9.17
N THR A 170 32.82 -21.82 10.01
CA THR A 170 33.14 -23.17 9.56
C THR A 170 32.32 -24.16 10.38
N LEU A 171 31.50 -24.95 9.70
CA LEU A 171 30.70 -25.98 10.33
C LEU A 171 31.40 -27.31 10.11
N ALA A 172 31.97 -27.87 11.18
CA ALA A 172 32.85 -29.02 11.08
C ALA A 172 32.39 -30.22 11.91
N ASN A 173 31.09 -30.36 12.16
CA ASN A 173 30.63 -31.52 12.91
C ASN A 173 30.69 -32.79 12.07
N HIS A 174 30.65 -32.64 10.74
CA HIS A 174 30.81 -33.78 9.86
C HIS A 174 32.24 -34.29 9.93
N ARG A 175 32.43 -35.58 9.66
CA ARG A 175 33.73 -36.22 9.74
C ARG A 175 34.12 -36.87 8.41
N ALA A 176 33.46 -36.49 7.33
CA ALA A 176 33.75 -37.02 6.00
C ALA A 176 33.29 -36.02 4.96
N ALA A 177 33.52 -36.37 3.70
CA ALA A 177 33.30 -35.43 2.59
C ALA A 177 31.82 -35.06 2.46
N ILE A 178 31.58 -33.76 2.29
CA ILE A 178 30.22 -33.23 2.18
C ILE A 178 29.69 -33.55 0.79
N THR A 179 28.62 -34.34 0.72
CA THR A 179 28.12 -34.78 -0.58
C THR A 179 27.08 -33.80 -1.12
N ALA A 180 26.20 -33.29 -0.25
CA ALA A 180 25.10 -32.45 -0.71
C ALA A 180 24.92 -31.27 0.24
N LEU A 181 24.32 -30.21 -0.28
CA LEU A 181 24.03 -29.00 0.49
C LEU A 181 22.73 -28.39 -0.01
N ALA A 182 21.76 -28.23 0.89
CA ALA A 182 20.51 -27.56 0.58
C ALA A 182 20.23 -26.52 1.66
N VAL A 183 19.62 -25.41 1.25
CA VAL A 183 19.46 -24.24 2.11
C VAL A 183 18.00 -23.78 2.06
N SER A 184 17.43 -23.48 3.22
CA SER A 184 16.09 -22.93 3.30
C SER A 184 16.03 -21.55 2.65
N PRO A 185 14.89 -21.17 2.08
CA PRO A 185 14.81 -19.86 1.41
C PRO A 185 14.85 -18.65 2.34
N SER A 186 14.79 -18.85 3.66
CA SER A 186 14.80 -17.75 4.62
C SER A 186 16.23 -17.25 4.78
N ASP A 187 16.40 -15.91 4.83
CA ASP A 187 17.72 -15.35 5.05
C ASP A 187 17.82 -14.68 6.43
N SER A 188 16.73 -14.69 7.19
CA SER A 188 16.75 -14.13 8.53
C SER A 188 17.65 -14.96 9.44
N ALA A 189 18.25 -14.30 10.44
CA ALA A 189 19.24 -14.96 11.29
C ALA A 189 18.61 -16.06 12.13
N ASP A 190 17.41 -15.83 12.63
CA ASP A 190 16.80 -16.77 13.57
C ASP A 190 16.16 -17.96 12.86
N THR A 191 15.55 -17.71 11.69
CA THR A 191 14.66 -18.72 11.12
C THR A 191 15.33 -19.54 10.02
N ASN A 192 16.53 -19.16 9.58
CA ASN A 192 17.17 -19.89 8.50
C ASN A 192 17.75 -21.22 8.99
N PHE A 193 17.92 -22.14 8.04
CA PHE A 193 18.63 -23.38 8.29
C PHE A 193 19.21 -23.88 6.97
N CYS A 194 20.32 -24.60 7.06
CA CYS A 194 20.92 -25.25 5.91
C CYS A 194 21.04 -26.73 6.23
N VAL A 195 20.76 -27.59 5.26
CA VAL A 195 20.74 -29.03 5.48
C VAL A 195 21.88 -29.63 4.67
N SER A 196 22.77 -30.34 5.35
CA SER A 196 23.96 -30.89 4.71
C SER A 196 24.04 -32.40 4.96
N ALA A 197 24.70 -33.09 4.04
CA ALA A 197 24.88 -34.54 4.14
C ALA A 197 26.34 -34.88 3.87
N SER A 198 26.83 -35.94 4.51
CA SER A 198 28.23 -36.32 4.35
C SER A 198 28.36 -37.82 4.08
N LYS A 199 29.60 -38.24 3.82
CA LYS A 199 29.89 -39.64 3.52
C LYS A 199 29.78 -40.53 4.75
N ASP A 200 29.71 -39.94 5.95
CA ASP A 200 29.60 -40.72 7.17
C ASP A 200 28.13 -41.03 7.50
N LYS A 201 27.27 -40.99 6.48
CA LYS A 201 25.85 -41.32 6.58
C LYS A 201 25.12 -40.41 7.55
N SER A 202 25.56 -39.15 7.62
CA SER A 202 25.01 -38.19 8.56
C SER A 202 24.51 -36.96 7.81
N CYS A 203 23.38 -36.44 8.28
CA CYS A 203 22.72 -35.28 7.68
C CYS A 203 22.37 -34.29 8.79
N ILE A 204 23.00 -33.13 8.77
CA ILE A 204 22.87 -32.16 9.84
C ILE A 204 22.13 -30.93 9.32
N ILE A 205 21.11 -30.51 10.07
CA ILE A 205 20.44 -29.24 9.86
C ILE A 205 21.07 -28.21 10.78
N TRP A 206 21.64 -27.16 10.19
CA TRP A 206 22.40 -26.12 10.87
C TRP A 206 21.64 -24.80 10.81
N ASN A 207 21.99 -23.92 11.74
CA ASN A 207 21.70 -22.49 11.62
C ASN A 207 23.03 -21.83 11.30
N TYR A 208 23.27 -21.55 10.01
CA TYR A 208 24.63 -21.28 9.55
C TYR A 208 25.12 -19.90 9.96
N GLN A 209 24.21 -18.95 10.16
CA GLN A 209 24.65 -17.62 10.61
C GLN A 209 25.03 -17.63 12.08
N THR A 210 24.34 -18.43 12.90
CA THR A 210 24.75 -18.58 14.29
C THR A 210 25.83 -19.64 14.41
N GLY A 211 25.89 -20.57 13.47
CA GLY A 211 26.85 -21.66 13.50
C GLY A 211 26.41 -22.89 14.27
N ASP A 212 25.21 -22.87 14.85
CA ASP A 212 24.74 -24.00 15.64
C ASP A 212 24.22 -25.11 14.74
N ALA A 213 24.21 -26.33 15.27
CA ALA A 213 23.66 -27.50 14.60
C ALA A 213 22.30 -27.81 15.22
N LEU A 214 21.24 -27.57 14.46
CA LEU A 214 19.89 -27.73 14.97
C LEU A 214 19.49 -29.20 15.13
N ARG A 215 19.81 -30.03 14.14
CA ARG A 215 19.32 -31.41 14.14
C ARG A 215 20.32 -32.34 13.46
N THR A 216 20.38 -33.58 13.94
CA THR A 216 21.24 -34.61 13.38
C THR A 216 20.41 -35.82 12.98
N LEU A 217 20.57 -36.28 11.75
CA LEU A 217 19.84 -37.41 11.18
C LEU A 217 20.81 -38.45 10.66
N ILE A 218 20.48 -39.71 10.83
CA ILE A 218 21.32 -40.83 10.37
C ILE A 218 20.51 -41.69 9.42
N PHE A 219 21.08 -41.97 8.24
CA PHE A 219 20.51 -42.80 7.18
C PHE A 219 21.25 -44.12 7.06
N PRO A 220 20.58 -45.20 6.64
CA PRO A 220 21.29 -46.48 6.45
C PRO A 220 22.36 -46.44 5.37
N GLY A 221 22.15 -45.65 4.33
CA GLY A 221 23.15 -45.45 3.30
C GLY A 221 23.49 -43.97 3.20
N TYR A 222 24.72 -43.68 2.76
CA TYR A 222 25.15 -42.29 2.71
C TYR A 222 24.41 -41.55 1.60
N PRO A 223 24.02 -40.30 1.88
CA PRO A 223 23.17 -39.58 0.92
C PRO A 223 23.90 -39.09 -0.32
N LEU A 224 23.32 -39.37 -1.49
CA LEU A 224 23.89 -38.99 -2.77
C LEU A 224 23.46 -37.58 -3.18
N CYS A 225 22.15 -37.36 -3.31
CA CYS A 225 21.60 -36.08 -3.69
C CYS A 225 20.36 -35.80 -2.85
N MET A 226 20.07 -34.52 -2.63
CA MET A 226 19.04 -34.10 -1.69
C MET A 226 18.20 -32.98 -2.29
N SER A 227 16.94 -32.92 -1.87
CA SER A 227 16.10 -31.77 -2.24
C SER A 227 15.00 -31.60 -1.20
N LEU A 228 14.73 -30.35 -0.82
CA LEU A 228 13.59 -30.07 0.05
C LEU A 228 12.35 -29.76 -0.77
N ASP A 229 11.19 -30.01 -0.16
CA ASP A 229 9.91 -29.71 -0.77
C ASP A 229 9.73 -28.18 -0.83
N PRO A 230 8.87 -27.69 -1.73
CA PRO A 230 8.70 -26.23 -1.86
C PRO A 230 8.21 -25.53 -0.61
N SER A 231 7.50 -26.22 0.27
CA SER A 231 7.02 -25.63 1.51
C SER A 231 8.09 -25.62 2.61
N SER A 232 9.28 -26.17 2.32
CA SER A 232 10.36 -26.36 3.28
C SER A 232 9.87 -27.15 4.48
N ARG A 233 9.02 -28.16 4.23
CA ARG A 233 8.45 -28.94 5.32
C ARG A 233 9.02 -30.35 5.35
N ALA A 234 9.58 -30.81 4.23
CA ALA A 234 10.08 -32.18 4.11
C ALA A 234 11.40 -32.19 3.36
N ILE A 235 12.14 -33.26 3.58
CA ILE A 235 13.43 -33.51 2.91
C ILE A 235 13.34 -34.83 2.16
N PHE A 236 13.74 -34.83 0.90
CA PHE A 236 13.88 -36.02 0.09
C PHE A 236 15.35 -36.31 -0.10
N VAL A 237 15.77 -37.54 0.20
CA VAL A 237 17.16 -37.94 0.21
C VAL A 237 17.31 -39.24 -0.57
N SER A 238 18.19 -39.25 -1.56
CA SER A 238 18.58 -40.48 -2.24
C SER A 238 19.81 -41.05 -1.57
N CYS A 239 19.98 -42.37 -1.69
CA CYS A 239 21.03 -43.06 -0.97
C CYS A 239 21.68 -44.12 -1.85
N GLU A 240 22.75 -44.71 -1.32
CA GLU A 240 23.51 -45.70 -2.07
C GLU A 240 22.76 -47.02 -2.20
N ASP A 241 21.75 -47.25 -1.35
CA ASP A 241 21.02 -48.52 -1.38
C ASP A 241 19.88 -48.53 -2.38
N SER A 242 19.91 -47.65 -3.39
CA SER A 242 18.88 -47.54 -4.41
C SER A 242 17.50 -47.30 -3.80
N SER A 243 17.41 -46.33 -2.89
CA SER A 243 16.17 -46.01 -2.24
C SER A 243 16.07 -44.51 -2.00
N LEU A 244 14.84 -44.03 -1.91
CA LEU A 244 14.53 -42.64 -1.63
C LEU A 244 13.82 -42.55 -0.29
N TYR A 245 14.25 -41.59 0.53
CA TYR A 245 13.81 -41.42 1.91
C TYR A 245 13.16 -40.05 2.05
N VAL A 246 12.11 -39.96 2.86
CA VAL A 246 11.41 -38.71 3.11
C VAL A 246 11.43 -38.45 4.61
N ALA A 247 11.70 -37.20 4.98
CA ALA A 247 11.73 -36.77 6.37
C ALA A 247 10.83 -35.57 6.55
N GLU A 248 9.83 -35.71 7.42
CA GLU A 248 8.88 -34.63 7.70
C GLU A 248 9.37 -33.86 8.92
N MET A 249 9.74 -32.59 8.70
CA MET A 249 10.31 -31.81 9.79
C MET A 249 9.23 -31.22 10.68
N PHE A 250 7.98 -31.23 10.22
CA PHE A 250 6.85 -30.76 10.99
C PHE A 250 5.72 -31.78 10.98
N GLY A 251 6.05 -33.06 11.17
CA GLY A 251 5.07 -34.11 11.13
C GLY A 251 4.49 -34.44 12.50
N GLU A 252 4.43 -35.73 12.82
CA GLU A 252 3.95 -36.19 14.12
C GLU A 252 4.87 -35.70 15.22
N LYS A 253 6.13 -36.12 15.18
CA LYS A 253 7.17 -35.55 16.02
C LYS A 253 8.02 -34.62 15.18
N PRO A 254 7.97 -33.31 15.41
CA PRO A 254 8.71 -32.36 14.55
C PRO A 254 10.21 -32.50 14.77
N LEU A 255 10.96 -32.50 13.65
CA LEU A 255 12.41 -32.45 13.74
C LEU A 255 12.87 -31.08 14.24
N LEU A 256 12.25 -30.03 13.74
CA LEU A 256 12.53 -28.66 14.14
C LEU A 256 11.24 -28.02 14.65
N GLY A 257 11.32 -27.34 15.79
CA GLY A 257 10.18 -26.63 16.31
C GLY A 257 10.01 -26.77 17.80
N PRO A 258 8.86 -26.29 18.32
CA PRO A 258 8.60 -26.40 19.76
C PRO A 258 8.49 -27.83 20.26
N GLY A 259 7.92 -28.72 19.46
CA GLY A 259 7.76 -30.10 19.84
C GLY A 259 8.95 -31.00 19.60
N SER A 260 10.06 -30.42 19.15
CA SER A 260 11.25 -31.20 18.83
C SER A 260 11.99 -31.58 20.11
N GLU A 261 12.87 -32.58 19.98
CA GLU A 261 13.70 -33.01 21.10
C GLU A 261 14.91 -32.11 21.23
N ASP A 262 15.86 -32.54 22.07
CA ASP A 262 17.11 -31.82 22.27
C ASP A 262 17.94 -31.86 20.98
N PRO A 263 18.62 -30.76 20.63
CA PRO A 263 19.45 -30.78 19.42
C PRO A 263 20.62 -31.75 19.49
N SER A 264 21.07 -32.13 20.69
CA SER A 264 22.13 -33.11 20.81
C SER A 264 21.66 -34.52 20.50
N THR A 265 20.35 -34.78 20.57
CA THR A 265 19.83 -36.10 20.25
C THR A 265 19.87 -36.34 18.74
N VAL A 266 19.88 -37.62 18.38
CA VAL A 266 20.06 -38.05 17.00
C VAL A 266 18.80 -38.77 16.54
N VAL A 267 18.28 -38.39 15.37
CA VAL A 267 17.11 -39.03 14.79
C VAL A 267 17.56 -39.89 13.62
N GLN A 268 17.15 -41.15 13.63
CA GLN A 268 17.54 -42.11 12.59
C GLN A 268 16.34 -42.37 11.68
N ILE A 269 16.55 -42.23 10.38
CA ILE A 269 15.49 -42.35 9.39
C ILE A 269 15.70 -43.66 8.64
N SER A 270 14.77 -44.61 8.81
CA SER A 270 14.96 -45.96 8.32
C SER A 270 13.85 -46.46 7.41
N THR A 271 12.78 -45.69 7.24
CA THR A 271 11.66 -46.12 6.41
C THR A 271 11.78 -45.50 5.01
N PRO A 272 12.00 -46.29 3.97
CA PRO A 272 12.16 -45.71 2.63
C PRO A 272 10.84 -45.27 2.04
N PHE A 273 10.84 -44.08 1.46
CA PHE A 273 9.70 -43.65 0.64
C PHE A 273 9.56 -44.53 -0.59
N GLY A 274 10.67 -44.89 -1.21
CA GLY A 274 10.61 -45.74 -2.38
C GLY A 274 11.91 -46.49 -2.57
N ALA A 275 11.85 -47.48 -3.46
CA ALA A 275 13.03 -48.29 -3.77
C ALA A 275 13.12 -48.47 -5.27
N THR A 276 14.33 -48.72 -5.74
CA THR A 276 14.62 -48.81 -7.17
C THR A 276 15.37 -50.09 -7.46
N GLN A 277 14.91 -50.82 -8.47
CA GLN A 277 15.50 -52.09 -8.86
C GLN A 277 16.92 -51.86 -9.40
N PRO A 278 17.89 -52.70 -9.00
CA PRO A 278 19.30 -52.37 -9.30
C PRO A 278 19.71 -52.45 -10.76
N ASP A 279 18.84 -52.87 -11.67
CA ASP A 279 19.17 -52.72 -13.10
C ASP A 279 18.94 -51.28 -13.53
N VAL A 280 18.17 -50.53 -12.74
CA VAL A 280 18.00 -49.09 -12.97
C VAL A 280 19.09 -48.33 -12.22
N GLY A 281 19.41 -48.76 -11.00
CA GLY A 281 20.48 -48.18 -10.23
C GLY A 281 19.99 -47.12 -9.26
N PRO A 282 20.82 -46.78 -8.27
CA PRO A 282 20.45 -45.70 -7.34
C PRO A 282 20.39 -44.36 -8.04
N ALA A 283 19.45 -43.53 -7.61
CA ALA A 283 19.21 -42.24 -8.26
C ALA A 283 20.38 -41.29 -8.01
N SER A 284 20.93 -40.74 -9.10
CA SER A 284 22.07 -39.83 -8.99
C SER A 284 21.65 -38.37 -8.95
N CYS A 285 20.50 -38.02 -9.51
CA CYS A 285 19.97 -36.66 -9.42
C CYS A 285 18.52 -36.72 -8.97
N LEU A 286 18.13 -35.68 -8.24
CA LEU A 286 16.85 -35.62 -7.51
C LEU A 286 16.30 -34.22 -7.63
N SER A 287 15.07 -34.08 -8.14
CA SER A 287 14.46 -32.76 -8.25
C SER A 287 12.99 -32.82 -7.91
N VAL A 288 12.47 -31.70 -7.41
CA VAL A 288 11.09 -31.58 -6.94
C VAL A 288 10.40 -30.53 -7.80
N SER A 289 9.16 -30.82 -8.22
CA SER A 289 8.43 -29.92 -9.09
C SER A 289 8.00 -28.66 -8.35
N TYR A 290 7.34 -27.77 -9.11
CA TYR A 290 6.88 -26.51 -8.55
C TYR A 290 5.80 -26.72 -7.50
N ASP A 291 4.82 -27.60 -7.78
CA ASP A 291 3.75 -27.83 -6.82
C ASP A 291 4.22 -28.69 -5.66
N GLY A 292 5.23 -29.52 -5.88
CA GLY A 292 5.75 -30.42 -4.87
C GLY A 292 5.02 -31.74 -4.75
N THR A 293 3.98 -31.97 -5.55
CA THR A 293 3.24 -33.21 -5.48
C THR A 293 3.98 -34.35 -6.15
N MET A 294 4.91 -34.02 -7.05
CA MET A 294 5.48 -34.97 -8.00
C MET A 294 6.96 -34.67 -8.19
N LEU A 295 7.75 -35.73 -8.36
CA LEU A 295 9.20 -35.68 -8.19
C LEU A 295 9.88 -36.42 -9.34
N LEU A 296 11.13 -36.05 -9.62
CA LEU A 296 11.89 -36.62 -10.72
C LEU A 296 13.24 -37.12 -10.24
N THR A 297 13.65 -38.30 -10.71
CA THR A 297 14.97 -38.85 -10.41
C THR A 297 15.66 -39.31 -11.69
N GLY A 298 16.98 -39.10 -11.73
CA GLY A 298 17.81 -39.54 -12.84
C GLY A 298 18.75 -40.64 -12.37
N HIS A 299 18.94 -41.63 -13.24
CA HIS A 299 19.66 -42.84 -12.89
C HIS A 299 20.85 -43.07 -13.81
N PRO A 300 21.89 -43.77 -13.34
CA PRO A 300 23.08 -43.97 -14.19
C PRO A 300 22.85 -44.90 -15.37
N ARG A 301 21.73 -45.62 -15.41
CA ARG A 301 21.44 -46.48 -16.55
C ARG A 301 20.59 -45.80 -17.61
N GLY A 302 20.30 -44.51 -17.46
CA GLY A 302 19.62 -43.75 -18.49
C GLY A 302 18.19 -43.38 -18.20
N GLN A 303 17.54 -44.04 -17.24
CA GLN A 303 16.13 -43.84 -17.03
C GLN A 303 15.87 -42.58 -16.21
N ILE A 304 14.88 -41.80 -16.66
CA ILE A 304 14.32 -40.70 -15.90
C ILE A 304 12.97 -41.15 -15.37
N MET A 305 12.81 -41.16 -14.05
CA MET A 305 11.62 -41.75 -13.43
C MET A 305 10.87 -40.73 -12.59
N ARG A 306 9.55 -40.79 -12.71
CA ARG A 306 8.64 -39.85 -12.08
C ARG A 306 7.97 -40.52 -10.89
N TRP A 307 8.03 -39.86 -9.74
CA TRP A 307 7.47 -40.37 -8.50
C TRP A 307 6.30 -39.49 -8.08
N ASP A 308 5.23 -40.12 -7.61
CA ASP A 308 4.06 -39.41 -7.09
C ASP A 308 4.20 -39.36 -5.58
N ILE A 309 4.51 -38.16 -5.06
CA ILE A 309 4.70 -38.01 -3.63
C ILE A 309 3.37 -38.14 -2.89
N SER A 310 2.32 -37.48 -3.40
CA SER A 310 1.03 -37.51 -2.73
C SER A 310 0.34 -38.86 -2.92
N GLU A 311 0.39 -39.41 -4.13
CA GLU A 311 -0.31 -40.66 -4.41
C GLU A 311 0.42 -41.88 -3.85
N ASN A 312 1.73 -41.76 -3.62
CA ASN A 312 2.61 -42.82 -3.12
C ASN A 312 2.60 -44.07 -3.98
N LYS A 313 2.41 -43.94 -5.29
CA LYS A 313 2.37 -45.09 -6.17
C LYS A 313 3.77 -45.50 -6.60
N SER A 314 3.83 -46.55 -7.41
CA SER A 314 5.11 -47.00 -7.95
C SER A 314 5.63 -45.98 -8.97
N PRO A 315 6.95 -45.78 -9.04
CA PRO A 315 7.49 -44.85 -10.04
C PRO A 315 7.35 -45.40 -11.45
N VAL A 316 7.20 -44.49 -12.41
CA VAL A 316 7.05 -44.82 -13.81
C VAL A 316 8.20 -44.15 -14.57
N GLU A 317 8.72 -44.85 -15.59
CA GLU A 317 9.88 -44.37 -16.34
C GLU A 317 9.41 -43.51 -17.50
N LEU A 318 9.96 -42.30 -17.60
CA LEU A 318 9.61 -41.40 -18.70
C LEU A 318 10.36 -41.78 -19.97
N ALA A 319 11.68 -41.80 -19.91
CA ALA A 319 12.49 -42.07 -21.09
C ALA A 319 13.81 -42.70 -20.68
N ASN A 320 14.45 -43.35 -21.65
CA ASN A 320 15.79 -43.92 -21.49
C ASN A 320 16.72 -43.14 -22.40
N LEU A 321 17.66 -42.40 -21.80
CA LEU A 321 18.52 -41.53 -22.59
C LEU A 321 19.79 -42.26 -23.03
N ASN A 322 19.96 -43.51 -22.58
CA ASN A 322 21.03 -44.43 -22.96
C ASN A 322 22.38 -43.81 -22.54
N ALA A 323 22.36 -43.07 -21.43
CA ALA A 323 23.58 -42.51 -20.85
C ALA A 323 23.28 -42.17 -19.39
N ALA A 324 24.34 -42.12 -18.59
CA ALA A 324 24.17 -41.85 -17.16
C ALA A 324 23.67 -40.42 -16.93
N VAL A 325 22.48 -40.33 -16.34
CA VAL A 325 21.81 -39.06 -16.09
C VAL A 325 22.41 -38.46 -14.82
N THR A 326 22.88 -37.22 -14.90
CA THR A 326 23.59 -36.59 -13.79
C THR A 326 22.86 -35.40 -13.20
N ASN A 327 22.06 -34.68 -13.99
CA ASN A 327 21.41 -33.47 -13.52
C ASN A 327 19.98 -33.39 -14.03
N LEU A 328 19.06 -33.02 -13.13
CA LEU A 328 17.69 -32.65 -13.48
C LEU A 328 17.38 -31.34 -12.77
N ILE A 329 17.07 -30.30 -13.54
CA ILE A 329 16.75 -28.99 -13.00
C ILE A 329 15.38 -28.59 -13.50
N PHE A 330 14.45 -28.37 -12.56
CA PHE A 330 13.14 -27.84 -12.94
C PHE A 330 13.24 -26.35 -13.26
N VAL A 331 12.43 -25.93 -14.23
CA VAL A 331 12.27 -24.54 -14.58
C VAL A 331 10.89 -24.11 -14.10
N SER A 332 10.80 -22.92 -13.50
CA SER A 332 9.54 -22.46 -12.95
C SER A 332 8.54 -22.21 -14.08
N PRO A 333 7.30 -22.69 -13.93
CA PRO A 333 6.30 -22.45 -14.99
C PRO A 333 5.94 -20.99 -15.16
N PHE A 334 5.71 -20.28 -14.07
CA PHE A 334 5.49 -18.84 -14.17
C PHE A 334 6.82 -18.12 -14.39
N LEU A 335 6.76 -17.03 -15.13
CA LEU A 335 7.94 -16.23 -15.45
C LEU A 335 8.03 -15.07 -14.48
N THR A 336 9.21 -14.84 -13.93
CA THR A 336 9.41 -13.72 -13.02
C THR A 336 9.85 -12.48 -13.81
N SER A 337 9.74 -11.32 -13.16
CA SER A 337 10.12 -10.05 -13.77
C SER A 337 11.45 -9.60 -13.19
N LYS A 338 12.46 -9.47 -14.05
CA LYS A 338 13.75 -8.95 -13.65
C LYS A 338 14.10 -7.75 -14.52
N PRO A 339 14.55 -6.65 -13.92
CA PRO A 339 14.73 -5.40 -14.70
C PRO A 339 15.79 -5.48 -15.79
N THR A 340 16.70 -6.43 -15.70
CA THR A 340 17.70 -6.64 -16.75
C THR A 340 17.49 -8.02 -17.38
N LYS A 341 18.10 -8.22 -18.55
CA LYS A 341 18.13 -9.52 -19.20
C LYS A 341 19.57 -9.80 -19.64
N THR A 342 20.05 -11.00 -19.35
CA THR A 342 21.40 -11.40 -19.71
C THR A 342 21.33 -12.14 -21.05
N VAL A 343 21.43 -11.38 -22.15
CA VAL A 343 21.43 -11.99 -23.46
C VAL A 343 22.75 -12.72 -23.71
N ASN A 344 23.87 -12.09 -23.36
CA ASN A 344 25.19 -12.66 -23.59
C ASN A 344 25.99 -12.62 -22.30
N ILE A 345 26.89 -13.58 -22.16
CA ILE A 345 27.79 -13.63 -21.02
C ILE A 345 29.08 -12.87 -21.34
N ILE A 346 29.84 -12.56 -20.30
CA ILE A 346 31.15 -11.92 -20.42
C ILE A 346 32.18 -12.87 -19.82
N LYS A 347 33.16 -13.27 -20.63
CA LYS A 347 34.16 -14.22 -20.17
C LYS A 347 35.10 -13.57 -19.16
N PRO A 348 35.58 -14.34 -18.18
CA PRO A 348 36.46 -13.76 -17.15
C PRO A 348 37.81 -13.39 -17.71
N SER A 349 38.20 -12.13 -17.50
CA SER A 349 39.51 -11.62 -17.90
C SER A 349 40.20 -11.02 -16.69
N GLN A 350 41.50 -11.32 -16.55
CA GLN A 350 42.23 -10.81 -15.39
C GLN A 350 42.81 -9.43 -15.66
N ALA A 351 42.59 -8.90 -16.86
CA ALA A 351 43.13 -7.60 -17.22
C ALA A 351 42.47 -6.48 -16.42
N GLU A 352 43.25 -5.46 -16.08
CA GLU A 352 42.73 -4.35 -15.30
C GLU A 352 41.88 -3.46 -16.19
N ARG A 353 40.68 -3.13 -15.72
CA ARG A 353 39.76 -2.28 -16.45
C ARG A 353 38.81 -1.63 -15.46
N ALA A 354 38.10 -0.61 -15.93
CA ALA A 354 37.05 0.00 -15.13
C ALA A 354 35.90 -0.99 -14.96
N TYR A 355 35.19 -0.86 -13.84
CA TYR A 355 34.08 -1.76 -13.56
C TYR A 355 32.90 -1.46 -14.49
N THR A 356 32.57 -2.44 -15.33
CA THR A 356 31.51 -2.30 -16.31
C THR A 356 30.50 -3.42 -16.15
N PHE A 357 29.23 -3.09 -16.31
CA PHE A 357 28.12 -4.05 -16.19
C PHE A 357 27.44 -4.16 -17.55
N THR A 358 27.28 -5.39 -18.04
CA THR A 358 26.76 -5.63 -19.37
C THR A 358 25.47 -6.44 -19.30
N ALA A 359 24.35 -5.80 -19.64
CA ALA A 359 23.05 -6.46 -19.71
C ALA A 359 22.13 -5.59 -20.56
N GLN A 360 21.00 -6.17 -20.93
CA GLN A 360 19.96 -5.45 -21.67
C GLN A 360 18.91 -4.97 -20.68
N PHE A 361 18.61 -3.67 -20.72
CA PHE A 361 17.63 -3.09 -19.82
C PHE A 361 16.22 -3.40 -20.32
N GLU A 362 15.37 -3.89 -19.41
CA GLU A 362 14.04 -4.33 -19.78
C GLU A 362 12.99 -3.27 -19.44
N PRO A 363 11.89 -3.22 -20.18
CA PRO A 363 10.82 -2.27 -19.84
C PRO A 363 10.11 -2.68 -18.56
N MET A 364 10.19 -1.80 -17.56
CA MET A 364 9.62 -2.10 -16.25
C MET A 364 8.65 -1.05 -15.75
N SER A 365 8.27 -0.07 -16.58
CA SER A 365 7.35 1.01 -16.22
C SER A 365 7.85 1.79 -15.00
N PHE A 366 9.15 2.06 -14.96
CA PHE A 366 9.72 2.82 -13.85
C PHE A 366 9.34 4.30 -13.96
N THR A 367 9.16 4.79 -15.18
CA THR A 367 8.73 6.16 -15.41
C THR A 367 7.21 6.19 -15.59
N LYS A 368 6.54 6.97 -14.74
CA LYS A 368 5.09 7.07 -14.75
C LYS A 368 4.67 8.52 -14.96
N SER A 369 3.63 8.71 -15.77
CA SER A 369 3.11 10.04 -16.08
C SER A 369 1.60 9.98 -16.15
N ARG A 370 0.97 11.16 -16.13
CA ARG A 370 -0.47 11.24 -16.29
C ARG A 370 -0.89 10.94 -17.72
N LEU A 371 0.00 11.18 -18.68
CA LEU A 371 -0.28 10.87 -20.07
C LEU A 371 -0.37 9.36 -20.28
N ASP A 372 0.39 8.59 -19.50
CA ASP A 372 0.25 7.13 -19.54
C ASP A 372 -1.10 6.70 -19.01
N SER A 373 -1.61 7.41 -18.00
CA SER A 373 -2.95 7.12 -17.48
C SER A 373 -4.02 7.49 -18.51
N LEU A 374 -3.79 8.55 -19.28
CA LEU A 374 -4.67 8.85 -20.41
C LEU A 374 -4.63 7.76 -21.47
N LEU A 375 -3.42 7.26 -21.77
CA LEU A 375 -3.28 6.30 -22.87
C LEU A 375 -3.86 4.94 -22.52
N ASN A 376 -3.51 4.41 -21.34
CA ASN A 376 -3.89 3.04 -21.01
C ASN A 376 -5.35 2.90 -20.59
N ALA A 377 -6.02 4.00 -20.24
CA ALA A 377 -7.41 3.91 -19.83
C ALA A 377 -8.30 3.63 -21.03
N THR A 378 -9.35 2.85 -20.81
CA THR A 378 -10.36 2.64 -21.83
C THR A 378 -11.20 3.89 -21.97
N GLY A 379 -11.16 4.49 -23.16
CA GLY A 379 -11.74 5.81 -23.27
C GLY A 379 -10.82 6.81 -22.59
N PHE A 380 -11.43 7.85 -22.02
CA PHE A 380 -10.70 8.85 -21.27
C PHE A 380 -11.21 8.91 -19.84
N PRO A 381 -10.34 9.15 -18.85
CA PRO A 381 -10.82 9.34 -17.48
C PRO A 381 -11.68 10.59 -17.37
N ALA A 382 -12.60 10.59 -16.40
CA ALA A 382 -13.62 11.63 -16.33
C ALA A 382 -13.02 12.99 -15.98
N ASP A 383 -12.09 13.04 -15.02
CA ASP A 383 -11.51 14.31 -14.62
C ASP A 383 -10.60 14.89 -15.71
N ALA A 384 -9.83 14.03 -16.37
CA ALA A 384 -8.99 14.49 -17.47
C ALA A 384 -9.82 14.95 -18.65
N LEU A 385 -10.92 14.26 -18.93
CA LEU A 385 -11.83 14.71 -19.99
C LEU A 385 -12.49 16.03 -19.64
N GLU A 386 -12.87 16.21 -18.36
CA GLU A 386 -13.45 17.48 -17.94
C GLU A 386 -12.47 18.62 -18.08
N SER A 387 -11.21 18.40 -17.69
CA SER A 387 -10.18 19.42 -17.88
C SER A 387 -9.94 19.68 -19.36
N ALA A 388 -10.07 18.65 -20.20
CA ALA A 388 -9.95 18.83 -21.65
C ALA A 388 -11.07 19.70 -22.20
N ILE A 389 -12.30 19.49 -21.72
CA ILE A 389 -13.42 20.30 -22.20
C ILE A 389 -13.29 21.75 -21.72
N VAL A 390 -12.82 21.94 -20.48
CA VAL A 390 -12.59 23.29 -19.97
C VAL A 390 -11.50 23.99 -20.78
N ALA A 391 -10.43 23.26 -21.11
CA ALA A 391 -9.36 23.84 -21.93
C ALA A 391 -9.83 24.08 -23.36
N PHE A 392 -10.83 23.33 -23.82
CA PHE A 392 -11.33 23.50 -25.17
C PHE A 392 -12.13 24.78 -25.31
N TYR A 393 -12.93 25.11 -24.29
CA TYR A 393 -13.80 26.28 -24.35
C TYR A 393 -13.12 27.51 -23.77
N THR B 2 -33.41 -6.76 -32.88
CA THR B 2 -33.47 -5.43 -32.30
C THR B 2 -32.10 -5.00 -31.76
N ALA B 3 -31.81 -3.71 -31.89
CA ALA B 3 -30.53 -3.19 -31.46
C ALA B 3 -30.48 -3.05 -29.94
N PRO B 4 -29.29 -3.08 -29.35
CA PRO B 4 -29.15 -2.72 -27.93
C PRO B 4 -29.54 -1.28 -27.68
N PRO B 5 -30.04 -0.94 -26.49
CA PRO B 5 -30.49 0.43 -26.22
C PRO B 5 -29.40 1.48 -26.31
N ASP B 6 -28.18 1.11 -25.93
CA ASP B 6 -27.06 2.06 -25.90
C ASP B 6 -26.74 2.59 -27.29
N LEU B 7 -26.73 1.70 -28.29
CA LEU B 7 -26.38 2.11 -29.65
C LEU B 7 -27.45 3.03 -30.24
N ARG B 8 -28.72 2.73 -29.99
CA ARG B 8 -29.80 3.59 -30.47
C ARG B 8 -29.78 4.95 -29.77
N VAL B 9 -29.45 4.97 -28.48
CA VAL B 9 -29.29 6.23 -27.77
C VAL B 9 -28.14 7.05 -28.36
N VAL B 10 -27.03 6.39 -28.69
CA VAL B 10 -25.90 7.05 -29.33
C VAL B 10 -26.32 7.67 -30.66
N CYS B 11 -27.03 6.89 -31.49
CA CYS B 11 -27.45 7.38 -32.79
C CYS B 11 -28.39 8.57 -32.67
N HIS B 12 -29.36 8.49 -31.76
CA HIS B 12 -30.33 9.57 -31.60
C HIS B 12 -29.68 10.83 -31.05
N ARG B 13 -28.78 10.69 -30.08
CA ARG B 13 -28.11 11.85 -29.52
C ARG B 13 -27.13 12.48 -30.51
N LEU B 14 -26.52 11.65 -31.36
CA LEU B 14 -25.63 12.20 -32.38
C LEU B 14 -26.43 12.90 -33.47
N ALA B 15 -27.62 12.41 -33.77
CA ALA B 15 -28.44 13.06 -34.80
C ALA B 15 -29.06 14.36 -34.29
N SER B 16 -29.49 14.39 -33.02
CA SER B 16 -30.27 15.53 -32.55
C SER B 16 -29.40 16.69 -32.10
N THR B 17 -28.24 16.41 -31.52
CA THR B 17 -27.45 17.45 -30.85
C THR B 17 -26.81 18.40 -31.86
N PRO B 18 -26.81 19.70 -31.61
CA PRO B 18 -25.96 20.60 -32.41
C PRO B 18 -24.48 20.30 -32.17
N VAL B 19 -23.66 20.65 -33.17
CA VAL B 19 -22.26 20.23 -33.16
C VAL B 19 -21.46 20.98 -32.10
N ASP B 20 -21.85 22.22 -31.77
CA ASP B 20 -21.06 23.02 -30.83
C ASP B 20 -21.25 22.56 -29.39
N SER B 21 -22.40 21.96 -29.08
CA SER B 21 -22.64 21.46 -27.72
C SER B 21 -22.17 20.02 -27.53
N LEU B 22 -21.71 19.37 -28.59
CA LEU B 22 -21.23 17.99 -28.47
C LEU B 22 -20.05 17.79 -27.51
N PRO B 23 -19.04 18.68 -27.40
CA PRO B 23 -18.00 18.46 -26.38
C PRO B 23 -18.51 18.39 -24.96
N ARG B 24 -19.60 19.09 -24.64
CA ARG B 24 -20.18 18.98 -23.31
C ARG B 24 -20.89 17.64 -23.12
N LEU B 25 -21.45 17.07 -24.18
CA LEU B 25 -22.08 15.76 -24.12
C LEU B 25 -21.09 14.61 -24.35
N CYS B 26 -19.82 14.91 -24.57
CA CYS B 26 -18.81 13.86 -24.76
C CYS B 26 -18.70 12.82 -23.64
N PRO B 27 -18.78 13.14 -22.33
CA PRO B 27 -18.69 12.04 -21.35
C PRO B 27 -19.79 10.99 -21.45
N LEU B 28 -21.05 11.40 -21.65
CA LEU B 28 -22.13 10.42 -21.75
C LEU B 28 -22.05 9.66 -23.06
N LEU B 29 -21.65 10.32 -24.15
CA LEU B 29 -21.46 9.64 -25.42
C LEU B 29 -20.35 8.60 -25.34
N ILE B 30 -19.24 8.95 -24.68
CA ILE B 30 -18.15 7.99 -24.49
C ILE B 30 -18.60 6.82 -23.62
N ASN B 31 -19.37 7.10 -22.56
CA ASN B 31 -19.85 6.01 -21.70
C ASN B 31 -20.76 5.07 -22.48
N HIS B 32 -21.67 5.62 -23.29
CA HIS B 32 -22.59 4.79 -24.06
C HIS B 32 -21.87 4.00 -25.15
N VAL B 33 -20.84 4.57 -25.77
CA VAL B 33 -20.16 3.83 -26.84
C VAL B 33 -19.18 2.82 -26.25
N LEU B 34 -18.68 3.08 -25.03
CA LEU B 34 -17.92 2.05 -24.32
C LEU B 34 -18.82 0.90 -23.91
N ARG B 35 -20.12 1.20 -23.70
CA ARG B 35 -21.06 0.15 -23.35
C ARG B 35 -21.30 -0.82 -24.51
N CYS B 36 -21.46 -0.30 -25.72
CA CYS B 36 -21.82 -1.13 -26.88
C CYS B 36 -20.58 -1.49 -27.72
N GLY B 37 -19.64 -2.18 -27.09
CA GLY B 37 -18.47 -2.64 -27.81
C GLY B 37 -18.75 -3.81 -28.73
N GLY B 38 -19.68 -4.69 -28.34
CA GLY B 38 -20.03 -5.87 -29.09
C GLY B 38 -20.56 -5.65 -30.49
N PRO B 39 -21.52 -4.74 -30.69
CA PRO B 39 -21.95 -4.43 -32.07
C PRO B 39 -20.83 -3.89 -32.96
N LEU B 40 -19.89 -3.14 -32.41
CA LEU B 40 -18.77 -2.64 -33.22
C LEU B 40 -17.75 -3.74 -33.45
N SER B 41 -17.71 -4.75 -32.57
CA SER B 41 -16.75 -5.84 -32.74
C SER B 41 -17.20 -6.83 -33.82
N GLU B 42 -18.45 -6.75 -34.23
CA GLU B 42 -18.98 -7.67 -35.22
C GLU B 42 -18.39 -7.36 -36.59
N PRO B 43 -17.88 -8.36 -37.33
CA PRO B 43 -17.31 -8.08 -38.64
C PRO B 43 -18.37 -7.74 -39.67
N GLN B 44 -18.12 -6.66 -40.41
CA GLN B 44 -19.05 -6.19 -41.43
C GLN B 44 -18.60 -6.63 -42.82
N THR B 52 -31.29 -7.06 -43.61
CA THR B 52 -30.18 -6.54 -42.83
C THR B 52 -30.63 -6.29 -41.39
N SER B 53 -29.81 -6.71 -40.43
CA SER B 53 -30.12 -6.51 -39.03
C SER B 53 -30.06 -5.02 -38.67
N GLU B 54 -30.88 -4.62 -37.70
CA GLU B 54 -30.92 -3.22 -37.29
C GLU B 54 -29.64 -2.82 -36.57
N THR B 55 -29.00 -3.77 -35.88
CA THR B 55 -27.75 -3.50 -35.18
C THR B 55 -26.65 -3.10 -36.16
N ALA B 56 -26.50 -3.86 -37.25
CA ALA B 56 -25.48 -3.54 -38.24
C ALA B 56 -25.76 -2.22 -38.94
N MET B 57 -27.05 -1.95 -39.21
CA MET B 57 -27.43 -0.66 -39.81
C MET B 57 -27.07 0.50 -38.90
N LEU B 58 -27.36 0.39 -37.60
CA LEU B 58 -27.05 1.47 -36.69
C LEU B 58 -25.54 1.62 -36.50
N VAL B 59 -24.80 0.51 -36.54
CA VAL B 59 -23.34 0.59 -36.47
C VAL B 59 -22.77 1.30 -37.69
N HIS B 60 -23.30 1.00 -38.88
CA HIS B 60 -22.85 1.67 -40.10
C HIS B 60 -23.18 3.17 -40.06
N LYS B 61 -24.38 3.53 -39.60
CA LYS B 61 -24.74 4.93 -39.47
C LYS B 61 -23.85 5.64 -38.45
N PHE B 62 -23.51 4.95 -37.36
CA PHE B 62 -22.66 5.53 -36.32
C PHE B 62 -21.25 5.80 -36.85
N ARG B 63 -20.68 4.84 -37.58
CA ARG B 63 -19.35 5.04 -38.14
C ARG B 63 -19.35 6.12 -39.22
N THR B 64 -20.43 6.18 -40.01
CA THR B 64 -20.56 7.24 -41.01
C THR B 64 -20.65 8.61 -40.35
N HIS B 65 -21.36 8.70 -39.24
CA HIS B 65 -21.49 9.98 -38.54
C HIS B 65 -20.18 10.37 -37.87
N ILE B 66 -19.40 9.40 -37.38
CA ILE B 66 -18.07 9.69 -36.86
C ILE B 66 -17.17 10.26 -37.96
N THR B 67 -17.19 9.62 -39.14
CA THR B 67 -16.37 10.10 -40.25
C THR B 67 -16.80 11.50 -40.69
N SER B 68 -18.11 11.76 -40.71
CA SER B 68 -18.61 13.08 -41.08
C SER B 68 -18.23 14.14 -40.05
N LEU B 69 -18.24 13.77 -38.76
CA LEU B 69 -17.80 14.69 -37.72
C LEU B 69 -16.31 15.00 -37.86
N LEU B 70 -15.50 13.98 -38.16
CA LEU B 70 -14.06 14.18 -38.23
C LEU B 70 -13.67 15.00 -39.45
N THR B 71 -14.22 14.67 -40.62
CA THR B 71 -13.81 15.35 -41.85
C THR B 71 -14.40 16.75 -41.94
N GLY B 72 -15.53 16.99 -41.29
CA GLY B 72 -16.17 18.28 -41.40
C GLY B 72 -15.42 19.35 -40.64
N LYS B 73 -15.58 20.60 -41.06
CA LYS B 73 -14.87 21.73 -40.45
C LYS B 73 -15.70 22.25 -39.29
N SER B 74 -15.40 21.70 -38.11
CA SER B 74 -15.97 22.17 -36.84
C SER B 74 -15.01 21.72 -35.75
N PRO B 75 -14.36 22.65 -35.04
CA PRO B 75 -13.44 22.25 -33.95
C PRO B 75 -14.12 21.44 -32.86
N ALA B 76 -15.37 21.79 -32.54
CA ALA B 76 -16.15 20.98 -31.60
C ALA B 76 -16.44 19.60 -32.17
N GLY B 77 -16.78 19.55 -33.46
CA GLY B 77 -17.01 18.26 -34.11
C GLY B 77 -15.75 17.43 -34.19
N ARG B 78 -14.60 18.06 -34.47
CA ARG B 78 -13.34 17.34 -34.49
C ARG B 78 -12.97 16.81 -33.11
N PHE B 79 -13.21 17.60 -32.06
CA PHE B 79 -12.97 17.16 -30.69
C PHE B 79 -13.84 15.95 -30.33
N THR B 80 -15.13 16.03 -30.67
CA THR B 80 -16.05 14.94 -30.40
C THR B 80 -15.66 13.69 -31.18
N ALA B 81 -15.23 13.87 -32.43
CA ALA B 81 -14.80 12.73 -33.24
C ALA B 81 -13.52 12.11 -32.68
N VAL B 82 -12.62 12.92 -32.14
CA VAL B 82 -11.41 12.40 -31.51
C VAL B 82 -11.77 11.50 -30.33
N CYS B 83 -12.69 11.98 -29.48
CA CYS B 83 -13.11 11.19 -28.33
C CYS B 83 -13.82 9.90 -28.76
N LEU B 84 -14.69 9.99 -29.77
CA LEU B 84 -15.41 8.82 -30.24
C LEU B 84 -14.49 7.80 -30.90
N ILE B 85 -13.49 8.27 -31.67
CA ILE B 85 -12.52 7.37 -32.27
C ILE B 85 -11.70 6.67 -31.21
N LYS B 86 -11.29 7.40 -30.17
CA LYS B 86 -10.56 6.76 -29.08
C LYS B 86 -11.37 5.65 -28.42
N ALA B 87 -12.64 5.93 -28.11
CA ALA B 87 -13.47 4.93 -27.45
C ALA B 87 -13.80 3.75 -28.38
N VAL B 88 -14.04 4.03 -29.66
CA VAL B 88 -14.38 2.98 -30.61
C VAL B 88 -13.19 2.06 -30.86
N ILE B 89 -11.99 2.63 -30.98
CA ILE B 89 -10.80 1.79 -31.12
C ILE B 89 -10.54 1.01 -29.83
N ASP B 90 -10.91 1.58 -28.68
CA ASP B 90 -10.79 0.85 -27.43
C ASP B 90 -11.71 -0.37 -27.38
N VAL B 91 -12.94 -0.25 -27.88
CA VAL B 91 -13.91 -1.33 -27.68
C VAL B 91 -14.14 -2.22 -28.90
N GLY B 92 -13.73 -1.82 -30.10
CA GLY B 92 -14.13 -2.56 -31.28
C GLY B 92 -13.17 -3.68 -31.66
N GLY B 93 -11.88 -3.40 -31.64
CA GLY B 93 -10.91 -4.41 -31.98
C GLY B 93 -10.49 -4.36 -33.44
N TRP B 94 -10.41 -5.55 -34.04
CA TRP B 94 -9.82 -5.68 -35.37
C TRP B 94 -10.71 -5.06 -36.44
N GLU B 95 -12.04 -5.11 -36.25
CA GLU B 95 -12.95 -4.55 -37.25
C GLU B 95 -12.85 -3.03 -37.30
N SER B 96 -12.62 -2.39 -36.16
CA SER B 96 -12.38 -0.95 -36.17
C SER B 96 -10.96 -0.63 -36.63
N LEU B 97 -9.99 -1.50 -36.32
CA LEU B 97 -8.62 -1.25 -36.73
C LEU B 97 -8.45 -1.34 -38.24
N ARG B 98 -9.24 -2.20 -38.90
CA ARG B 98 -9.10 -2.35 -40.34
C ARG B 98 -9.65 -1.14 -41.09
N SER B 99 -10.52 -0.36 -40.44
CA SER B 99 -11.08 0.83 -41.06
C SER B 99 -10.60 2.13 -40.42
N ALA B 100 -9.66 2.06 -39.48
CA ALA B 100 -9.19 3.27 -38.81
C ALA B 100 -8.26 4.11 -39.67
N GLU B 101 -7.97 3.68 -40.91
CA GLU B 101 -7.05 4.45 -41.75
C GLU B 101 -7.54 5.86 -42.12
N PRO B 102 -8.79 6.08 -42.59
CA PRO B 102 -9.24 7.48 -42.74
C PRO B 102 -9.31 8.22 -41.42
N TRP B 103 -9.50 7.49 -40.32
CA TRP B 103 -9.45 8.11 -39.01
C TRP B 103 -8.03 8.54 -38.66
N ILE B 104 -7.02 7.74 -39.04
CA ILE B 104 -5.63 8.11 -38.79
C ILE B 104 -5.26 9.36 -39.58
N ARG B 105 -5.61 9.39 -40.87
CA ARG B 105 -5.36 10.58 -41.67
C ARG B 105 -6.14 11.78 -41.13
N GLY B 106 -7.34 11.56 -40.63
CA GLY B 106 -8.13 12.63 -40.06
C GLY B 106 -7.51 13.20 -38.78
N LEU B 107 -6.96 12.34 -37.93
CA LEU B 107 -6.32 12.82 -36.71
C LEU B 107 -5.04 13.59 -37.00
N ILE B 108 -4.26 13.11 -37.98
CA ILE B 108 -3.08 13.87 -38.39
C ILE B 108 -3.49 15.22 -38.98
N GLY B 109 -4.60 15.25 -39.73
CA GLY B 109 -5.11 16.52 -40.24
C GLY B 109 -5.58 17.45 -39.13
N VAL B 110 -6.15 16.88 -38.05
CA VAL B 110 -6.51 17.67 -36.88
C VAL B 110 -5.28 18.30 -36.25
N LEU B 111 -4.19 17.53 -36.16
CA LEU B 111 -2.93 18.09 -35.65
C LEU B 111 -2.39 19.18 -36.56
N GLN B 112 -2.55 19.03 -37.88
CA GLN B 112 -2.07 20.06 -38.80
C GLN B 112 -2.95 21.31 -38.74
N LYS B 113 -4.25 21.14 -38.52
CA LYS B 113 -5.15 22.29 -38.53
C LYS B 113 -5.00 23.11 -37.24
N PRO B 114 -5.19 24.42 -37.31
CA PRO B 114 -5.17 25.22 -36.08
C PRO B 114 -6.42 24.99 -35.24
N ASP B 115 -6.25 24.26 -34.14
CA ASP B 115 -7.35 23.86 -33.28
C ASP B 115 -6.95 24.17 -31.84
N PRO B 116 -7.88 24.07 -30.89
CA PRO B 116 -7.49 24.13 -29.48
C PRO B 116 -6.48 23.04 -29.11
N LEU B 117 -5.56 23.39 -28.21
CA LEU B 117 -4.41 22.55 -27.96
C LEU B 117 -4.77 21.29 -27.18
N SER B 118 -5.90 21.32 -26.47
CA SER B 118 -6.36 20.11 -25.79
C SER B 118 -6.86 19.08 -26.80
N SER B 119 -7.50 19.55 -27.88
CA SER B 119 -7.88 18.65 -28.96
C SER B 119 -6.65 18.05 -29.64
N LYS B 120 -5.60 18.85 -29.80
CA LYS B 120 -4.35 18.33 -30.35
C LYS B 120 -3.71 17.29 -29.43
N GLU B 121 -3.75 17.54 -28.12
CA GLU B 121 -3.20 16.57 -27.17
C GLU B 121 -3.99 15.27 -27.19
N LEU B 122 -5.32 15.37 -27.27
CA LEU B 122 -6.15 14.16 -27.34
C LEU B 122 -5.93 13.41 -28.65
N SER B 123 -5.71 14.14 -29.75
CA SER B 123 -5.37 13.51 -31.02
C SER B 123 -4.03 12.78 -30.93
N ILE B 124 -3.06 13.39 -30.24
CA ILE B 124 -1.76 12.75 -30.03
C ILE B 124 -1.90 11.46 -29.25
N VAL B 125 -2.69 11.49 -28.16
CA VAL B 125 -2.90 10.30 -27.36
C VAL B 125 -3.64 9.22 -28.15
N THR B 126 -4.65 9.62 -28.94
CA THR B 126 -5.41 8.66 -29.74
C THR B 126 -4.54 8.03 -30.82
N LEU B 127 -3.68 8.82 -31.47
CA LEU B 127 -2.80 8.28 -32.50
C LEU B 127 -1.75 7.36 -31.91
N THR B 128 -1.25 7.70 -30.72
CA THR B 128 -0.31 6.81 -30.03
C THR B 128 -0.96 5.48 -29.69
N LYS B 129 -2.22 5.53 -29.21
CA LYS B 129 -2.95 4.30 -28.92
C LYS B 129 -3.21 3.51 -30.19
N LEU B 130 -3.51 4.20 -31.30
CA LEU B 130 -3.69 3.52 -32.59
C LEU B 130 -2.43 2.79 -33.03
N TYR B 131 -1.26 3.44 -32.91
CA TYR B 131 -0.03 2.79 -33.35
C TYR B 131 0.33 1.61 -32.45
N ILE B 132 0.15 1.76 -31.13
CA ILE B 132 0.42 0.66 -30.21
C ILE B 132 -0.51 -0.52 -30.47
N LEU B 133 -1.78 -0.24 -30.80
CA LEU B 133 -2.71 -1.33 -31.10
C LEU B 133 -2.46 -1.92 -32.49
N LEU B 134 -1.94 -1.11 -33.43
CA LEU B 134 -1.68 -1.63 -34.77
C LEU B 134 -0.43 -2.48 -34.78
N GLN B 135 0.42 -2.35 -33.76
CA GLN B 135 1.64 -3.14 -33.65
C GLN B 135 1.41 -4.66 -33.62
N ASP B 136 0.21 -5.10 -33.25
CA ASP B 136 -0.07 -6.53 -33.17
C ASP B 136 -0.13 -7.17 -34.56
N TYR B 137 -0.70 -6.48 -35.54
CA TYR B 137 -1.01 -7.06 -36.84
C TYR B 137 -0.06 -6.50 -37.90
N GLN B 138 0.70 -7.39 -38.55
CA GLN B 138 1.76 -6.95 -39.44
C GLN B 138 1.21 -6.36 -40.74
N THR B 139 0.11 -6.92 -41.24
CA THR B 139 -0.51 -6.41 -42.47
C THR B 139 -1.00 -4.97 -42.27
N LEU B 140 -1.56 -4.69 -41.11
CA LEU B 140 -2.02 -3.34 -40.82
C LEU B 140 -0.83 -2.40 -40.57
N ILE B 141 0.29 -2.94 -40.09
CA ILE B 141 1.51 -2.13 -40.02
C ILE B 141 1.96 -1.72 -41.42
N ARG B 142 1.94 -2.67 -42.36
CA ARG B 142 2.34 -2.35 -43.73
C ARG B 142 1.36 -1.40 -44.39
N GLU B 143 0.06 -1.52 -44.07
CA GLU B 143 -0.94 -0.71 -44.76
C GLU B 143 -1.11 0.66 -44.11
N MET B 144 -1.05 0.74 -42.78
CA MET B 144 -1.48 1.93 -42.05
C MET B 144 -0.35 2.66 -41.35
N ALA B 145 0.44 1.95 -40.53
CA ALA B 145 1.40 2.63 -39.66
C ALA B 145 2.56 3.22 -40.45
N THR B 146 3.17 2.42 -41.33
CA THR B 146 4.35 2.81 -42.10
C THR B 146 4.12 4.02 -43.01
N PRO B 147 3.02 4.13 -43.81
CA PRO B 147 2.85 5.35 -44.63
C PRO B 147 2.52 6.58 -43.81
N THR B 148 1.66 6.43 -42.80
CA THR B 148 1.11 7.59 -42.10
C THR B 148 2.09 8.13 -41.06
N LEU B 149 3.01 7.30 -40.59
CA LEU B 149 3.88 7.70 -39.48
C LEU B 149 4.84 8.86 -39.76
N PRO B 150 5.56 8.96 -40.90
CA PRO B 150 6.42 10.13 -41.10
C PRO B 150 5.67 11.45 -41.13
N GLY B 151 4.44 11.46 -41.64
CA GLY B 151 3.64 12.68 -41.60
C GLY B 151 3.29 13.09 -40.18
N TYR B 152 2.96 12.12 -39.33
CA TYR B 152 2.66 12.42 -37.93
C TYR B 152 3.89 12.95 -37.20
N ALA B 153 5.06 12.32 -37.45
CA ALA B 153 6.29 12.78 -36.82
C ALA B 153 6.67 14.18 -37.29
N THR B 154 6.48 14.47 -38.58
CA THR B 154 6.75 15.80 -39.11
C THR B 154 5.80 16.82 -38.50
N ALA B 155 4.52 16.46 -38.33
CA ALA B 155 3.55 17.37 -37.74
C ALA B 155 3.87 17.68 -36.29
N CYS B 156 4.37 16.68 -35.54
CA CYS B 156 4.75 16.93 -34.15
C CYS B 156 6.03 17.77 -34.06
N LEU B 157 7.02 17.44 -34.89
CA LEU B 157 8.28 18.16 -34.83
C LEU B 157 8.14 19.60 -35.35
N GLN B 158 7.13 19.84 -36.21
CA GLN B 158 6.82 21.20 -36.61
C GLN B 158 6.34 22.02 -35.42
N LEU B 159 5.58 21.39 -34.53
CA LEU B 159 5.08 22.10 -33.36
C LEU B 159 6.18 22.34 -32.34
N ILE B 160 7.01 21.34 -32.04
CA ILE B 160 7.90 21.49 -30.89
C ILE B 160 9.26 22.05 -31.31
N LYS B 161 9.44 22.39 -32.58
CA LYS B 161 10.71 22.98 -32.98
C LYS B 161 10.79 24.43 -32.48
N PRO B 162 11.90 24.84 -31.88
CA PRO B 162 12.02 26.20 -31.37
C PRO B 162 12.54 27.13 -32.45
N PRO B 163 11.79 28.18 -32.78
CA PRO B 163 12.34 29.24 -33.65
C PRO B 163 12.98 30.34 -32.82
N ALA B 164 13.93 29.93 -31.97
CA ALA B 164 14.40 30.78 -30.87
C ALA B 164 15.16 32.01 -31.38
N SER B 165 15.71 31.93 -32.60
CA SER B 165 16.31 33.11 -33.21
C SER B 165 15.26 34.18 -33.50
N GLY B 166 14.06 33.76 -33.92
CA GLY B 166 13.04 34.73 -34.28
C GLY B 166 12.13 35.09 -33.12
N ARG B 167 11.69 34.10 -32.35
CA ARG B 167 10.65 34.31 -31.35
C ARG B 167 10.76 33.18 -30.32
N PRO B 168 10.22 33.39 -29.11
CA PRO B 168 10.11 32.28 -28.18
C PRO B 168 9.03 31.29 -28.61
N LEU B 169 8.92 30.20 -27.86
CA LEU B 169 8.01 29.12 -28.23
C LEU B 169 6.56 29.55 -28.12
N LYS B 170 5.85 29.49 -29.24
CA LYS B 170 4.41 29.73 -29.23
C LYS B 170 3.67 28.58 -28.56
N VAL B 171 4.29 27.42 -28.50
CA VAL B 171 3.65 26.23 -27.90
C VAL B 171 4.03 26.15 -26.43
N PRO B 172 3.08 25.89 -25.53
CA PRO B 172 3.43 25.71 -24.12
C PRO B 172 4.27 24.46 -23.90
N LEU B 173 5.00 24.46 -22.79
CA LEU B 173 5.96 23.39 -22.52
C LEU B 173 5.26 22.09 -22.13
N ASN B 174 4.00 22.18 -21.70
CA ASN B 174 3.23 20.97 -21.40
C ASN B 174 2.90 20.22 -22.70
N PHE B 175 2.67 20.95 -23.79
CA PHE B 175 2.44 20.30 -25.07
C PHE B 175 3.74 19.70 -25.61
N VAL B 176 4.88 20.34 -25.34
CA VAL B 176 6.18 19.75 -25.70
C VAL B 176 6.39 18.47 -24.91
N ASP B 177 5.96 18.46 -23.65
CA ASP B 177 5.98 17.25 -22.82
C ASP B 177 5.12 16.16 -23.45
N THR B 178 3.94 16.52 -23.94
CA THR B 178 3.05 15.55 -24.58
C THR B 178 3.67 14.94 -25.84
N VAL B 179 4.27 15.79 -26.68
CA VAL B 179 4.87 15.31 -27.92
C VAL B 179 6.07 14.42 -27.63
N ALA B 180 6.90 14.81 -26.65
CA ALA B 180 8.04 13.98 -26.26
C ALA B 180 7.58 12.64 -25.70
N TRP B 181 6.47 12.64 -24.94
CA TRP B 181 5.92 11.40 -24.40
C TRP B 181 5.46 10.47 -25.52
N SER B 182 4.81 11.02 -26.56
CA SER B 182 4.37 10.18 -27.67
C SER B 182 5.56 9.64 -28.48
N LEU B 183 6.53 10.50 -28.77
CA LEU B 183 7.68 10.07 -29.54
C LEU B 183 8.53 9.06 -28.77
N SER B 184 8.47 9.09 -27.43
CA SER B 184 9.17 8.10 -26.62
C SER B 184 8.64 6.69 -26.89
N LYS B 185 7.33 6.56 -27.06
CA LYS B 185 6.77 5.26 -27.43
C LYS B 185 7.12 4.91 -28.87
N LEU B 186 7.05 5.89 -29.77
CA LEU B 186 7.17 5.56 -31.19
C LEU B 186 8.60 5.24 -31.60
N VAL B 187 9.61 5.78 -30.90
CA VAL B 187 10.99 5.41 -31.22
C VAL B 187 11.27 3.98 -30.80
N VAL B 188 10.60 3.52 -29.72
CA VAL B 188 10.75 2.13 -29.30
C VAL B 188 10.04 1.20 -30.27
N LEU B 189 8.84 1.57 -30.71
CA LEU B 189 8.09 0.68 -31.59
C LEU B 189 8.63 0.70 -33.02
N TYR B 190 8.68 1.87 -33.65
CA TYR B 190 9.12 2.00 -35.03
C TYR B 190 10.46 2.72 -35.05
N SER B 191 11.55 1.94 -35.01
CA SER B 191 12.87 2.55 -34.96
C SER B 191 13.29 3.08 -36.33
N THR B 192 13.05 2.30 -37.39
CA THR B 192 13.58 2.65 -38.70
C THR B 192 12.84 3.82 -39.31
N THR B 193 11.52 3.91 -39.07
CA THR B 193 10.75 5.03 -39.59
C THR B 193 11.10 6.33 -38.86
N MET B 194 11.36 6.23 -37.55
CA MET B 194 11.66 7.43 -36.77
C MET B 194 13.14 7.77 -36.79
N ARG B 195 13.95 6.94 -37.45
CA ARG B 195 15.38 7.21 -37.56
C ARG B 195 15.75 8.54 -38.23
N PRO B 196 15.12 8.99 -39.34
CA PRO B 196 15.54 10.29 -39.90
C PRO B 196 15.27 11.49 -39.01
N PHE B 197 14.39 11.37 -38.01
CA PHE B 197 14.02 12.52 -37.21
C PHE B 197 14.84 12.68 -35.94
N SER B 198 15.84 11.81 -35.70
CA SER B 198 16.58 11.84 -34.44
C SER B 198 17.41 13.10 -34.29
N GLY B 199 18.01 13.58 -35.39
CA GLY B 199 18.79 14.81 -35.34
C GLY B 199 17.94 16.02 -35.03
N GLN B 200 16.69 16.03 -35.48
CA GLN B 200 15.78 17.12 -35.13
C GLN B 200 15.31 17.01 -33.69
N ILE B 201 15.06 15.77 -33.22
CA ILE B 201 14.59 15.58 -31.85
C ILE B 201 15.65 16.00 -30.84
N LYS B 202 16.92 15.69 -31.14
CA LYS B 202 18.01 16.08 -30.23
C LYS B 202 18.12 17.60 -30.13
N SER B 203 18.03 18.31 -31.26
CA SER B 203 18.10 19.76 -31.24
C SER B 203 16.89 20.37 -30.55
N ALA B 204 15.73 19.73 -30.67
CA ALA B 204 14.54 20.24 -30.01
C ALA B 204 14.58 20.03 -28.50
N LEU B 205 15.16 18.92 -28.06
CA LEU B 205 15.18 18.56 -26.64
C LEU B 205 16.46 18.95 -25.93
N ARG B 206 17.41 19.59 -26.61
CA ARG B 206 18.60 20.09 -25.94
C ARG B 206 18.36 21.00 -24.73
N PRO B 207 17.46 22.01 -24.75
CA PRO B 207 17.38 22.91 -23.58
C PRO B 207 16.80 22.28 -22.32
N TYR B 208 16.10 21.16 -22.42
CA TYR B 208 15.35 20.64 -21.28
C TYR B 208 16.06 19.51 -20.54
N ILE B 209 17.33 19.26 -20.80
CA ILE B 209 18.01 18.13 -20.16
C ILE B 209 18.54 18.53 -18.79
N ALA B 210 19.20 19.69 -18.70
CA ALA B 210 19.67 20.22 -17.42
C ALA B 210 19.50 21.73 -17.42
N PRO B 211 18.29 22.21 -17.14
CA PRO B 211 18.06 23.66 -17.13
C PRO B 211 18.76 24.33 -15.95
N THR B 212 19.16 25.57 -16.15
CA THR B 212 19.82 26.36 -15.11
C THR B 212 19.07 27.66 -14.92
N SER B 213 19.53 28.45 -13.93
CA SER B 213 18.89 29.73 -13.65
C SER B 213 19.24 30.76 -14.72
N SER B 214 20.35 30.57 -15.42
CA SER B 214 20.77 31.49 -16.47
C SER B 214 19.94 31.36 -17.72
N ASP B 215 19.19 30.26 -17.84
CA ASP B 215 18.34 30.07 -19.01
C ASP B 215 17.13 30.99 -18.99
N ASN B 216 16.77 31.50 -17.81
CA ASN B 216 15.69 32.45 -17.57
C ASN B 216 14.32 31.95 -18.03
N VAL B 217 14.07 30.64 -17.99
CA VAL B 217 12.78 30.06 -18.29
C VAL B 217 12.52 28.92 -17.32
N VAL B 218 11.28 28.80 -16.84
CA VAL B 218 10.94 27.73 -15.92
C VAL B 218 10.50 26.50 -16.71
N VAL B 219 11.20 25.39 -16.49
CA VAL B 219 10.94 24.13 -17.19
C VAL B 219 10.21 23.21 -16.24
N PRO B 220 9.05 22.66 -16.61
CA PRO B 220 8.38 21.70 -15.75
C PRO B 220 9.19 20.42 -15.62
N GLN B 221 9.00 19.73 -14.49
CA GLN B 221 9.79 18.53 -14.20
C GLN B 221 9.46 17.42 -15.19
N SER B 222 8.18 17.30 -15.57
CA SER B 222 7.77 16.26 -16.51
C SER B 222 8.40 16.48 -17.89
N LEU B 223 8.58 17.74 -18.29
CA LEU B 223 9.25 18.04 -19.54
C LEU B 223 10.70 17.57 -19.53
N LYS B 224 11.42 17.82 -18.43
CA LYS B 224 12.80 17.36 -18.32
C LYS B 224 12.86 15.83 -18.31
N GLU B 225 11.97 15.18 -17.56
CA GLU B 225 11.98 13.73 -17.50
C GLU B 225 11.70 13.09 -18.85
N ASN B 226 10.70 13.59 -19.57
CA ASN B 226 10.38 13.00 -20.87
C ASN B 226 11.39 13.39 -21.95
N SER B 227 12.04 14.54 -21.81
CA SER B 227 13.12 14.90 -22.72
C SER B 227 14.31 13.96 -22.55
N ARG B 228 14.69 13.69 -21.30
CA ARG B 228 15.76 12.75 -21.03
C ARG B 228 15.39 11.35 -21.50
N ASN B 229 14.14 10.94 -21.25
CA ASN B 229 13.68 9.62 -21.69
C ASN B 229 13.73 9.49 -23.21
N LEU B 230 13.33 10.53 -23.93
CA LEU B 230 13.34 10.46 -25.38
C LEU B 230 14.77 10.48 -25.94
N LEU B 231 15.67 11.26 -25.33
CA LEU B 231 17.04 11.25 -25.84
C LEU B 231 17.75 9.95 -25.53
N ILE B 232 17.40 9.29 -24.43
CA ILE B 232 17.96 7.97 -24.16
C ILE B 232 17.35 6.92 -25.09
N LEU B 233 16.05 7.03 -25.37
CA LEU B 233 15.39 6.03 -26.21
C LEU B 233 15.66 6.28 -27.69
N LEU B 234 16.29 7.40 -28.04
CA LEU B 234 16.68 7.65 -29.42
C LEU B 234 17.81 6.75 -29.88
N THR B 235 18.45 6.02 -28.97
CA THR B 235 19.50 5.09 -29.37
C THR B 235 18.92 3.89 -30.13
N TYR B 236 17.61 3.67 -30.01
CA TYR B 236 16.94 2.60 -30.75
C TYR B 236 17.03 2.82 -32.26
N THR B 237 17.13 4.07 -32.68
CA THR B 237 17.11 4.41 -34.10
C THR B 237 18.51 4.39 -34.70
N ALA B 238 19.50 3.92 -33.94
CA ALA B 238 20.86 3.88 -34.43
C ALA B 238 21.00 2.84 -35.54
N PRO B 239 21.60 3.21 -36.68
CA PRO B 239 21.70 2.26 -37.79
C PRO B 239 22.75 1.20 -37.54
N LYS B 240 22.58 0.06 -38.23
CA LYS B 240 23.53 -1.06 -38.23
C LYS B 240 23.78 -1.60 -36.82
N ASN B 241 22.72 -1.67 -36.01
CA ASN B 241 22.75 -2.19 -34.64
C ASN B 241 23.76 -1.46 -33.77
N GLY B 242 23.82 -0.13 -33.92
CA GLY B 242 24.74 0.69 -33.15
C GLY B 242 24.16 1.28 -31.89
N SER B 243 23.07 0.71 -31.37
CA SER B 243 22.37 1.26 -30.21
C SER B 243 23.23 1.27 -28.96
N SER B 244 23.92 0.15 -28.70
CA SER B 244 24.70 0.01 -27.47
C SER B 244 25.89 0.96 -27.46
N ASP B 245 26.57 1.12 -28.59
CA ASP B 245 27.70 2.03 -28.67
C ASP B 245 27.27 3.47 -28.43
N GLU B 246 26.14 3.87 -29.02
CA GLU B 246 25.62 5.22 -28.79
C GLU B 246 25.23 5.43 -27.33
N TRP B 247 24.63 4.41 -26.71
CA TRP B 247 24.26 4.49 -25.30
C TRP B 247 25.49 4.67 -24.42
N VAL B 248 26.55 3.89 -24.67
CA VAL B 248 27.77 3.98 -23.88
C VAL B 248 28.45 5.33 -24.07
N LYS B 249 28.54 5.80 -25.33
CA LYS B 249 29.16 7.10 -25.59
C LYS B 249 28.37 8.23 -24.92
N ALA B 250 27.04 8.15 -24.95
CA ALA B 250 26.22 9.19 -24.35
C ALA B 250 26.38 9.22 -22.83
N ILE B 251 26.37 8.05 -22.18
CA ILE B 251 26.48 8.04 -20.73
C ILE B 251 27.88 8.47 -20.28
N ARG B 252 28.92 8.10 -21.06
CA ARG B 252 30.27 8.53 -20.70
C ARG B 252 30.46 10.02 -20.93
N ALA B 253 29.84 10.58 -21.97
CA ALA B 253 29.87 12.01 -22.19
C ALA B 253 29.17 12.76 -21.06
N THR B 254 28.06 12.20 -20.56
CA THR B 254 27.38 12.81 -19.42
C THR B 254 28.24 12.77 -18.17
N ILE B 255 28.96 11.66 -17.93
CA ILE B 255 29.86 11.58 -16.77
C ILE B 255 30.98 12.61 -16.87
N LEU B 256 31.58 12.75 -18.07
CA LEU B 256 32.63 13.75 -18.26
C LEU B 256 32.09 15.16 -18.08
N ASP B 257 30.85 15.41 -18.52
CA ASP B 257 30.23 16.72 -18.32
C ASP B 257 30.00 17.01 -16.84
N CYS B 258 29.59 15.98 -16.08
CA CYS B 258 29.49 16.11 -14.63
C CYS B 258 30.81 16.48 -14.00
N HIS B 259 31.89 15.82 -14.42
CA HIS B 259 33.21 16.11 -13.86
C HIS B 259 33.68 17.52 -14.20
N THR B 260 33.44 17.96 -15.45
CA THR B 260 33.90 19.29 -15.85
C THR B 260 33.11 20.38 -15.16
N THR B 261 31.82 20.16 -14.91
CA THR B 261 31.05 21.12 -14.12
C THR B 261 31.47 21.09 -12.66
N ALA B 262 31.83 19.90 -12.15
CA ALA B 262 32.25 19.76 -10.76
C ALA B 262 33.56 20.49 -10.48
N ASP B 263 34.44 20.56 -11.49
CA ASP B 263 35.65 21.37 -11.36
C ASP B 263 35.31 22.83 -11.05
N GLN B 264 34.43 23.42 -11.87
CA GLN B 264 34.09 24.83 -11.71
C GLN B 264 33.23 25.07 -10.49
N VAL B 265 32.53 24.03 -10.01
CA VAL B 265 31.79 24.18 -8.76
C VAL B 265 32.73 24.14 -7.57
N PHE B 266 33.65 23.17 -7.53
CA PHE B 266 34.55 22.97 -6.40
C PHE B 266 35.87 23.70 -6.59
N ARG B 267 35.88 24.77 -7.41
CA ARG B 267 37.06 25.63 -7.48
C ARG B 267 37.40 26.24 -6.12
N ALA B 268 36.40 26.48 -5.27
CA ALA B 268 36.64 27.19 -4.01
C ALA B 268 37.32 26.30 -2.98
N VAL B 269 37.15 24.99 -3.08
CA VAL B 269 37.63 24.04 -2.08
C VAL B 269 38.76 23.22 -2.67
N ARG B 270 39.88 23.15 -1.95
CA ARG B 270 40.96 22.25 -2.32
C ARG B 270 40.51 20.80 -2.11
N GLU B 271 40.64 20.00 -3.16
CA GLU B 271 40.08 18.66 -3.21
C GLU B 271 41.20 17.64 -2.98
N SER B 272 41.00 16.74 -2.02
CA SER B 272 41.98 15.69 -1.77
C SER B 272 41.69 14.46 -2.62
N TRP B 273 40.62 14.50 -3.40
CA TRP B 273 40.19 13.34 -4.16
C TRP B 273 41.12 13.07 -5.34
N GLU B 274 41.45 11.81 -5.54
CA GLU B 274 42.23 11.35 -6.68
C GLU B 274 41.49 10.20 -7.35
N SER B 275 41.46 10.21 -8.68
CA SER B 275 40.56 9.35 -9.43
C SER B 275 41.09 7.93 -9.52
N THR B 276 40.18 6.96 -9.38
CA THR B 276 40.51 5.57 -9.69
C THR B 276 40.56 5.35 -11.19
N THR B 277 39.64 5.95 -11.94
CA THR B 277 39.56 5.72 -13.38
C THR B 277 40.70 6.41 -14.12
N GLY B 278 41.10 7.59 -13.66
CA GLY B 278 42.18 8.30 -14.31
C GLY B 278 41.82 9.70 -14.76
N TYR B 279 40.81 10.29 -14.13
CA TYR B 279 40.45 11.67 -14.40
C TYR B 279 41.35 12.61 -13.60
N HIS B 280 41.70 13.74 -14.19
CA HIS B 280 42.57 14.71 -13.55
C HIS B 280 41.88 16.07 -13.51
N ILE B 281 41.88 16.70 -12.34
CA ILE B 281 41.24 18.00 -12.20
C ILE B 281 42.11 19.06 -12.84
N GLN B 282 41.57 19.72 -13.85
CA GLN B 282 42.28 20.79 -14.54
C GLN B 282 42.37 22.03 -13.65
N PRO B 283 43.41 22.85 -13.83
CA PRO B 283 43.47 24.13 -13.12
C PRO B 283 42.31 25.04 -13.52
N VAL B 284 41.78 25.76 -12.53
CA VAL B 284 40.60 26.61 -12.70
C VAL B 284 41.00 28.03 -12.32
N ASN B 285 40.65 28.99 -13.17
CA ASN B 285 40.94 30.39 -12.89
C ASN B 285 40.13 30.87 -11.70
N ALA B 286 40.84 31.43 -10.72
CA ALA B 286 40.18 31.88 -9.49
C ALA B 286 39.44 33.19 -9.70
N THR B 287 39.87 33.99 -10.67
CA THR B 287 39.26 35.30 -10.88
C THR B 287 37.89 35.15 -11.52
N GLY B 288 36.92 35.91 -11.00
CA GLY B 288 35.58 35.93 -11.55
C GLY B 288 34.73 34.76 -11.06
N GLU B 289 33.47 34.82 -11.42
CA GLU B 289 32.53 33.77 -11.06
C GLU B 289 32.79 32.51 -11.88
N PRO B 290 32.43 31.33 -11.36
CA PRO B 290 32.51 30.12 -12.18
C PRO B 290 31.57 30.18 -13.37
N SER B 291 31.99 29.57 -14.48
CA SER B 291 31.23 29.60 -15.71
C SER B 291 31.55 28.35 -16.52
N GLY B 292 30.67 28.05 -17.47
CA GLY B 292 30.84 26.88 -18.32
C GLY B 292 29.79 26.76 -19.40
N GLY B 293 29.67 25.58 -20.00
CA GLY B 293 28.69 25.35 -21.04
C GLY B 293 29.09 25.94 -22.37
N GLY B 294 28.18 25.81 -23.33
CA GLY B 294 28.46 26.31 -24.67
C GLY B 294 27.27 26.16 -25.58
N ASP B 295 27.45 26.63 -26.81
CA ASP B 295 26.39 26.61 -27.82
C ASP B 295 26.57 25.42 -28.76
N SER B 296 27.58 24.58 -28.52
CA SER B 296 27.83 23.44 -29.40
C SER B 296 26.75 22.36 -29.20
N VAL B 297 26.71 21.41 -30.14
CA VAL B 297 25.71 20.36 -30.10
C VAL B 297 25.99 19.40 -28.95
N ASP B 298 27.25 19.04 -28.77
CA ASP B 298 27.62 18.13 -27.68
C ASP B 298 27.51 18.79 -26.32
N GLU B 299 27.75 20.11 -26.26
CA GLU B 299 27.72 20.81 -24.99
C GLU B 299 26.30 21.23 -24.63
N LEU B 300 25.98 21.20 -23.34
CA LEU B 300 24.73 21.71 -22.84
C LEU B 300 24.77 23.25 -22.85
N PRO B 301 23.60 23.91 -22.79
CA PRO B 301 23.58 25.39 -22.87
C PRO B 301 24.40 26.06 -21.78
N PRO B 302 24.98 27.22 -22.07
CA PRO B 302 25.95 27.83 -21.15
C PRO B 302 25.31 28.30 -19.85
N TRP B 303 26.11 28.28 -18.79
CA TRP B 303 25.71 28.72 -17.47
C TRP B 303 26.78 29.64 -16.90
N SER B 304 26.39 30.50 -15.97
CA SER B 304 27.32 31.36 -15.26
C SER B 304 26.78 31.63 -13.87
N GLY B 305 27.64 31.47 -12.87
CA GLY B 305 27.21 31.57 -11.48
C GLY B 305 27.30 30.23 -10.78
N LEU B 306 27.57 30.28 -9.47
CA LEU B 306 27.76 29.03 -8.72
C LEU B 306 26.45 28.28 -8.54
N GLN B 307 25.35 29.00 -8.33
CA GLN B 307 24.05 28.35 -8.20
C GLN B 307 23.62 27.73 -9.52
N ALA B 308 23.90 28.41 -10.65
CA ALA B 308 23.60 27.84 -11.95
C ALA B 308 24.47 26.62 -12.23
N GLY B 309 25.73 26.64 -11.79
CA GLY B 309 26.57 25.45 -11.92
C GLY B 309 26.07 24.28 -11.09
N ALA B 310 25.58 24.57 -9.89
CA ALA B 310 24.99 23.53 -9.05
C ALA B 310 23.73 22.97 -9.69
N GLU B 311 22.91 23.83 -10.31
CA GLU B 311 21.72 23.36 -11.00
C GLU B 311 22.08 22.50 -12.20
N ARG B 312 23.13 22.89 -12.94
CA ARG B 312 23.59 22.09 -14.06
C ARG B 312 24.10 20.72 -13.61
N LEU B 313 24.86 20.68 -12.51
CA LEU B 313 25.34 19.41 -11.98
C LEU B 313 24.19 18.53 -11.51
N THR B 314 23.19 19.14 -10.87
CA THR B 314 22.01 18.38 -10.44
C THR B 314 21.22 17.84 -11.63
N GLY B 315 21.08 18.64 -12.68
CA GLY B 315 20.40 18.17 -13.87
C GLY B 315 21.14 17.05 -14.59
N LEU B 316 22.48 17.14 -14.61
CA LEU B 316 23.27 16.06 -15.19
C LEU B 316 23.16 14.78 -14.37
N LEU B 317 23.11 14.90 -13.05
CA LEU B 317 22.90 13.72 -12.20
C LEU B 317 21.51 13.13 -12.41
N GLU B 318 20.50 13.97 -12.62
CA GLU B 318 19.16 13.46 -12.92
C GLU B 318 19.12 12.81 -14.30
N TYR B 319 19.91 13.31 -15.25
CA TYR B 319 20.05 12.66 -16.55
C TYR B 319 20.66 11.28 -16.40
N LEU B 320 21.69 11.16 -15.54
CA LEU B 320 22.30 9.87 -15.28
C LEU B 320 21.33 8.92 -14.59
N THR B 321 20.44 9.46 -13.75
CA THR B 321 19.35 8.67 -13.19
C THR B 321 18.40 8.16 -14.27
N ALA B 322 18.06 9.05 -15.22
CA ALA B 322 17.14 8.67 -16.29
C ALA B 322 17.76 7.64 -17.22
N TYR B 323 19.10 7.56 -17.26
CA TYR B 323 19.76 6.48 -17.98
C TYR B 323 19.37 5.11 -17.42
N PHE B 324 19.32 5.01 -16.09
CA PHE B 324 18.96 3.73 -15.47
C PHE B 324 17.45 3.53 -15.45
N ASN B 325 16.69 4.61 -15.63
CA ASN B 325 15.23 4.47 -15.67
C ASN B 325 14.75 3.84 -16.98
N ASN B 326 15.34 4.24 -18.10
CA ASN B 326 14.83 3.83 -19.40
C ASN B 326 15.40 2.48 -19.84
N PRO B 327 14.67 1.74 -20.69
CA PRO B 327 15.20 0.48 -21.21
C PRO B 327 16.12 0.68 -22.40
N THR B 328 16.75 -0.43 -22.82
CA THR B 328 17.66 -0.46 -23.95
C THR B 328 17.23 -1.55 -24.93
N ARG B 329 17.53 -1.35 -26.21
CA ARG B 329 17.19 -2.35 -27.22
C ARG B 329 18.14 -3.53 -27.20
N ALA B 330 19.43 -3.28 -26.95
CA ALA B 330 20.47 -4.29 -26.99
C ALA B 330 21.23 -4.22 -25.68
N PRO B 331 21.97 -5.28 -25.32
CA PRO B 331 22.83 -5.21 -24.13
C PRO B 331 23.87 -4.09 -24.25
N VAL B 332 24.05 -3.37 -23.14
CA VAL B 332 24.90 -2.19 -23.10
C VAL B 332 25.90 -2.34 -21.96
N ASN B 333 27.03 -1.65 -22.09
CA ASN B 333 28.05 -1.64 -21.05
C ASN B 333 27.83 -0.43 -20.14
N VAL B 334 27.60 -0.70 -18.87
CA VAL B 334 27.30 0.34 -17.89
C VAL B 334 28.56 0.65 -17.09
N PRO B 335 29.14 1.83 -17.24
CA PRO B 335 30.38 2.16 -16.49
C PRO B 335 30.12 2.46 -15.02
N LEU B 336 30.01 1.40 -14.22
CA LEU B 336 29.73 1.56 -12.80
C LEU B 336 30.92 2.15 -12.06
N GLY B 337 32.14 1.85 -12.51
CA GLY B 337 33.32 2.40 -11.87
C GLY B 337 33.44 3.91 -12.03
N GLU B 338 33.13 4.41 -13.23
CA GLU B 338 33.18 5.84 -13.48
C GLU B 338 32.13 6.60 -12.67
N LEU B 339 30.91 6.05 -12.62
CA LEU B 339 29.85 6.66 -11.83
C LEU B 339 30.19 6.62 -10.35
N LEU B 340 30.78 5.53 -9.88
CA LEU B 340 31.17 5.41 -8.49
C LEU B 340 32.25 6.43 -8.12
N ASP B 341 33.24 6.60 -9.00
CA ASP B 341 34.27 7.61 -8.78
C ASP B 341 33.70 9.02 -8.79
N LEU B 342 32.78 9.29 -9.71
CA LEU B 342 32.15 10.61 -9.79
C LEU B 342 31.34 10.91 -8.53
N THR B 343 30.56 9.94 -8.06
CA THR B 343 29.76 10.17 -6.85
C THR B 343 30.65 10.30 -5.62
N THR B 344 31.76 9.55 -5.59
CA THR B 344 32.73 9.71 -4.51
C THR B 344 33.31 11.12 -4.50
N ARG B 345 33.65 11.64 -5.68
CA ARG B 345 34.19 12.99 -5.77
C ARG B 345 33.17 14.03 -5.32
N LEU B 346 31.91 13.88 -5.71
CA LEU B 346 30.90 14.87 -5.33
C LEU B 346 30.54 14.77 -3.84
N THR B 347 30.60 13.58 -3.26
CA THR B 347 30.20 13.43 -1.87
C THR B 347 31.35 13.71 -0.91
N LEU B 348 32.59 13.73 -1.41
CA LEU B 348 33.71 14.04 -0.54
C LEU B 348 33.70 15.51 -0.10
N VAL B 349 33.12 16.39 -0.91
CA VAL B 349 33.05 17.79 -0.55
C VAL B 349 31.81 18.04 0.30
N ILE B 350 32.02 18.37 1.57
CA ILE B 350 30.93 18.54 2.52
C ILE B 350 31.00 19.92 3.13
N PRO B 351 29.85 20.51 3.46
CA PRO B 351 29.86 21.84 4.08
C PRO B 351 30.15 21.74 5.56
N PRO B 352 30.83 22.75 6.12
CA PRO B 352 31.22 22.68 7.54
C PRO B 352 30.02 22.84 8.45
N SER B 353 30.12 22.23 9.63
CA SER B 353 29.15 22.50 10.69
C SER B 353 29.37 23.89 11.26
N LEU B 354 28.39 24.37 12.03
CA LEU B 354 28.46 25.71 12.59
C LEU B 354 29.60 25.82 13.60
N GLY B 355 30.46 26.81 13.40
CA GLY B 355 31.66 26.95 14.20
C GLY B 355 32.87 26.22 13.67
N ALA B 356 32.73 25.43 12.60
CA ALA B 356 33.83 24.68 12.02
C ALA B 356 34.16 25.12 10.60
N GLU B 357 33.92 26.40 10.27
CA GLU B 357 34.16 26.89 8.91
C GLU B 357 35.64 26.87 8.56
N ASP B 358 36.50 27.19 9.54
CA ASP B 358 37.93 27.29 9.27
C ASP B 358 38.59 25.93 9.09
N SER B 359 37.92 24.84 9.46
CA SER B 359 38.51 23.52 9.35
C SER B 359 38.65 23.06 7.90
N ILE B 360 37.71 23.45 7.04
CA ILE B 360 37.74 23.03 5.65
C ILE B 360 38.78 23.84 4.88
N GLU B 361 39.65 23.13 4.16
CA GLU B 361 40.69 23.76 3.36
C GLU B 361 40.06 24.41 2.13
N THR B 362 40.35 25.70 1.94
CA THR B 362 39.79 26.46 0.83
C THR B 362 40.90 27.25 0.15
N ASN B 363 40.67 27.57 -1.12
CA ASN B 363 41.56 28.46 -1.83
C ASN B 363 41.42 29.88 -1.27
N PRO B 364 42.52 30.51 -0.83
CA PRO B 364 42.41 31.85 -0.23
C PRO B 364 41.94 32.93 -1.20
N ALA B 365 42.07 32.71 -2.51
CA ALA B 365 41.69 33.73 -3.48
C ALA B 365 40.17 33.83 -3.66
N ILE B 366 39.40 32.90 -3.11
CA ILE B 366 37.96 32.89 -3.31
C ILE B 366 37.29 33.79 -2.28
N GLY B 367 36.26 34.52 -2.72
CA GLY B 367 35.52 35.35 -1.81
C GLY B 367 34.66 34.55 -0.85
N ARG B 368 34.23 35.22 0.22
CA ARG B 368 33.47 34.54 1.27
C ARG B 368 32.02 34.28 0.84
N ASP B 369 31.48 35.15 -0.01
CA ASP B 369 30.11 34.96 -0.50
C ASP B 369 30.01 33.73 -1.40
N GLU B 370 31.03 33.49 -2.24
CA GLU B 370 31.04 32.29 -3.07
C GLU B 370 31.15 31.03 -2.22
N LYS B 371 31.92 31.09 -1.13
CA LYS B 371 31.99 29.98 -0.20
C LYS B 371 30.62 29.73 0.45
N ALA B 372 29.91 30.79 0.82
CA ALA B 372 28.59 30.64 1.41
C ALA B 372 27.60 30.02 0.42
N GLU B 373 27.66 30.46 -0.84
CA GLU B 373 26.79 29.90 -1.87
C GLU B 373 27.11 28.43 -2.13
N LEU B 374 28.40 28.07 -2.06
CA LEU B 374 28.79 26.67 -2.23
C LEU B 374 28.28 25.81 -1.08
N TRP B 375 28.39 26.31 0.16
CA TRP B 375 27.88 25.56 1.30
C TRP B 375 26.37 25.42 1.24
N SER B 376 25.68 26.42 0.67
CA SER B 376 24.25 26.31 0.48
C SER B 376 23.90 25.32 -0.62
N ALA B 377 24.73 25.23 -1.66
CA ALA B 377 24.36 24.47 -2.85
C ALA B 377 24.75 23.00 -2.74
N LEU B 378 25.66 22.67 -1.84
CA LEU B 378 26.10 21.28 -1.67
C LEU B 378 25.00 20.26 -1.35
N PRO B 379 24.02 20.51 -0.45
CA PRO B 379 23.04 19.46 -0.16
C PRO B 379 22.17 19.04 -1.34
N ASP B 380 21.88 19.95 -2.28
CA ASP B 380 21.09 19.56 -3.45
C ASP B 380 21.86 18.62 -4.36
N ILE B 381 23.16 18.89 -4.56
CA ILE B 381 24.03 17.99 -5.32
C ILE B 381 24.09 16.63 -4.63
N HIS B 382 24.22 16.64 -3.30
CA HIS B 382 24.26 15.39 -2.55
C HIS B 382 22.96 14.60 -2.67
N HIS B 383 21.82 15.31 -2.66
CA HIS B 383 20.52 14.68 -2.83
C HIS B 383 20.38 14.04 -4.21
N ALA B 384 20.86 14.74 -5.24
CA ALA B 384 20.84 14.16 -6.59
C ALA B 384 21.73 12.93 -6.68
N VAL B 385 22.88 12.95 -6.00
CA VAL B 385 23.75 11.78 -5.96
C VAL B 385 23.05 10.60 -5.30
N LEU B 386 22.35 10.86 -4.19
CA LEU B 386 21.65 9.78 -3.49
C LEU B 386 20.51 9.21 -4.35
N ARG B 387 19.80 10.08 -5.08
CA ARG B 387 18.76 9.59 -5.99
C ARG B 387 19.35 8.77 -7.12
N LEU B 388 20.52 9.17 -7.62
CA LEU B 388 21.23 8.38 -8.63
C LEU B 388 21.57 6.99 -8.09
N HIS B 389 22.04 6.93 -6.84
CA HIS B 389 22.33 5.65 -6.21
C HIS B 389 21.07 4.80 -6.08
N CYS B 390 19.94 5.43 -5.74
CA CYS B 390 18.67 4.71 -5.64
C CYS B 390 18.26 4.10 -6.98
N ALA B 391 18.41 4.86 -8.06
CA ALA B 391 18.06 4.34 -9.39
C ALA B 391 19.01 3.22 -9.82
N ILE B 392 20.30 3.37 -9.53
CA ILE B 392 21.27 2.32 -9.83
C ILE B 392 20.91 1.03 -9.11
N ILE B 393 20.56 1.14 -7.83
CA ILE B 393 20.13 -0.03 -7.05
C ILE B 393 18.88 -0.65 -7.65
N ARG B 394 17.89 0.20 -8.00
CA ARG B 394 16.61 -0.32 -8.50
C ARG B 394 16.79 -1.07 -9.81
N ARG B 395 17.66 -0.58 -10.69
CA ARG B 395 17.88 -1.29 -11.94
C ARG B 395 18.74 -2.54 -11.77
N LEU B 396 19.79 -2.46 -10.94
CA LEU B 396 20.75 -3.56 -10.91
C LEU B 396 20.27 -4.71 -10.02
N GLU B 397 19.50 -4.42 -8.97
CA GLU B 397 19.12 -5.36 -7.93
C GLU B 397 20.35 -5.99 -7.28
N ALA B 398 20.55 -7.29 -7.46
CA ALA B 398 21.60 -8.00 -6.75
C ALA B 398 22.98 -7.70 -7.32
N ASN B 399 23.04 -7.07 -8.49
CA ASN B 399 24.33 -6.74 -9.09
C ASN B 399 24.94 -5.49 -8.48
N ALA B 400 24.19 -4.78 -7.64
CA ALA B 400 24.71 -3.59 -6.97
C ALA B 400 25.38 -3.92 -5.64
N ILE B 401 25.50 -5.20 -5.31
CA ILE B 401 26.16 -5.60 -4.06
C ILE B 401 27.61 -5.13 -3.95
N PRO B 402 28.46 -5.23 -4.99
CA PRO B 402 29.84 -4.71 -4.83
C PRO B 402 29.94 -3.22 -4.54
N LEU B 403 28.93 -2.42 -4.88
CA LEU B 403 28.97 -0.98 -4.63
C LEU B 403 28.41 -0.60 -3.27
N ALA B 404 27.99 -1.59 -2.47
CA ALA B 404 27.24 -1.30 -1.24
C ALA B 404 28.07 -0.56 -0.22
N THR B 405 29.33 -0.94 -0.04
CA THR B 405 30.18 -0.29 0.96
C THR B 405 30.43 1.17 0.62
N ASP B 406 30.70 1.46 -0.65
CA ASP B 406 30.95 2.84 -1.07
C ASP B 406 29.68 3.68 -0.98
N ILE B 407 28.54 3.10 -1.35
CA ILE B 407 27.28 3.85 -1.25
C ILE B 407 26.93 4.10 0.21
N ILE B 408 27.23 3.14 1.10
CA ILE B 408 27.04 3.34 2.54
C ILE B 408 27.90 4.48 3.05
N ASP B 409 29.18 4.50 2.66
CA ASP B 409 30.08 5.56 3.11
C ASP B 409 29.63 6.93 2.62
N GLN B 410 29.22 7.01 1.35
CA GLN B 410 28.72 8.26 0.80
C GLN B 410 27.45 8.71 1.50
N MET B 411 26.53 7.78 1.76
CA MET B 411 25.26 8.12 2.41
C MET B 411 25.49 8.60 3.83
N VAL B 412 26.37 7.94 4.58
CA VAL B 412 26.66 8.36 5.95
C VAL B 412 27.32 9.73 5.96
N ARG B 413 28.27 9.98 5.05
CA ARG B 413 28.94 11.28 5.00
C ARG B 413 27.97 12.40 4.64
N VAL B 414 27.10 12.16 3.65
CA VAL B 414 26.11 13.15 3.24
C VAL B 414 25.11 13.43 4.36
N SER B 415 24.56 12.37 4.97
CA SER B 415 23.54 12.57 6.00
C SER B 415 24.12 13.20 7.26
N THR B 416 25.41 12.96 7.53
CA THR B 416 26.06 13.63 8.65
C THR B 416 26.28 15.11 8.33
N ALA B 417 26.71 15.40 7.10
CA ALA B 417 26.98 16.80 6.73
C ALA B 417 25.71 17.64 6.70
N SER B 418 24.61 17.07 6.21
CA SER B 418 23.36 17.80 6.02
C SER B 418 22.24 17.28 6.91
N LYS B 419 22.50 17.05 8.20
CA LYS B 419 21.54 16.46 9.12
C LYS B 419 20.32 17.33 9.37
N GLN B 420 20.44 18.64 9.15
CA GLN B 420 19.35 19.55 9.50
C GLN B 420 18.34 19.67 8.36
N LEU B 421 18.65 19.13 7.20
CA LEU B 421 17.75 19.22 6.05
C LEU B 421 16.83 18.02 5.99
N PRO B 422 15.50 18.20 6.05
CA PRO B 422 14.60 17.03 6.02
C PRO B 422 14.59 16.29 4.68
N SER B 423 14.81 16.99 3.57
CA SER B 423 14.77 16.33 2.27
C SER B 423 15.96 15.41 2.07
N VAL B 424 17.16 15.86 2.48
CA VAL B 424 18.35 15.02 2.42
C VAL B 424 18.19 13.80 3.32
N ARG B 425 17.61 14.00 4.51
CA ARG B 425 17.35 12.89 5.42
C ARG B 425 16.35 11.90 4.82
N GLU B 426 15.31 12.41 4.16
CA GLU B 426 14.32 11.54 3.54
C GLU B 426 14.93 10.70 2.42
N THR B 427 15.73 11.33 1.57
CA THR B 427 16.40 10.60 0.50
C THR B 427 17.40 9.59 1.07
N ALA B 428 18.05 9.94 2.18
CA ALA B 428 18.96 9.00 2.83
C ALA B 428 18.21 7.80 3.39
N TYR B 429 17.01 8.02 3.95
CA TYR B 429 16.21 6.90 4.44
C TYR B 429 15.77 5.98 3.30
N ILE B 430 15.35 6.58 2.19
CA ILE B 430 14.92 5.79 1.03
C ILE B 430 16.08 4.99 0.46
N LEU B 431 17.27 5.59 0.40
CA LEU B 431 18.45 4.86 -0.05
C LEU B 431 18.85 3.77 0.93
N ALA B 432 18.74 4.04 2.23
CA ALA B 432 19.19 3.10 3.25
C ALA B 432 18.31 1.87 3.29
N LYS B 433 17.02 2.03 3.00
CA LYS B 433 16.14 0.86 2.93
C LYS B 433 16.58 -0.10 1.83
N GLU B 434 16.90 0.42 0.64
CA GLU B 434 17.34 -0.42 -0.46
C GLU B 434 18.72 -1.03 -0.19
N ILE B 435 19.62 -0.24 0.41
CA ILE B 435 20.93 -0.74 0.80
C ILE B 435 20.81 -1.91 1.76
N LEU B 436 19.98 -1.78 2.79
CA LEU B 436 19.86 -2.85 3.78
C LEU B 436 19.13 -4.05 3.20
N LEU B 437 18.19 -3.81 2.27
CA LEU B 437 17.54 -4.92 1.59
C LEU B 437 18.53 -5.71 0.74
N LEU B 438 19.51 -5.03 0.14
CA LEU B 438 20.51 -5.78 -0.62
C LEU B 438 21.54 -6.46 0.27
N ALA B 439 22.31 -5.65 1.01
CA ALA B 439 23.47 -6.17 1.72
C ALA B 439 23.56 -5.73 3.17
N GLY B 440 22.42 -5.55 3.85
CA GLY B 440 22.47 -5.08 5.23
C GLY B 440 22.71 -6.20 6.22
N SER B 441 22.41 -7.44 5.84
CA SER B 441 22.40 -8.53 6.81
C SER B 441 23.82 -8.94 7.21
N THR B 442 24.78 -8.78 6.30
CA THR B 442 26.14 -9.21 6.54
C THR B 442 27.11 -8.06 6.81
N LEU B 443 26.62 -6.94 7.32
CA LEU B 443 27.48 -5.78 7.52
C LEU B 443 28.42 -6.01 8.69
N PRO B 444 29.64 -5.46 8.65
CA PRO B 444 30.53 -5.54 9.80
C PRO B 444 30.12 -4.58 10.90
N LYS B 445 30.91 -4.61 11.98
CA LYS B 445 30.59 -3.80 13.16
C LYS B 445 30.75 -2.31 12.89
N LEU B 446 31.80 -1.92 12.16
CA LEU B 446 32.09 -0.51 11.94
C LEU B 446 31.03 0.15 11.06
N THR B 447 30.54 -0.58 10.06
CA THR B 447 29.46 -0.07 9.22
C THR B 447 28.18 0.16 10.03
N VAL B 448 27.85 -0.76 10.94
CA VAL B 448 26.70 -0.56 11.82
C VAL B 448 26.94 0.65 12.71
N ASP B 449 28.16 0.81 13.21
CA ASP B 449 28.48 1.93 14.10
C ASP B 449 28.31 3.27 13.39
N ILE B 450 28.72 3.36 12.12
CA ILE B 450 28.55 4.62 11.41
C ILE B 450 27.11 4.76 10.92
N LEU B 451 26.35 3.66 10.90
CA LEU B 451 24.94 3.75 10.51
C LEU B 451 24.06 4.16 11.69
N ILE B 452 24.57 4.04 12.92
CA ILE B 452 23.83 4.37 14.14
C ILE B 452 23.22 5.78 14.16
N PRO B 453 23.93 6.87 13.79
CA PRO B 453 23.25 8.19 13.79
C PRO B 453 22.07 8.28 12.83
N LEU B 454 22.10 7.54 11.72
CA LEU B 454 20.96 7.52 10.81
C LEU B 454 19.74 6.87 11.47
N ILE B 455 19.96 5.79 12.24
CA ILE B 455 18.88 5.15 12.97
C ILE B 455 18.32 6.10 14.03
N GLN B 456 19.21 6.82 14.74
CA GLN B 456 18.76 7.79 15.74
C GLN B 456 17.92 8.89 15.10
N SER B 457 18.37 9.40 13.95
CA SER B 457 17.63 10.44 13.25
C SER B 457 16.27 9.96 12.77
N SER B 458 16.21 8.74 12.23
CA SER B 458 14.93 8.21 11.74
C SER B 458 13.95 7.99 12.89
N CYS B 459 14.42 7.45 14.01
CA CYS B 459 13.55 7.26 15.17
C CYS B 459 13.08 8.59 15.72
N HIS B 460 13.96 9.61 15.74
CA HIS B 460 13.57 10.93 16.22
C HIS B 460 12.51 11.55 15.31
N ASP B 461 12.65 11.39 13.99
CA ASP B 461 11.65 11.91 13.07
C ASP B 461 10.29 11.21 13.24
N ILE B 462 10.31 9.89 13.42
CA ILE B 462 9.06 9.15 13.61
C ILE B 462 8.39 9.57 14.91
N LEU B 463 9.17 9.71 15.98
CA LEU B 463 8.60 10.08 17.28
C LEU B 463 8.10 11.51 17.27
N THR B 464 8.78 12.40 16.52
CA THR B 464 8.29 13.77 16.38
C THR B 464 6.98 13.82 15.62
N ALA B 465 6.86 13.00 14.56
CA ALA B 465 5.60 12.95 13.81
C ALA B 465 4.48 12.36 14.66
N ALA B 466 4.77 11.35 15.47
CA ALA B 466 3.75 10.78 16.35
C ALA B 466 3.46 11.69 17.54
N GLY B 467 4.39 12.61 17.83
CA GLY B 467 4.21 13.54 18.92
C GLY B 467 4.58 13.02 20.30
N HIS B 468 5.06 11.78 20.40
CA HIS B 468 5.37 11.21 21.70
C HIS B 468 6.71 11.69 22.23
N ALA B 469 7.50 12.33 21.38
CA ALA B 469 8.77 12.90 21.83
C ALA B 469 8.93 14.32 21.29
N SER B 512 1.39 14.91 15.68
CA SER B 512 1.60 15.84 14.57
C SER B 512 1.20 15.21 13.24
N THR B 513 1.14 16.03 12.20
CA THR B 513 0.75 15.55 10.88
C THR B 513 1.87 14.72 10.25
N ALA B 514 1.50 13.86 9.31
CA ALA B 514 2.46 13.02 8.62
C ALA B 514 3.29 13.86 7.66
N SER B 515 4.57 13.52 7.55
CA SER B 515 5.53 14.21 6.71
C SER B 515 6.17 13.19 5.79
N PRO B 516 6.62 13.62 4.59
CA PRO B 516 7.34 12.68 3.70
C PRO B 516 8.60 12.08 4.31
N VAL B 517 9.34 12.87 5.10
CA VAL B 517 10.49 12.32 5.81
C VAL B 517 10.03 11.33 6.88
N SER B 518 8.89 11.62 7.52
CA SER B 518 8.32 10.70 8.50
C SER B 518 7.85 9.42 7.85
N GLN B 519 7.23 9.51 6.66
CA GLN B 519 6.79 8.31 5.96
C GLN B 519 7.97 7.48 5.49
N ALA B 520 9.03 8.14 5.02
CA ALA B 520 10.24 7.42 4.62
C ALA B 520 10.89 6.71 5.80
N ALA B 521 10.97 7.39 6.95
CA ALA B 521 11.53 6.75 8.13
C ALA B 521 10.64 5.63 8.67
N SER B 522 9.32 5.78 8.55
CA SER B 522 8.41 4.72 8.97
C SER B 522 8.54 3.50 8.07
N ALA B 523 8.77 3.72 6.78
CA ALA B 523 9.04 2.59 5.88
C ALA B 523 10.40 1.97 6.18
N LEU B 524 11.37 2.79 6.61
CA LEU B 524 12.69 2.27 6.94
C LEU B 524 12.68 1.48 8.24
N LEU B 525 11.74 1.79 9.14
CA LEU B 525 11.72 1.22 10.49
C LEU B 525 11.66 -0.31 10.57
N PRO B 526 10.84 -1.03 9.79
CA PRO B 526 10.92 -2.51 9.86
C PRO B 526 12.23 -3.07 9.33
N THR B 527 12.88 -2.34 8.42
CA THR B 527 14.11 -2.81 7.81
C THR B 527 15.26 -2.82 8.81
N PHE B 528 15.22 -1.93 9.82
CA PHE B 528 16.23 -1.93 10.87
C PHE B 528 16.19 -3.22 11.69
N PHE B 529 15.02 -3.86 11.77
CA PHE B 529 14.95 -5.15 12.44
C PHE B 529 15.26 -6.29 11.48
N THR B 530 14.64 -6.28 10.30
CA THR B 530 14.74 -7.43 9.40
C THR B 530 16.13 -7.57 8.79
N HIS B 531 16.69 -6.47 8.30
CA HIS B 531 17.89 -6.52 7.47
C HIS B 531 19.08 -5.79 8.08
N LEU B 532 19.21 -5.78 9.41
CA LEU B 532 20.37 -5.23 10.07
C LEU B 532 20.84 -6.19 11.14
N PRO B 533 22.15 -6.35 11.37
CA PRO B 533 22.60 -7.26 12.43
C PRO B 533 22.25 -6.75 13.81
N GLN B 534 21.42 -7.50 14.53
CA GLN B 534 20.99 -7.07 15.85
C GLN B 534 22.13 -7.20 16.87
N LYS B 535 23.08 -8.09 16.62
CA LYS B 535 24.20 -8.27 17.54
C LYS B 535 25.11 -7.05 17.55
N HIS B 536 25.20 -6.34 16.42
CA HIS B 536 26.08 -5.19 16.33
C HIS B 536 25.43 -3.94 16.93
N LEU B 537 24.10 -3.94 17.07
CA LEU B 537 23.42 -2.77 17.61
C LEU B 537 23.62 -2.69 19.11
N PRO B 538 23.88 -1.50 19.66
CA PRO B 538 23.91 -1.34 21.11
C PRO B 538 22.52 -1.48 21.70
N PRO B 539 22.40 -1.84 22.99
CA PRO B 539 21.07 -2.01 23.60
C PRO B 539 20.23 -0.74 23.62
N ASP B 540 20.88 0.43 23.70
CA ASP B 540 20.14 1.69 23.65
C ASP B 540 19.45 1.88 22.30
N ILE B 541 20.13 1.50 21.22
CA ILE B 541 19.56 1.64 19.87
C ILE B 541 18.40 0.68 19.69
N ARG B 542 18.53 -0.55 20.20
CA ARG B 542 17.44 -1.51 20.11
C ARG B 542 16.23 -1.07 20.94
N GLY B 543 16.47 -0.53 22.13
CA GLY B 543 15.37 0.00 22.93
C GLY B 543 14.69 1.18 22.27
N LEU B 544 15.47 2.07 21.65
CA LEU B 544 14.90 3.19 20.92
C LEU B 544 14.07 2.71 19.74
N LEU B 545 14.55 1.69 19.03
CA LEU B 545 13.81 1.12 17.91
C LEU B 545 12.49 0.51 18.37
N ASP B 546 12.52 -0.23 19.49
CA ASP B 546 11.29 -0.84 20.00
C ASP B 546 10.30 0.22 20.47
N ARG B 547 10.78 1.25 21.17
CA ARG B 547 9.90 2.33 21.60
C ARG B 547 9.29 3.08 20.42
N THR B 548 10.10 3.31 19.38
CA THR B 548 9.62 3.97 18.18
C THR B 548 8.55 3.13 17.48
N ALA B 549 8.76 1.81 17.42
CA ALA B 549 7.78 0.93 16.78
C ALA B 549 6.47 0.90 17.56
N ILE B 550 6.56 0.90 18.90
CA ILE B 550 5.35 0.87 19.72
C ILE B 550 4.58 2.18 19.60
N LEU B 551 5.28 3.31 19.75
CA LEU B 551 4.59 4.60 19.78
C LEU B 551 4.15 5.02 18.38
N SER B 552 4.75 4.46 17.33
CA SER B 552 4.35 4.80 15.98
C SER B 552 3.10 4.03 15.54
N HIS B 553 2.74 2.99 16.29
CA HIS B 553 1.65 2.06 15.94
C HIS B 553 1.86 1.46 14.55
N ASN B 554 3.10 1.09 14.24
CA ASN B 554 3.42 0.51 12.95
C ASN B 554 3.44 -1.01 13.13
N GLN B 555 2.55 -1.69 12.41
CA GLN B 555 2.40 -3.14 12.56
C GLN B 555 3.64 -3.87 12.05
N SER B 556 4.22 -3.41 10.95
CA SER B 556 5.32 -4.12 10.32
C SER B 556 6.58 -4.08 11.19
N ALA B 557 6.89 -2.93 11.79
CA ALA B 557 8.07 -2.84 12.64
C ALA B 557 7.90 -3.63 13.92
N MET B 558 6.70 -3.61 14.51
CA MET B 558 6.45 -4.40 15.71
C MET B 558 6.53 -5.89 15.42
N LEU B 559 6.00 -6.31 14.27
CA LEU B 559 6.10 -7.70 13.85
C LEU B 559 7.55 -8.11 13.61
N ALA B 560 8.34 -7.23 12.98
CA ALA B 560 9.74 -7.53 12.71
C ALA B 560 10.55 -7.58 14.00
N SER B 561 10.22 -6.73 14.97
CA SER B 561 10.89 -6.80 16.26
C SER B 561 10.50 -8.07 17.01
N CYS B 562 9.27 -8.54 16.82
CA CYS B 562 8.86 -9.80 17.41
C CYS B 562 9.61 -10.98 16.79
N LEU B 563 9.85 -10.93 15.48
CA LEU B 563 10.50 -12.04 14.80
C LEU B 563 12.02 -11.99 14.88
N HIS B 564 12.60 -10.89 15.33
CA HIS B 564 14.06 -10.75 15.43
C HIS B 564 14.41 -10.30 16.84
N PRO B 565 14.49 -11.24 17.78
CA PRO B 565 14.80 -10.85 19.17
C PRO B 565 16.24 -10.39 19.32
N TYR B 566 16.45 -9.55 20.34
CA TYR B 566 17.75 -9.00 20.66
C TYR B 566 18.35 -9.77 21.82
N ARG B 567 19.57 -10.26 21.62
CA ARG B 567 20.32 -10.95 22.66
C ARG B 567 21.53 -10.10 23.02
N ASP B 568 21.62 -9.72 24.30
CA ASP B 568 22.70 -8.85 24.76
C ASP B 568 23.99 -9.61 25.04
N SER B 569 24.97 -8.93 25.64
CA SER B 569 26.23 -9.59 26.00
C SER B 569 26.04 -10.56 27.16
N ARG B 570 25.00 -10.38 27.96
CA ARG B 570 24.62 -11.23 29.08
C ARG B 570 23.88 -12.53 28.60
N GLY B 571 23.60 -12.60 27.32
CA GLY B 571 23.23 -13.85 26.68
C GLY B 571 21.81 -14.33 26.91
N ARG B 572 20.91 -13.44 27.29
CA ARG B 572 19.50 -13.76 27.43
C ARG B 572 18.67 -12.73 26.68
N TYR B 573 17.54 -13.17 26.13
CA TYR B 573 16.77 -12.34 25.22
C TYR B 573 16.00 -11.26 25.97
N TYR B 574 15.83 -10.10 25.32
CA TYR B 574 14.95 -9.07 25.84
C TYR B 574 13.49 -9.46 25.70
N PRO B 575 12.61 -8.91 26.54
CA PRO B 575 11.18 -9.18 26.38
C PRO B 575 10.65 -8.67 25.06
N SER B 576 9.71 -9.41 24.49
CA SER B 576 9.13 -9.07 23.20
C SER B 576 8.03 -8.02 23.36
N ILE B 577 7.71 -7.37 22.24
CA ILE B 577 6.68 -6.34 22.21
C ILE B 577 5.38 -6.87 21.61
N LEU B 578 5.17 -8.18 21.66
CA LEU B 578 3.92 -8.79 21.19
C LEU B 578 2.64 -8.26 21.86
N PRO B 579 2.58 -7.98 23.18
CA PRO B 579 1.33 -7.42 23.72
C PRO B 579 0.86 -6.14 23.07
N PHE B 580 1.79 -5.23 22.74
CA PHE B 580 1.42 -3.99 22.05
C PHE B 580 0.85 -4.28 20.67
N LEU B 581 1.45 -5.23 19.95
CA LEU B 581 0.99 -5.57 18.62
C LEU B 581 -0.40 -6.19 18.64
N VAL B 582 -0.66 -7.10 19.58
CA VAL B 582 -1.98 -7.73 19.65
C VAL B 582 -3.03 -6.76 20.16
N ARG B 583 -2.64 -5.84 21.06
CA ARG B 583 -3.60 -4.85 21.56
C ARG B 583 -3.98 -3.85 20.48
N ARG B 584 -3.02 -3.41 19.66
CA ARG B 584 -3.34 -2.40 18.66
C ARG B 584 -3.97 -3.00 17.41
N PHE B 585 -3.49 -4.16 16.97
CA PHE B 585 -4.03 -4.83 15.78
C PHE B 585 -4.47 -6.24 16.14
N PRO B 586 -5.66 -6.38 16.72
CA PRO B 586 -6.10 -7.72 17.14
C PRO B 586 -6.50 -8.63 15.98
N ARG B 587 -7.22 -8.10 14.99
CA ARG B 587 -7.82 -8.91 13.95
C ARG B 587 -7.09 -8.80 12.61
N ASP B 588 -5.90 -8.21 12.60
CA ASP B 588 -5.15 -8.08 11.35
C ASP B 588 -4.59 -9.43 10.90
N GLU B 589 -4.16 -9.47 9.64
CA GLU B 589 -3.83 -10.74 9.02
C GLU B 589 -2.51 -11.30 9.54
N SER B 590 -1.56 -10.42 9.89
CA SER B 590 -0.26 -10.88 10.38
C SER B 590 -0.38 -11.57 11.73
N VAL B 591 -1.20 -11.02 12.63
CA VAL B 591 -1.44 -11.68 13.91
C VAL B 591 -2.23 -12.96 13.70
N GLU B 592 -3.05 -13.00 12.65
CA GLU B 592 -3.74 -14.23 12.28
C GLU B 592 -2.76 -15.31 11.82
N VAL B 593 -1.68 -14.91 11.14
CA VAL B 593 -0.65 -15.87 10.77
C VAL B 593 0.12 -16.30 12.02
N LEU B 594 0.32 -15.38 12.96
CA LEU B 594 0.93 -15.75 14.24
C LEU B 594 0.05 -16.71 15.03
N ARG B 595 -1.26 -16.71 14.76
CA ARG B 595 -2.16 -17.58 15.49
C ARG B 595 -2.29 -18.95 14.85
N SER B 596 -1.43 -19.27 13.89
CA SER B 596 -1.50 -20.55 13.19
C SER B 596 -1.19 -21.74 14.10
N MET C 1 7.22 4.79 29.77
CA MET C 1 7.12 5.60 28.57
C MET C 1 5.67 6.01 28.32
N LEU C 2 4.81 5.77 29.31
CA LEU C 2 3.38 5.95 29.12
C LEU C 2 2.74 6.18 30.48
N THR C 3 1.50 6.69 30.45
CA THR C 3 0.65 6.80 31.62
C THR C 3 -0.53 5.85 31.45
N GLU C 4 -0.88 5.14 32.51
CA GLU C 4 -1.93 4.14 32.45
C GLU C 4 -2.95 4.38 33.56
N GLU C 5 -4.22 4.23 33.19
CA GLU C 5 -5.36 4.58 34.03
C GLU C 5 -6.33 3.42 34.11
N PHE C 6 -7.10 3.36 35.19
CA PHE C 6 -8.13 2.34 35.36
C PHE C 6 -9.28 2.88 36.17
N VAL C 7 -10.44 2.25 36.02
CA VAL C 7 -11.70 2.67 36.61
C VAL C 7 -12.15 1.61 37.60
N SER C 8 -12.51 2.03 38.81
CA SER C 8 -12.97 1.14 39.86
C SER C 8 -14.44 1.39 40.15
N ALA C 9 -15.11 0.35 40.66
CA ALA C 9 -16.49 0.44 41.09
C ALA C 9 -16.67 -0.33 42.38
N ILE C 10 -17.46 0.21 43.30
CA ILE C 10 -17.70 -0.42 44.59
C ILE C 10 -19.18 -0.68 44.75
N CYS C 11 -19.52 -1.47 45.77
CA CYS C 11 -20.90 -1.85 46.04
C CYS C 11 -21.08 -2.06 47.53
N GLY C 12 -22.34 -1.96 47.97
CA GLY C 12 -22.69 -2.22 49.35
C GLY C 12 -22.45 -1.06 50.27
N PRO C 13 -22.70 -1.26 51.57
CA PRO C 13 -22.50 -0.18 52.53
C PRO C 13 -21.02 0.03 52.81
N PRO C 14 -20.65 1.20 53.33
CA PRO C 14 -19.25 1.39 53.75
C PRO C 14 -18.90 0.48 54.92
N LEU C 15 -17.73 -0.17 54.81
CA LEU C 15 -17.39 -1.23 55.75
C LEU C 15 -16.97 -0.68 57.10
N SER C 16 -16.16 0.37 57.11
CA SER C 16 -15.60 0.92 58.35
C SER C 16 -15.93 2.38 58.47
N SER C 17 -16.37 2.79 59.66
CA SER C 17 -16.67 4.19 59.93
C SER C 17 -15.40 4.96 60.25
N ASN C 18 -15.49 6.28 60.13
CA ASN C 18 -14.44 7.26 60.43
C ASN C 18 -13.17 7.04 59.62
N THR C 19 -13.27 6.50 58.41
CA THR C 19 -12.08 6.34 57.57
C THR C 19 -11.88 7.53 56.65
N ALA C 20 -12.75 8.55 56.77
CA ALA C 20 -12.75 9.83 56.06
C ALA C 20 -12.98 9.67 54.55
N ILE C 21 -13.35 8.47 54.07
CA ILE C 21 -13.67 8.33 52.65
C ILE C 21 -15.09 8.81 52.41
N ALA C 22 -15.36 9.25 51.18
CA ALA C 22 -16.70 9.69 50.83
C ALA C 22 -17.64 8.50 50.73
N LYS C 23 -18.82 8.63 51.34
CA LYS C 23 -19.78 7.53 51.33
C LYS C 23 -20.63 7.55 50.07
N ASP C 24 -20.73 8.71 49.41
CA ASP C 24 -21.63 8.83 48.27
C ASP C 24 -20.98 8.37 46.98
N VAL C 25 -19.65 8.26 46.94
CA VAL C 25 -18.98 7.88 45.70
C VAL C 25 -19.12 6.39 45.46
N GLY C 26 -19.31 6.02 44.20
CA GLY C 26 -19.43 4.62 43.83
C GLY C 26 -18.48 4.20 42.73
N ILE C 27 -18.01 5.16 41.94
CA ILE C 27 -17.09 4.91 40.83
C ILE C 27 -15.91 5.85 40.96
N TYR C 28 -14.69 5.30 40.88
CA TYR C 28 -13.47 6.08 40.93
C TYR C 28 -12.74 5.97 39.60
N CYS C 29 -11.93 6.98 39.31
CA CYS C 29 -10.99 6.95 38.19
C CYS C 29 -9.59 7.18 38.74
N HIS C 30 -8.68 6.26 38.44
CA HIS C 30 -7.33 6.29 38.98
C HIS C 30 -6.32 6.39 37.85
N THR C 31 -5.07 6.67 38.24
CA THR C 31 -3.92 6.60 37.34
C THR C 31 -2.95 5.58 37.94
N LEU C 32 -2.81 4.43 37.28
CA LEU C 32 -1.89 3.41 37.78
C LEU C 32 -0.44 3.80 37.52
N SER C 33 -0.17 4.35 36.33
CA SER C 33 1.19 4.69 35.94
C SER C 33 1.20 6.14 35.49
N PRO C 34 2.23 6.93 35.84
CA PRO C 34 3.48 6.60 36.55
C PRO C 34 3.34 6.42 38.06
N SER C 35 2.48 7.21 38.69
CA SER C 35 2.28 7.14 40.13
C SER C 35 0.79 7.05 40.43
N TYR C 36 0.47 6.44 41.57
CA TYR C 36 -0.93 6.24 41.93
C TYR C 36 -1.58 7.57 42.33
N SER C 37 -2.77 7.80 41.80
CA SER C 37 -3.53 9.02 42.08
C SER C 37 -4.99 8.75 41.74
N VAL C 38 -5.85 9.70 42.09
CA VAL C 38 -7.27 9.64 41.78
C VAL C 38 -7.60 10.88 40.95
N LYS C 39 -8.11 10.67 39.74
CA LYS C 39 -8.50 11.81 38.92
C LYS C 39 -9.85 12.37 39.37
N SER C 40 -10.91 11.57 39.27
CA SER C 40 -12.25 12.04 39.55
C SER C 40 -13.09 10.88 40.07
N THR C 41 -14.21 11.23 40.69
CA THR C 41 -15.12 10.25 41.27
C THR C 41 -16.52 10.51 40.74
N PHE C 42 -17.35 9.46 40.79
CA PHE C 42 -18.75 9.55 40.40
C PHE C 42 -19.61 9.13 41.57
N LYS C 43 -20.76 9.79 41.73
CA LYS C 43 -21.55 9.66 42.95
C LYS C 43 -22.74 8.73 42.75
N LYS C 44 -23.22 8.18 43.87
CA LYS C 44 -24.51 7.48 43.96
C LYS C 44 -24.58 6.27 43.03
N SER C 45 -23.73 5.28 43.28
CA SER C 45 -23.68 4.08 42.44
C SER C 45 -23.34 2.87 43.29
N SER C 46 -24.03 1.76 43.01
CA SER C 46 -23.81 0.47 43.68
C SER C 46 -23.87 -0.60 42.60
N VAL C 47 -22.72 -1.08 42.16
CA VAL C 47 -22.58 -1.90 40.96
C VAL C 47 -22.16 -3.31 41.38
N PRO C 48 -22.92 -4.35 41.04
CA PRO C 48 -22.43 -5.71 41.26
C PRO C 48 -21.36 -6.10 40.24
N VAL C 49 -20.87 -7.32 40.38
CA VAL C 49 -19.81 -7.81 39.51
C VAL C 49 -20.36 -8.01 38.10
N ASN C 50 -19.54 -7.68 37.10
CA ASN C 50 -19.75 -7.80 35.65
C ASN C 50 -20.80 -6.83 35.13
N CYS C 51 -21.16 -5.79 35.89
CA CYS C 51 -22.19 -4.84 35.47
C CYS C 51 -21.62 -3.47 35.09
N LEU C 52 -20.30 -3.36 34.91
CA LEU C 52 -19.66 -2.10 34.56
C LEU C 52 -19.08 -2.18 33.17
N ALA C 53 -19.32 -1.17 32.36
CA ALA C 53 -18.75 -1.06 31.02
C ALA C 53 -18.18 0.33 30.85
N VAL C 54 -16.98 0.44 30.28
CA VAL C 54 -16.29 1.71 30.12
C VAL C 54 -15.98 1.92 28.65
N SER C 55 -16.39 3.07 28.12
CA SER C 55 -15.99 3.53 26.79
C SER C 55 -15.17 4.80 26.95
N ASP C 56 -14.84 5.41 25.81
CA ASP C 56 -14.06 6.65 25.85
C ASP C 56 -14.92 7.81 26.35
N THR C 57 -16.24 7.73 26.16
CA THR C 57 -17.09 8.86 26.47
C THR C 57 -17.98 8.60 27.69
N HIS C 58 -18.47 7.37 27.85
CA HIS C 58 -19.45 7.07 28.89
C HIS C 58 -18.99 5.89 29.73
N ILE C 59 -19.52 5.86 30.95
CA ILE C 59 -19.43 4.71 31.83
C ILE C 59 -20.84 4.23 32.12
N PHE C 60 -21.11 2.96 31.83
CA PHE C 60 -22.41 2.36 32.03
C PHE C 60 -22.33 1.43 33.23
N ALA C 61 -23.28 1.59 34.17
CA ALA C 61 -23.24 0.85 35.41
C ALA C 61 -24.60 0.22 35.68
N GLY C 62 -24.59 -1.09 35.91
CA GLY C 62 -25.78 -1.81 36.33
C GLY C 62 -25.91 -1.76 37.84
N GLN C 63 -27.13 -1.54 38.30
CA GLN C 63 -27.37 -1.33 39.73
C GLN C 63 -27.84 -2.60 40.41
N HIS C 64 -27.44 -2.74 41.68
CA HIS C 64 -27.67 -3.95 42.44
C HIS C 64 -29.15 -4.09 42.79
N GLU C 65 -29.74 -5.23 42.40
CA GLU C 65 -31.15 -5.56 42.63
C GLU C 65 -32.08 -4.48 42.07
N LYS C 66 -31.74 -3.95 40.90
CA LYS C 66 -32.44 -2.79 40.35
C LYS C 66 -32.22 -2.78 38.85
N ALA C 67 -33.31 -2.51 38.11
CA ALA C 67 -33.29 -2.73 36.67
C ALA C 67 -32.73 -1.54 35.91
N TYR C 68 -32.33 -0.48 36.61
CA TYR C 68 -31.85 0.71 35.96
C TYR C 68 -30.36 0.61 35.64
N VAL C 69 -29.95 1.33 34.60
CA VAL C 69 -28.55 1.51 34.25
C VAL C 69 -28.22 2.98 34.46
N HIS C 70 -27.22 3.26 35.29
CA HIS C 70 -26.74 4.62 35.47
C HIS C 70 -25.66 4.89 34.44
N VAL C 71 -25.84 5.93 33.63
CA VAL C 71 -24.91 6.30 32.58
C VAL C 71 -24.25 7.61 32.99
N TYR C 72 -22.92 7.58 33.11
CA TYR C 72 -22.13 8.73 33.51
C TYR C 72 -21.28 9.19 32.33
N SER C 73 -21.10 10.49 32.20
CA SER C 73 -20.31 11.05 31.11
C SER C 73 -18.88 11.28 31.58
N ARG C 74 -17.92 10.69 30.87
CA ARG C 74 -16.52 10.90 31.21
C ARG C 74 -16.05 12.28 30.75
N LEU C 75 -16.70 12.83 29.72
CA LEU C 75 -16.34 14.15 29.21
C LEU C 75 -16.78 15.25 30.17
N ARG C 76 -18.07 15.28 30.50
CA ARG C 76 -18.58 16.32 31.39
C ARG C 76 -18.21 16.06 32.85
N GLY C 77 -18.12 14.78 33.23
CA GLY C 77 -17.77 14.43 34.59
C GLY C 77 -18.92 14.24 35.54
N ASN C 78 -20.15 14.13 35.04
CA ASN C 78 -21.32 13.96 35.88
C ASN C 78 -22.15 12.77 35.39
N GLN C 79 -23.28 12.55 36.06
CA GLN C 79 -24.20 11.48 35.66
C GLN C 79 -25.05 11.96 34.51
N GLU C 80 -25.11 11.17 33.44
CA GLU C 80 -25.88 11.57 32.26
C GLU C 80 -27.33 11.12 32.38
N ALA C 81 -27.58 9.83 32.64
CA ALA C 81 -28.93 9.31 32.47
C ALA C 81 -29.20 8.20 33.46
N PHE C 82 -30.51 8.01 33.74
CA PHE C 82 -31.07 6.92 34.55
C PHE C 82 -31.91 6.05 33.60
N VAL C 83 -31.26 5.10 32.92
CA VAL C 83 -31.96 4.29 31.93
C VAL C 83 -32.79 3.23 32.63
N ALA C 84 -34.03 3.04 32.18
CA ALA C 84 -34.91 2.01 32.71
C ALA C 84 -35.04 0.88 31.70
N LEU C 85 -34.75 -0.34 32.15
CA LEU C 85 -34.86 -1.53 31.33
C LEU C 85 -36.00 -2.41 31.84
N PRO C 86 -36.60 -3.25 30.97
CA PRO C 86 -37.76 -4.07 31.39
C PRO C 86 -37.53 -4.99 32.58
N GLU C 87 -36.35 -5.60 32.69
CA GLU C 87 -36.10 -6.61 33.70
C GLU C 87 -34.81 -6.31 34.45
N ARG C 88 -34.66 -6.95 35.61
CA ARG C 88 -33.49 -6.77 36.44
C ARG C 88 -32.26 -7.35 35.76
N ILE C 89 -31.09 -6.76 36.05
CA ILE C 89 -29.87 -7.00 35.28
C ILE C 89 -28.90 -7.79 36.13
N ARG C 90 -28.37 -8.88 35.56
CA ARG C 90 -27.30 -9.62 36.22
C ARG C 90 -25.93 -9.22 35.67
N CYS C 91 -25.86 -8.93 34.37
CA CYS C 91 -24.60 -8.58 33.73
C CYS C 91 -24.87 -7.76 32.47
N LEU C 92 -23.92 -6.90 32.14
CA LEU C 92 -23.98 -6.07 30.94
C LEU C 92 -22.56 -5.79 30.47
N ILE C 93 -22.37 -5.79 29.15
CA ILE C 93 -21.11 -5.36 28.56
C ILE C 93 -21.39 -4.43 27.39
N LEU C 94 -20.33 -3.92 26.79
CA LEU C 94 -20.42 -2.95 25.71
C LEU C 94 -19.56 -3.41 24.55
N ILE C 95 -20.18 -3.61 23.40
CA ILE C 95 -19.46 -3.89 22.16
C ILE C 95 -19.78 -2.79 21.15
N GLY C 96 -18.74 -2.07 20.73
CA GLY C 96 -18.91 -0.91 19.88
C GLY C 96 -19.76 0.16 20.52
N ASP C 97 -20.95 0.38 19.98
CA ASP C 97 -21.94 1.28 20.55
C ASP C 97 -23.20 0.55 21.00
N ILE C 98 -23.09 -0.72 21.38
CA ILE C 98 -24.23 -1.53 21.77
C ILE C 98 -23.98 -2.08 23.16
N LEU C 99 -24.94 -1.86 24.07
CA LEU C 99 -24.90 -2.43 25.40
C LEU C 99 -25.68 -3.75 25.39
N VAL C 100 -25.00 -4.84 25.67
CA VAL C 100 -25.59 -6.17 25.67
C VAL C 100 -25.87 -6.56 27.13
N VAL C 101 -27.12 -6.90 27.42
CA VAL C 101 -27.60 -7.02 28.80
C VAL C 101 -28.27 -8.38 28.98
N GLY C 102 -27.84 -9.12 30.00
CA GLY C 102 -28.52 -10.33 30.41
C GLY C 102 -29.33 -10.10 31.68
N THR C 103 -30.39 -10.88 31.86
CA THR C 103 -31.36 -10.63 32.92
C THR C 103 -31.54 -11.85 33.81
N THR C 104 -32.35 -11.65 34.86
CA THR C 104 -32.73 -12.74 35.75
C THR C 104 -33.75 -13.65 35.09
N GLU C 105 -34.54 -13.12 34.15
CA GLU C 105 -35.54 -13.94 33.47
C GLU C 105 -34.91 -14.84 32.42
N GLY C 106 -33.63 -14.64 32.11
CA GLY C 106 -32.96 -15.41 31.09
C GLY C 106 -32.97 -14.79 29.72
N ARG C 107 -33.59 -13.63 29.57
CA ARG C 107 -33.62 -12.96 28.28
C ARG C 107 -32.31 -12.24 28.03
N LEU C 108 -32.08 -11.94 26.76
CA LEU C 108 -30.94 -11.16 26.30
C LEU C 108 -31.48 -9.96 25.54
N MET C 109 -31.02 -8.76 25.87
CA MET C 109 -31.34 -7.62 25.02
C MET C 109 -30.07 -6.92 24.57
N LEU C 110 -30.19 -6.28 23.42
CA LEU C 110 -29.17 -5.40 22.89
C LEU C 110 -29.77 -4.01 22.78
N TRP C 111 -29.20 -3.07 23.51
CA TRP C 111 -29.62 -1.68 23.45
C TRP C 111 -28.58 -0.89 22.67
N GLU C 112 -29.00 -0.35 21.53
CA GLU C 112 -28.12 0.47 20.71
C GLU C 112 -28.10 1.87 21.29
N ILE C 113 -26.89 2.34 21.65
CA ILE C 113 -26.73 3.60 22.36
C ILE C 113 -27.16 4.76 21.48
N CYS C 114 -26.90 4.68 20.18
CA CYS C 114 -27.14 5.80 19.29
C CYS C 114 -28.55 5.80 18.71
N THR C 115 -29.12 4.63 18.44
CA THR C 115 -30.40 4.55 17.74
C THR C 115 -31.59 4.34 18.68
N GLY C 116 -31.35 3.89 19.91
CA GLY C 116 -32.44 3.68 20.85
C GLY C 116 -33.22 2.40 20.68
N ARG C 117 -32.80 1.50 19.80
CA ARG C 117 -33.46 0.21 19.68
C ARG C 117 -33.17 -0.66 20.90
N LEU C 118 -34.15 -1.48 21.27
CA LEU C 118 -33.97 -2.47 22.32
C LEU C 118 -34.40 -3.82 21.76
N VAL C 119 -33.45 -4.57 21.22
CA VAL C 119 -33.71 -5.87 20.63
C VAL C 119 -33.75 -6.89 21.75
N SER C 120 -34.93 -7.46 22.00
CA SER C 120 -35.12 -8.41 23.09
C SER C 120 -35.38 -9.79 22.52
N THR C 121 -34.52 -10.73 22.87
CA THR C 121 -34.64 -12.12 22.45
C THR C 121 -35.65 -12.85 23.33
N PRO C 122 -36.23 -13.95 22.84
CA PRO C 122 -36.99 -14.83 23.73
C PRO C 122 -36.08 -15.47 24.76
N ALA C 123 -36.68 -15.85 25.90
CA ALA C 123 -35.91 -16.39 27.00
C ALA C 123 -35.42 -17.81 26.68
N ARG C 124 -34.31 -17.91 25.96
CA ARG C 124 -33.76 -19.22 25.64
C ARG C 124 -33.13 -19.87 26.86
N HIS C 125 -32.45 -19.09 27.69
CA HIS C 125 -31.92 -19.60 28.94
C HIS C 125 -33.07 -19.75 29.94
N VAL C 126 -33.06 -20.89 30.65
CA VAL C 126 -34.10 -21.15 31.64
C VAL C 126 -33.95 -20.24 32.85
N GLN C 127 -32.72 -20.00 33.30
CA GLN C 127 -32.46 -19.14 34.45
C GLN C 127 -31.62 -17.95 34.02
N ALA C 128 -31.17 -17.19 35.03
CA ALA C 128 -30.49 -15.92 34.85
C ALA C 128 -29.20 -16.01 34.04
N VAL C 129 -29.01 -15.08 33.10
CA VAL C 129 -27.78 -14.98 32.33
C VAL C 129 -26.73 -14.35 33.22
N SER C 130 -25.67 -15.10 33.53
CA SER C 130 -24.71 -14.65 34.53
C SER C 130 -23.54 -13.91 33.91
N CYS C 131 -23.09 -14.32 32.73
CA CYS C 131 -21.94 -13.69 32.09
C CYS C 131 -22.21 -13.48 30.61
N VAL C 132 -21.68 -12.38 30.07
CA VAL C 132 -21.79 -12.06 28.66
C VAL C 132 -20.42 -11.66 28.14
N ALA C 133 -20.04 -12.23 26.99
CA ALA C 133 -18.84 -11.81 26.28
C ALA C 133 -19.22 -11.53 24.83
N ALA C 134 -18.42 -10.71 24.16
CA ALA C 134 -18.79 -10.26 22.82
C ALA C 134 -17.62 -10.38 21.87
N THR C 135 -17.97 -10.50 20.60
CA THR C 135 -17.10 -10.54 19.43
C THR C 135 -17.74 -9.57 18.45
N PRO C 136 -16.96 -8.99 17.53
CA PRO C 136 -17.59 -8.22 16.45
C PRO C 136 -18.55 -9.03 15.58
N SER C 137 -18.44 -10.36 15.58
CA SER C 137 -19.37 -11.16 14.78
C SER C 137 -20.35 -11.95 15.64
N HIS C 138 -20.00 -12.27 16.89
CA HIS C 138 -20.82 -13.15 17.72
C HIS C 138 -20.99 -12.55 19.11
N VAL C 139 -22.00 -13.08 19.82
CA VAL C 139 -22.26 -12.73 21.22
C VAL C 139 -22.46 -14.02 21.99
N LEU C 140 -21.73 -14.19 23.10
CA LEU C 140 -21.78 -15.41 23.88
C LEU C 140 -22.37 -15.11 25.25
N THR C 141 -23.41 -15.85 25.63
CA THR C 141 -24.08 -15.64 26.90
C THR C 141 -24.09 -16.93 27.71
N GLY C 142 -23.48 -16.89 28.89
CA GLY C 142 -23.51 -17.99 29.82
C GLY C 142 -24.47 -17.71 30.96
N SER C 143 -25.28 -18.70 31.31
CA SER C 143 -26.37 -18.52 32.25
C SER C 143 -26.24 -19.49 33.40
N ASP C 144 -27.29 -19.57 34.22
CA ASP C 144 -27.28 -20.45 35.37
C ASP C 144 -27.71 -21.87 34.99
N ASP C 145 -28.17 -22.05 33.75
CA ASP C 145 -28.60 -23.38 33.32
C ASP C 145 -27.47 -24.14 32.64
N SER C 146 -26.23 -23.69 32.83
CA SER C 146 -25.01 -24.33 32.35
C SER C 146 -24.89 -24.39 30.84
N ASP C 147 -25.71 -23.62 30.13
CA ASP C 147 -25.68 -23.58 28.67
C ASP C 147 -25.13 -22.23 28.22
N ILE C 148 -24.06 -22.25 27.44
CA ILE C 148 -23.50 -21.04 26.86
C ILE C 148 -24.05 -20.91 25.44
N HIS C 149 -24.94 -19.96 25.23
CA HIS C 149 -25.55 -19.76 23.93
C HIS C 149 -24.70 -18.81 23.09
N VAL C 150 -24.38 -19.24 21.88
CA VAL C 150 -23.62 -18.45 20.91
C VAL C 150 -24.59 -17.93 19.87
N TRP C 151 -24.66 -16.60 19.76
CA TRP C 151 -25.61 -15.88 18.94
C TRP C 151 -24.85 -15.10 17.87
N SER C 152 -25.52 -14.86 16.74
CA SER C 152 -24.98 -14.04 15.67
C SER C 152 -25.48 -12.62 15.84
N LEU C 153 -24.56 -11.64 15.78
CA LEU C 153 -24.94 -10.24 15.90
C LEU C 153 -25.79 -9.80 14.71
N SER C 154 -25.51 -10.35 13.52
CA SER C 154 -26.20 -9.90 12.32
C SER C 154 -27.68 -10.28 12.34
N GLN C 155 -27.99 -11.45 12.90
CA GLN C 155 -29.39 -11.87 12.95
C GLN C 155 -30.16 -11.12 14.03
N LEU C 156 -29.49 -10.75 15.12
CA LEU C 156 -30.15 -10.01 16.19
C LEU C 156 -30.40 -8.56 15.77
N LEU C 157 -29.41 -7.94 15.12
CA LEU C 157 -29.44 -6.49 14.97
C LEU C 157 -30.27 -6.04 13.77
N GLU C 158 -30.62 -6.96 12.87
CA GLU C 158 -31.21 -6.55 11.60
C GLU C 158 -32.64 -6.04 11.78
N LEU C 159 -33.05 -5.15 10.86
CA LEU C 159 -34.27 -4.38 11.05
C LEU C 159 -35.54 -5.20 10.80
N ASP C 160 -35.68 -5.71 9.58
CA ASP C 160 -37.00 -6.21 9.15
C ASP C 160 -37.32 -7.59 9.70
N SER C 161 -36.38 -8.21 10.40
CA SER C 161 -36.66 -9.49 11.05
C SER C 161 -37.63 -9.29 12.20
N ALA C 162 -38.83 -9.82 12.04
CA ALA C 162 -39.84 -9.81 13.10
C ALA C 162 -40.04 -11.15 13.76
N ALA C 163 -39.45 -12.23 13.25
CA ALA C 163 -39.55 -13.52 13.90
C ALA C 163 -38.67 -13.56 15.14
N GLU C 164 -38.92 -14.56 15.99
CA GLU C 164 -38.13 -14.73 17.20
C GLU C 164 -36.70 -15.14 16.86
N HIS C 165 -35.75 -14.67 17.65
CA HIS C 165 -34.35 -14.98 17.42
C HIS C 165 -33.98 -16.29 18.07
N GLU C 166 -33.00 -16.97 17.48
CA GLU C 166 -32.48 -18.22 17.97
C GLU C 166 -30.96 -18.17 18.04
N PRO C 167 -30.34 -18.84 19.01
CA PRO C 167 -28.88 -18.92 19.03
C PRO C 167 -28.36 -19.79 17.89
N LEU C 168 -27.16 -19.46 17.42
CA LEU C 168 -26.49 -20.34 16.48
C LEU C 168 -26.11 -21.65 17.13
N ARG C 169 -25.54 -21.60 18.33
CA ARG C 169 -25.08 -22.82 18.96
C ARG C 169 -25.31 -22.78 20.46
N THR C 170 -25.23 -23.94 21.08
CA THR C 170 -25.31 -24.08 22.52
C THR C 170 -24.16 -24.98 22.99
N LEU C 171 -23.33 -24.43 23.87
CA LEU C 171 -22.21 -25.16 24.45
C LEU C 171 -22.60 -25.58 25.87
N ALA C 172 -22.83 -26.88 26.05
CA ALA C 172 -23.44 -27.39 27.27
C ALA C 172 -22.64 -28.47 27.96
N ASN C 173 -21.31 -28.48 27.84
CA ASN C 173 -20.51 -29.46 28.57
C ASN C 173 -20.44 -29.13 30.04
N HIS C 174 -20.62 -27.87 30.39
CA HIS C 174 -20.65 -27.48 31.80
C HIS C 174 -21.90 -28.01 32.48
N ARG C 175 -21.81 -28.22 33.79
CA ARG C 175 -22.91 -28.78 34.56
C ARG C 175 -23.33 -27.87 35.70
N ALA C 176 -22.95 -26.59 35.63
CA ALA C 176 -23.28 -25.62 36.67
C ALA C 176 -23.25 -24.24 36.05
N ALA C 177 -23.59 -23.23 36.88
CA ALA C 177 -23.74 -21.87 36.40
C ALA C 177 -22.42 -21.31 35.87
N ILE C 178 -22.51 -20.66 34.70
CA ILE C 178 -21.33 -20.09 34.05
C ILE C 178 -20.97 -18.80 34.77
N THR C 179 -19.78 -18.76 35.38
CA THR C 179 -19.39 -17.61 36.18
C THR C 179 -18.66 -16.57 35.34
N ALA C 180 -17.79 -17.01 34.43
CA ALA C 180 -16.96 -16.09 33.67
C ALA C 180 -16.91 -16.51 32.21
N LEU C 181 -16.58 -15.56 31.34
CA LEU C 181 -16.46 -15.79 29.90
C LEU C 181 -15.41 -14.86 29.34
N ALA C 182 -14.47 -15.43 28.58
CA ALA C 182 -13.44 -14.67 27.89
C ALA C 182 -13.39 -15.10 26.44
N VAL C 183 -13.09 -14.15 25.55
CA VAL C 183 -13.08 -14.39 24.11
C VAL C 183 -11.74 -13.93 23.55
N SER C 184 -11.12 -14.79 22.76
CA SER C 184 -9.89 -14.43 22.07
C SER C 184 -10.16 -13.35 21.02
N PRO C 185 -9.18 -12.47 20.75
CA PRO C 185 -9.40 -11.42 19.74
C PRO C 185 -9.54 -11.92 18.31
N SER C 186 -9.22 -13.19 18.05
CA SER C 186 -9.35 -13.76 16.71
C SER C 186 -10.84 -13.92 16.38
N ASP C 187 -11.21 -13.52 15.16
CA ASP C 187 -12.61 -13.65 14.74
C ASP C 187 -12.77 -14.72 13.67
N SER C 188 -11.66 -15.29 13.21
CA SER C 188 -11.70 -16.33 12.19
C SER C 188 -12.31 -17.61 12.75
N ALA C 189 -12.84 -18.45 11.85
CA ALA C 189 -13.51 -19.67 12.28
C ALA C 189 -12.53 -20.67 12.88
N ASP C 190 -11.34 -20.79 12.28
CA ASP C 190 -10.42 -21.84 12.70
C ASP C 190 -9.62 -21.45 13.94
N THR C 191 -9.25 -20.17 14.06
CA THR C 191 -8.25 -19.80 15.06
C THR C 191 -8.86 -19.25 16.33
N ASN C 192 -10.15 -18.96 16.34
CA ASN C 192 -10.77 -18.37 17.53
C ASN C 192 -10.95 -19.40 18.64
N PHE C 193 -11.04 -18.92 19.87
CA PHE C 193 -11.41 -19.73 21.01
C PHE C 193 -12.09 -18.85 22.05
N CYS C 194 -12.99 -19.44 22.82
CA CYS C 194 -13.62 -18.77 23.94
C CYS C 194 -13.35 -19.58 25.20
N VAL C 195 -13.02 -18.90 26.28
CA VAL C 195 -12.67 -19.56 27.54
C VAL C 195 -13.80 -19.30 28.52
N SER C 196 -14.39 -20.36 29.06
CA SER C 196 -15.51 -20.26 29.98
C SER C 196 -15.19 -20.96 31.29
N ALA C 197 -15.76 -20.46 32.37
CA ALA C 197 -15.58 -21.05 33.70
C ALA C 197 -16.95 -21.28 34.32
N SER C 198 -17.07 -22.34 35.11
CA SER C 198 -18.35 -22.68 35.72
C SER C 198 -18.17 -22.99 37.20
N LYS C 199 -19.31 -23.16 37.88
CA LYS C 199 -19.30 -23.40 39.33
C LYS C 199 -18.93 -24.83 39.67
N ASP C 200 -18.81 -25.71 38.67
CA ASP C 200 -18.37 -27.07 38.91
C ASP C 200 -16.85 -27.18 38.85
N LYS C 201 -16.17 -26.05 39.09
CA LYS C 201 -14.71 -25.95 39.14
C LYS C 201 -14.07 -26.37 37.82
N SER C 202 -14.73 -26.04 36.72
CA SER C 202 -14.28 -26.43 35.39
C SER C 202 -14.12 -25.18 34.53
N CYS C 203 -13.17 -25.25 33.60
CA CYS C 203 -12.87 -24.16 32.69
C CYS C 203 -12.56 -24.74 31.32
N ILE C 204 -13.42 -24.47 30.35
CA ILE C 204 -13.35 -25.09 29.03
C ILE C 204 -13.01 -24.03 28.00
N ILE C 205 -12.00 -24.33 27.18
CA ILE C 205 -11.68 -23.56 26.00
C ILE C 205 -12.35 -24.21 24.81
N TRP C 206 -13.24 -23.47 24.14
CA TRP C 206 -14.02 -23.94 23.01
C TRP C 206 -13.59 -23.22 21.74
N ASN C 207 -13.98 -23.80 20.61
CA ASN C 207 -14.08 -23.10 19.33
C ASN C 207 -15.57 -22.91 19.08
N TYR C 208 -16.07 -21.69 19.36
CA TYR C 208 -17.50 -21.51 19.51
C TYR C 208 -18.23 -21.51 18.18
N GLN C 209 -17.55 -21.18 17.08
CA GLN C 209 -18.20 -21.23 15.77
C GLN C 209 -18.34 -22.66 15.28
N THR C 210 -17.37 -23.52 15.59
CA THR C 210 -17.52 -24.93 15.27
C THR C 210 -18.32 -25.65 16.37
N GLY C 211 -18.28 -25.13 17.59
CA GLY C 211 -18.97 -25.74 18.70
C GLY C 211 -18.17 -26.76 19.47
N ASP C 212 -16.95 -27.08 19.04
CA ASP C 212 -16.14 -28.07 19.70
C ASP C 212 -15.51 -27.51 20.97
N ALA C 213 -15.12 -28.40 21.88
CA ALA C 213 -14.44 -28.04 23.11
C ALA C 213 -12.96 -28.42 22.97
N LEU C 214 -12.10 -27.41 22.85
CA LEU C 214 -10.69 -27.64 22.60
C LEU C 214 -9.96 -28.19 23.82
N ARG C 215 -10.22 -27.63 25.00
CA ARG C 215 -9.43 -27.98 26.18
C ARG C 215 -10.30 -27.89 27.44
N THR C 216 -10.01 -28.76 28.41
CA THR C 216 -10.70 -28.78 29.70
C THR C 216 -9.68 -28.65 30.83
N LEU C 217 -9.91 -27.69 31.71
CA LEU C 217 -9.03 -27.41 32.85
C LEU C 217 -9.83 -27.50 34.14
N ILE C 218 -9.21 -28.03 35.19
CA ILE C 218 -9.85 -28.18 36.49
C ILE C 218 -9.02 -27.43 37.52
N PHE C 219 -9.70 -26.58 38.32
CA PHE C 219 -9.12 -25.79 39.39
C PHE C 219 -9.56 -26.30 40.76
N PRO C 220 -8.73 -26.14 41.79
CA PRO C 220 -9.15 -26.57 43.15
C PRO C 220 -10.35 -25.81 43.68
N GLY C 221 -10.49 -24.53 43.33
CA GLY C 221 -11.66 -23.76 43.70
C GLY C 221 -12.34 -23.24 42.44
N TYR C 222 -13.65 -23.01 42.53
CA TYR C 222 -14.40 -22.60 41.35
C TYR C 222 -14.01 -21.16 40.98
N PRO C 223 -13.89 -20.88 39.69
CA PRO C 223 -13.37 -19.57 39.28
C PRO C 223 -14.37 -18.44 39.44
N LEU C 224 -13.93 -17.35 40.08
CA LEU C 224 -14.75 -16.17 40.30
C LEU C 224 -14.68 -15.23 39.11
N CYS C 225 -13.47 -14.77 38.78
CA CYS C 225 -13.25 -13.89 37.64
C CYS C 225 -12.00 -14.33 36.89
N MET C 226 -11.99 -14.07 35.59
CA MET C 226 -10.95 -14.56 34.68
C MET C 226 -10.55 -13.45 33.72
N SER C 227 -9.25 -13.38 33.41
CA SER C 227 -8.80 -12.43 32.40
C SER C 227 -7.67 -13.06 31.59
N LEU C 228 -7.68 -12.83 30.28
CA LEU C 228 -6.62 -13.32 29.42
C LEU C 228 -5.55 -12.25 29.27
N ASP C 229 -4.31 -12.71 29.07
CA ASP C 229 -3.19 -11.80 28.86
C ASP C 229 -3.33 -11.14 27.49
N PRO C 230 -2.70 -9.97 27.28
CA PRO C 230 -2.83 -9.29 25.98
C PRO C 230 -2.33 -10.08 24.79
N SER C 231 -1.36 -10.96 24.99
CA SER C 231 -0.83 -11.78 23.91
C SER C 231 -1.67 -13.02 23.63
N SER C 232 -2.74 -13.23 24.41
CA SER C 232 -3.59 -14.43 24.37
C SER C 232 -2.76 -15.68 24.56
N ARG C 233 -1.78 -15.62 25.47
CA ARG C 233 -0.90 -16.76 25.70
C ARG C 233 -1.16 -17.39 27.07
N ALA C 234 -1.81 -16.65 27.97
CA ALA C 234 -2.01 -17.11 29.34
C ALA C 234 -3.40 -16.71 29.83
N ILE C 235 -3.86 -17.45 30.84
CA ILE C 235 -5.12 -17.19 31.52
C ILE C 235 -4.83 -16.94 32.99
N PHE C 236 -5.38 -15.86 33.53
CA PHE C 236 -5.33 -15.57 34.95
C PHE C 236 -6.71 -15.82 35.53
N VAL C 237 -6.78 -16.63 36.59
CA VAL C 237 -8.03 -17.08 37.15
C VAL C 237 -8.00 -16.86 38.66
N SER C 238 -8.98 -16.13 39.19
CA SER C 238 -9.18 -16.02 40.62
C SER C 238 -10.15 -17.10 41.08
N CYS C 239 -10.04 -17.47 42.35
CA CYS C 239 -10.80 -18.61 42.86
C CYS C 239 -11.33 -18.31 44.25
N GLU C 240 -12.14 -19.23 44.76
CA GLU C 240 -12.76 -19.06 46.07
C GLU C 240 -11.77 -19.23 47.21
N ASP C 241 -10.62 -19.85 46.95
CA ASP C 241 -9.63 -20.09 47.99
C ASP C 241 -8.68 -18.92 48.21
N SER C 242 -9.08 -17.71 47.78
CA SER C 242 -8.27 -16.50 47.91
C SER C 242 -6.90 -16.66 47.26
N SER C 243 -6.88 -17.16 46.03
CA SER C 243 -5.65 -17.36 45.30
C SER C 243 -5.87 -17.08 43.82
N LEU C 244 -4.79 -16.69 43.16
CA LEU C 244 -4.78 -16.44 41.72
C LEU C 244 -3.87 -17.44 41.03
N TYR C 245 -4.36 -17.97 39.91
CA TYR C 245 -3.76 -19.06 39.17
C TYR C 245 -3.43 -18.57 37.76
N VAL C 246 -2.33 -19.05 37.20
CA VAL C 246 -1.93 -18.71 35.84
C VAL C 246 -1.76 -19.99 35.05
N ALA C 247 -2.34 -20.03 33.85
CA ALA C 247 -2.23 -21.18 32.96
C ALA C 247 -1.68 -20.72 31.62
N GLU C 248 -0.55 -21.28 31.21
CA GLU C 248 0.12 -20.90 29.97
C GLU C 248 -0.33 -21.84 28.86
N MET C 249 -0.95 -21.27 27.82
CA MET C 249 -1.48 -22.10 26.75
C MET C 249 -0.37 -22.51 25.77
N PHE C 250 0.73 -21.77 25.75
CA PHE C 250 1.87 -22.07 24.88
C PHE C 250 3.16 -22.11 25.67
N GLY C 251 3.15 -22.79 26.81
CA GLY C 251 4.33 -22.87 27.66
C GLY C 251 5.19 -24.08 27.35
N GLU C 252 5.62 -24.79 28.38
CA GLU C 252 6.43 -25.99 28.23
C GLU C 252 5.62 -27.08 27.52
N LYS C 253 4.50 -27.47 28.11
CA LYS C 253 3.56 -28.36 27.47
C LYS C 253 2.31 -27.58 27.11
N PRO C 254 2.08 -27.31 25.81
CA PRO C 254 1.00 -26.40 25.44
C PRO C 254 -0.38 -27.01 25.67
N LEU C 255 -1.30 -26.20 26.19
CA LEU C 255 -2.69 -26.63 26.29
C LEU C 255 -3.35 -26.63 24.91
N LEU C 256 -3.02 -25.64 24.08
CA LEU C 256 -3.51 -25.56 22.71
C LEU C 256 -2.32 -25.53 21.77
N GLY C 257 -2.41 -26.30 20.69
CA GLY C 257 -1.38 -26.28 19.67
C GLY C 257 -0.98 -27.66 19.19
N PRO C 258 0.12 -27.73 18.42
CA PRO C 258 0.58 -29.03 17.93
C PRO C 258 1.06 -29.96 19.02
N GLY C 259 1.67 -29.42 20.09
CA GLY C 259 2.19 -30.22 21.17
C GLY C 259 1.19 -30.60 22.24
N SER C 260 -0.08 -30.25 22.06
CA SER C 260 -1.09 -30.53 23.05
C SER C 260 -1.54 -31.98 23.00
N GLU C 261 -2.22 -32.41 24.06
CA GLU C 261 -2.79 -33.75 24.09
C GLU C 261 -4.12 -33.81 23.36
N ASP C 262 -4.83 -34.91 23.57
CA ASP C 262 -6.18 -35.08 23.03
C ASP C 262 -7.12 -34.09 23.69
N PRO C 263 -8.09 -33.53 22.96
CA PRO C 263 -9.05 -32.60 23.58
C PRO C 263 -9.92 -33.23 24.66
N SER C 264 -10.10 -34.55 24.63
CA SER C 264 -10.88 -35.22 25.67
C SER C 264 -10.12 -35.32 26.98
N THR C 265 -8.79 -35.18 26.96
CA THR C 265 -8.02 -35.23 28.19
C THR C 265 -8.21 -33.96 29.00
N VAL C 266 -7.96 -34.07 30.31
CA VAL C 266 -8.23 -33.02 31.28
C VAL C 266 -6.92 -32.56 31.90
N VAL C 267 -6.71 -31.25 31.93
CA VAL C 267 -5.51 -30.66 32.54
C VAL C 267 -5.94 -29.97 33.82
N GLN C 268 -5.24 -30.25 34.91
CA GLN C 268 -5.56 -29.69 36.21
C GLN C 268 -4.52 -28.64 36.58
N ILE C 269 -4.99 -27.43 36.91
CA ILE C 269 -4.12 -26.31 37.27
C ILE C 269 -4.12 -26.20 38.78
N SER C 270 -3.01 -26.55 39.42
CA SER C 270 -2.96 -26.67 40.87
C SER C 270 -1.92 -25.79 41.53
N THR C 271 -1.07 -25.10 40.77
CA THR C 271 -0.03 -24.27 41.34
C THR C 271 -0.48 -22.81 41.35
N PRO C 272 -0.67 -22.21 42.52
CA PRO C 272 -1.13 -20.81 42.55
C PRO C 272 -0.02 -19.84 42.17
N PHE C 273 -0.38 -18.89 41.30
CA PHE C 273 0.51 -17.76 41.06
C PHE C 273 0.66 -16.92 42.31
N GLY C 274 -0.42 -16.73 43.04
CA GLY C 274 -0.33 -15.98 44.28
C GLY C 274 -1.48 -16.31 45.22
N ALA C 275 -1.34 -15.86 46.46
CA ALA C 275 -2.36 -16.08 47.47
C ALA C 275 -2.63 -14.77 48.20
N THR C 276 -3.82 -14.69 48.80
CA THR C 276 -4.27 -13.47 49.44
C THR C 276 -4.79 -13.81 50.84
N GLN C 277 -4.35 -13.03 51.83
CA GLN C 277 -4.71 -13.27 53.22
C GLN C 277 -6.20 -13.00 53.40
N PRO C 278 -6.93 -13.87 54.14
CA PRO C 278 -8.39 -13.73 54.17
C PRO C 278 -8.94 -12.49 54.88
N ASP C 279 -8.10 -11.66 55.50
CA ASP C 279 -8.60 -10.36 55.95
C ASP C 279 -8.78 -9.42 54.77
N VAL C 280 -8.09 -9.71 53.66
CA VAL C 280 -8.32 -9.00 52.41
C VAL C 280 -9.42 -9.66 51.61
N GLY C 281 -9.45 -10.99 51.60
CA GLY C 281 -10.49 -11.74 50.94
C GLY C 281 -10.12 -12.15 49.53
N PRO C 282 -10.84 -13.11 48.95
CA PRO C 282 -10.59 -13.51 47.57
C PRO C 282 -10.94 -12.39 46.59
N ALA C 283 -10.17 -12.31 45.51
CA ALA C 283 -10.34 -11.25 44.53
C ALA C 283 -11.65 -11.44 43.78
N SER C 284 -12.48 -10.39 43.76
CA SER C 284 -13.78 -10.46 43.10
C SER C 284 -13.75 -9.95 41.66
N CYS C 285 -12.83 -9.04 41.35
CA CYS C 285 -12.67 -8.53 39.99
C CYS C 285 -11.19 -8.49 39.64
N LEU C 286 -10.91 -8.69 38.35
CA LEU C 286 -9.57 -9.01 37.86
C LEU C 286 -9.35 -8.26 36.56
N SER C 287 -8.22 -7.57 36.42
CA SER C 287 -7.92 -6.89 35.17
C SER C 287 -6.42 -6.92 34.90
N VAL C 288 -6.08 -6.86 33.61
CA VAL C 288 -4.70 -6.95 33.14
C VAL C 288 -4.37 -5.63 32.44
N SER C 289 -3.18 -5.10 32.69
CA SER C 289 -2.76 -3.84 32.12
C SER C 289 -2.51 -3.98 30.61
N TYR C 290 -2.20 -2.85 29.98
CA TYR C 290 -1.99 -2.82 28.53
C TYR C 290 -0.74 -3.59 28.14
N ASP C 291 0.36 -3.42 28.88
CA ASP C 291 1.58 -4.15 28.57
C ASP C 291 1.48 -5.61 29.01
N GLY C 292 0.64 -5.90 30.00
CA GLY C 292 0.52 -7.23 30.55
C GLY C 292 1.53 -7.55 31.63
N THR C 293 2.40 -6.60 31.96
CA THR C 293 3.43 -6.87 32.98
C THR C 293 2.85 -6.84 34.38
N MET C 294 1.82 -6.04 34.61
CA MET C 294 1.23 -5.88 35.92
C MET C 294 -0.28 -6.07 35.84
N LEU C 295 -0.87 -6.45 36.97
CA LEU C 295 -2.25 -6.90 37.06
C LEU C 295 -2.92 -6.23 38.26
N LEU C 296 -4.25 -6.11 38.22
CA LEU C 296 -5.00 -5.46 39.28
C LEU C 296 -6.13 -6.36 39.76
N THR C 297 -6.31 -6.41 41.09
CA THR C 297 -7.38 -7.19 41.70
C THR C 297 -8.16 -6.32 42.68
N GLY C 298 -9.48 -6.52 42.71
CA GLY C 298 -10.34 -5.84 43.66
C GLY C 298 -10.91 -6.85 44.65
N HIS C 299 -11.10 -6.42 45.88
CA HIS C 299 -11.44 -7.32 46.97
C HIS C 299 -12.68 -6.83 47.73
N PRO C 300 -13.43 -7.74 48.35
CA PRO C 300 -14.63 -7.30 49.09
C PRO C 300 -14.35 -6.48 50.32
N ARG C 301 -13.11 -6.47 50.81
CA ARG C 301 -12.78 -5.66 51.97
C ARG C 301 -12.24 -4.28 51.60
N GLY C 302 -12.23 -3.93 50.32
CA GLY C 302 -11.89 -2.59 49.89
C GLY C 302 -10.53 -2.41 49.27
N GLN C 303 -9.61 -3.33 49.48
CA GLN C 303 -8.25 -3.15 49.01
C GLN C 303 -8.14 -3.42 47.52
N ILE C 304 -7.42 -2.55 46.82
CA ILE C 304 -7.04 -2.76 45.43
C ILE C 304 -5.57 -3.17 45.42
N MET C 305 -5.31 -4.35 44.87
CA MET C 305 -3.99 -4.96 44.96
C MET C 305 -3.36 -5.00 43.57
N ARG C 306 -2.10 -4.57 43.48
CA ARG C 306 -1.35 -4.59 42.23
C ARG C 306 -0.34 -5.73 42.26
N TRP C 307 -0.36 -6.55 41.21
CA TRP C 307 0.45 -7.75 41.11
C TRP C 307 1.48 -7.56 40.01
N ASP C 308 2.71 -7.98 40.28
CA ASP C 308 3.77 -7.95 39.29
C ASP C 308 3.87 -9.34 38.67
N ILE C 309 3.39 -9.48 37.42
CA ILE C 309 3.39 -10.78 36.77
C ILE C 309 4.81 -11.19 36.40
N SER C 310 5.60 -10.27 35.84
CA SER C 310 6.94 -10.60 35.43
C SER C 310 7.88 -10.74 36.62
N GLU C 311 7.77 -9.84 37.60
CA GLU C 311 8.68 -9.86 38.74
C GLU C 311 8.33 -10.95 39.74
N ASN C 312 7.07 -11.40 39.76
CA ASN C 312 6.53 -12.41 40.67
C ASN C 312 6.74 -12.06 42.15
N LYS C 313 6.69 -10.78 42.50
CA LYS C 313 6.92 -10.35 43.87
C LYS C 313 5.62 -10.38 44.67
N SER C 314 5.72 -9.96 45.93
CA SER C 314 4.54 -9.85 46.77
C SER C 314 3.66 -8.70 46.28
N PRO C 315 2.33 -8.84 46.36
CA PRO C 315 1.45 -7.76 45.92
C PRO C 315 1.49 -6.58 46.88
N VAL C 316 1.21 -5.40 46.33
CA VAL C 316 1.19 -4.16 47.10
C VAL C 316 -0.22 -3.59 47.04
N GLU C 317 -0.60 -2.84 48.08
CA GLU C 317 -1.94 -2.28 48.18
C GLU C 317 -1.93 -0.84 47.70
N LEU C 318 -2.77 -0.53 46.73
CA LEU C 318 -2.87 0.83 46.22
C LEU C 318 -3.71 1.70 47.16
N ALA C 319 -4.96 1.30 47.40
CA ALA C 319 -5.85 2.07 48.24
C ALA C 319 -6.90 1.17 48.87
N ASN C 320 -7.51 1.68 49.94
CA ASN C 320 -8.64 1.04 50.60
C ASN C 320 -9.86 1.91 50.40
N LEU C 321 -10.84 1.41 49.63
CA LEU C 321 -11.98 2.23 49.25
C LEU C 321 -13.11 2.11 50.29
N ASN C 322 -12.92 1.25 51.29
CA ASN C 322 -13.80 1.04 52.43
C ASN C 322 -15.16 0.56 51.92
N ALA C 323 -15.16 -0.20 50.83
CA ALA C 323 -16.35 -0.82 50.28
C ALA C 323 -15.93 -1.97 49.37
N ALA C 324 -16.85 -2.91 49.17
CA ALA C 324 -16.53 -4.09 48.36
C ALA C 324 -16.32 -3.69 46.90
N VAL C 325 -15.12 -3.95 46.39
CA VAL C 325 -14.74 -3.61 45.03
C VAL C 325 -15.26 -4.68 44.09
N THR C 326 -15.99 -4.27 43.07
CA THR C 326 -16.67 -5.22 42.19
C THR C 326 -16.19 -5.20 40.75
N ASN C 327 -15.57 -4.10 40.31
CA ASN C 327 -15.12 -3.97 38.93
C ASN C 327 -13.84 -3.17 38.85
N LEU C 328 -12.90 -3.64 38.02
CA LEU C 328 -11.74 -2.87 37.59
C LEU C 328 -11.63 -3.00 36.07
N ILE C 329 -11.69 -1.88 35.37
CA ILE C 329 -11.59 -1.85 33.92
C ILE C 329 -10.43 -0.93 33.55
N PHE C 330 -9.43 -1.49 32.87
CA PHE C 330 -8.36 -0.67 32.32
C PHE C 330 -8.84 0.10 31.10
N VAL C 331 -8.32 1.31 30.95
CA VAL C 331 -8.53 2.14 29.78
C VAL C 331 -7.24 2.17 29.00
N SER C 332 -7.32 2.04 27.68
CA SER C 332 -6.13 1.99 26.85
C SER C 332 -5.39 3.32 26.90
N PRO C 333 -4.07 3.30 27.11
CA PRO C 333 -3.31 4.57 27.15
C PRO C 333 -3.31 5.31 25.82
N PHE C 334 -3.09 4.61 24.72
CA PHE C 334 -3.21 5.25 23.42
C PHE C 334 -4.69 5.39 23.05
N LEU C 335 -5.00 6.46 22.34
CA LEU C 335 -6.37 6.75 21.92
C LEU C 335 -6.56 6.23 20.51
N THR C 336 -7.67 5.53 20.29
CA THR C 336 -7.99 5.03 18.96
C THR C 336 -8.75 6.08 18.17
N SER C 337 -8.75 5.92 16.85
CA SER C 337 -9.41 6.84 15.94
C SER C 337 -10.73 6.24 15.49
N LYS C 338 -11.82 6.95 15.79
CA LYS C 338 -13.16 6.49 15.46
C LYS C 338 -13.91 7.57 14.69
N PRO C 339 -14.57 7.23 13.59
CA PRO C 339 -15.22 8.25 12.76
C PRO C 339 -16.37 8.98 13.45
N THR C 340 -17.01 8.36 14.44
CA THR C 340 -18.10 8.98 15.17
C THR C 340 -17.79 9.03 16.66
N LYS C 341 -18.30 10.06 17.33
CA LYS C 341 -18.17 10.19 18.78
C LYS C 341 -19.55 10.24 19.40
N THR C 342 -19.76 9.40 20.42
CA THR C 342 -21.04 9.33 21.10
C THR C 342 -21.02 10.29 22.28
N VAL C 343 -21.46 11.54 22.03
CA VAL C 343 -21.53 12.52 23.10
C VAL C 343 -22.68 12.19 24.06
N ASN C 344 -23.84 11.84 23.51
CA ASN C 344 -25.01 11.56 24.32
C ASN C 344 -25.61 10.22 23.92
N ILE C 345 -26.24 9.57 24.88
CA ILE C 345 -26.93 8.30 24.63
C ILE C 345 -28.39 8.57 24.28
N ILE C 346 -29.04 7.56 23.72
CA ILE C 346 -30.47 7.60 23.44
C ILE C 346 -31.14 6.49 24.24
N LYS C 347 -32.11 6.86 25.07
CA LYS C 347 -32.79 5.88 25.91
C LYS C 347 -33.69 4.99 25.06
N PRO C 348 -33.83 3.71 25.43
CA PRO C 348 -34.64 2.78 24.63
C PRO C 348 -36.12 3.12 24.70
N SER C 349 -36.73 3.29 23.53
CA SER C 349 -38.16 3.55 23.41
C SER C 349 -38.78 2.49 22.50
N GLN C 350 -39.93 1.97 22.92
CA GLN C 350 -40.59 0.93 22.13
C GLN C 350 -41.49 1.52 21.05
N ALA C 351 -41.58 2.84 20.99
CA ALA C 351 -42.45 3.50 20.03
C ALA C 351 -41.93 3.30 18.61
N GLU C 352 -42.86 3.17 17.67
CA GLU C 352 -42.49 2.96 16.27
C GLU C 352 -42.00 4.28 15.66
N ARG C 353 -40.84 4.22 15.01
CA ARG C 353 -40.27 5.39 14.37
C ARG C 353 -39.35 4.93 13.26
N ALA C 354 -38.96 5.87 12.40
CA ALA C 354 -37.97 5.59 11.38
C ALA C 354 -36.61 5.34 12.03
N TYR C 355 -35.81 4.51 11.40
CA TYR C 355 -34.49 4.18 11.94
C TYR C 355 -33.56 5.38 11.84
N THR C 356 -33.14 5.88 13.00
CA THR C 356 -32.30 7.07 13.08
C THR C 356 -31.05 6.77 13.89
N PHE C 357 -29.93 7.31 13.46
CA PHE C 357 -28.64 7.13 14.12
C PHE C 357 -28.15 8.48 14.61
N THR C 358 -27.77 8.55 15.89
CA THR C 358 -27.40 9.82 16.53
C THR C 358 -25.96 9.74 17.00
N ALA C 359 -25.08 10.54 16.39
CA ALA C 359 -23.70 10.66 16.82
C ALA C 359 -23.14 11.96 16.23
N GLN C 360 -21.99 12.36 16.76
CA GLN C 360 -21.25 13.50 16.23
C GLN C 360 -20.20 12.99 15.26
N PHE C 361 -20.21 13.53 14.04
CA PHE C 361 -19.26 13.11 13.03
C PHE C 361 -17.90 13.77 13.27
N GLU C 362 -16.86 12.96 13.33
CA GLU C 362 -15.51 13.43 13.66
C GLU C 362 -14.71 13.74 12.40
N PRO C 363 -13.78 14.68 12.47
CA PRO C 363 -12.90 14.93 11.31
C PRO C 363 -11.99 13.75 11.04
N MET C 364 -12.10 13.20 9.84
CA MET C 364 -11.37 11.99 9.49
C MET C 364 -10.53 12.10 8.23
N SER C 365 -10.48 13.28 7.60
CA SER C 365 -9.76 13.52 6.34
C SER C 365 -10.23 12.56 5.24
N PHE C 366 -11.54 12.33 5.18
CA PHE C 366 -12.08 11.45 4.14
C PHE C 366 -12.07 12.14 2.79
N THR C 367 -12.19 13.46 2.77
CA THR C 367 -12.11 14.24 1.54
C THR C 367 -10.69 14.74 1.35
N LYS C 368 -10.08 14.39 0.22
CA LYS C 368 -8.70 14.74 -0.08
C LYS C 368 -8.65 15.53 -1.39
N SER C 369 -7.82 16.56 -1.42
CA SER C 369 -7.67 17.41 -2.58
C SER C 369 -6.20 17.81 -2.73
N ARG C 370 -5.87 18.33 -3.91
CA ARG C 370 -4.51 18.83 -4.13
C ARG C 370 -4.26 20.13 -3.37
N LEU C 371 -5.32 20.88 -3.10
CA LEU C 371 -5.20 22.10 -2.32
C LEU C 371 -4.80 21.79 -0.88
N ASP C 372 -5.25 20.66 -0.35
CA ASP C 372 -4.80 20.22 0.96
C ASP C 372 -3.32 19.89 0.96
N SER C 373 -2.82 19.32 -0.15
CA SER C 373 -1.39 19.06 -0.27
C SER C 373 -0.60 20.36 -0.39
N LEU C 374 -1.18 21.37 -1.04
CA LEU C 374 -0.56 22.69 -1.03
C LEU C 374 -0.52 23.29 0.37
N LEU C 375 -1.61 23.14 1.13
CA LEU C 375 -1.71 23.76 2.44
C LEU C 375 -0.78 23.11 3.46
N ASN C 376 -0.82 21.77 3.54
CA ASN C 376 -0.10 21.07 4.60
C ASN C 376 1.40 20.97 4.36
N ALA C 377 1.85 21.18 3.12
CA ALA C 377 3.27 21.10 2.83
C ALA C 377 4.01 22.30 3.41
N THR C 378 5.22 22.05 3.91
CA THR C 378 6.08 23.14 4.34
C THR C 378 6.60 23.88 3.11
N GLY C 379 6.25 25.16 3.02
CA GLY C 379 6.50 25.83 1.75
C GLY C 379 5.49 25.36 0.73
N PHE C 380 5.94 25.31 -0.53
CA PHE C 380 5.12 24.81 -1.61
C PHE C 380 5.81 23.63 -2.29
N PRO C 381 5.07 22.64 -2.76
CA PRO C 381 5.69 21.56 -3.54
C PRO C 381 6.26 22.09 -4.85
N ALA C 382 7.29 21.40 -5.35
CA ALA C 382 8.06 21.90 -6.48
C ALA C 382 7.22 21.93 -7.76
N ASP C 383 6.46 20.87 -8.03
CA ASP C 383 5.68 20.80 -9.26
C ASP C 383 4.52 21.80 -9.23
N ALA C 384 3.87 21.94 -8.08
CA ALA C 384 2.78 22.90 -7.95
C ALA C 384 3.30 24.33 -8.05
N LEU C 385 4.47 24.59 -7.48
CA LEU C 385 5.08 25.91 -7.62
C LEU C 385 5.48 26.20 -9.06
N GLU C 386 5.99 25.18 -9.77
CA GLU C 386 6.34 25.36 -11.17
C GLU C 386 5.11 25.66 -12.01
N SER C 387 4.01 24.95 -11.76
CA SER C 387 2.77 25.24 -12.46
C SER C 387 2.25 26.64 -12.11
N ALA C 388 2.48 27.08 -10.86
CA ALA C 388 2.10 28.42 -10.46
C ALA C 388 2.89 29.49 -11.21
N ILE C 389 4.20 29.25 -11.39
CA ILE C 389 5.03 30.22 -12.13
C ILE C 389 4.65 30.24 -13.60
N VAL C 390 4.35 29.06 -14.18
CA VAL C 390 3.90 29.02 -15.57
C VAL C 390 2.57 29.75 -15.74
N ALA C 391 1.65 29.57 -14.78
CA ALA C 391 0.37 30.27 -14.84
C ALA C 391 0.56 31.77 -14.59
N PHE C 392 1.61 32.14 -13.86
CA PHE C 392 1.85 33.56 -13.58
C PHE C 392 2.33 34.30 -14.83
N TYR C 393 3.18 33.66 -15.64
CA TYR C 393 3.74 34.31 -16.82
C TYR C 393 2.89 34.04 -18.06
N THR D 2 28.68 35.09 13.62
CA THR D 2 28.53 35.04 12.18
C THR D 2 27.19 34.39 11.79
N ALA D 3 26.61 34.89 10.71
CA ALA D 3 25.32 34.38 10.26
C ALA D 3 25.49 33.04 9.55
N PRO D 4 24.44 32.22 9.54
CA PRO D 4 24.45 31.02 8.68
C PRO D 4 24.52 31.40 7.21
N PRO D 5 25.12 30.54 6.37
CA PRO D 5 25.28 30.88 4.95
C PRO D 5 23.97 31.09 4.20
N ASP D 6 22.94 30.33 4.58
CA ASP D 6 21.66 30.38 3.87
C ASP D 6 21.01 31.75 3.97
N LEU D 7 21.04 32.36 5.17
CA LEU D 7 20.39 33.64 5.39
C LEU D 7 21.07 34.76 4.60
N ARG D 8 22.41 34.77 4.57
CA ARG D 8 23.13 35.80 3.83
C ARG D 8 23.03 35.57 2.32
N VAL D 9 22.92 34.30 1.89
CA VAL D 9 22.62 34.02 0.49
C VAL D 9 21.25 34.58 0.12
N VAL D 10 20.26 34.41 1.00
CA VAL D 10 18.92 34.97 0.78
C VAL D 10 18.99 36.49 0.67
N CYS D 11 19.72 37.13 1.58
CA CYS D 11 19.83 38.59 1.56
C CYS D 11 20.50 39.10 0.28
N HIS D 12 21.58 38.44 -0.15
CA HIS D 12 22.28 38.88 -1.35
C HIS D 12 21.43 38.65 -2.61
N ARG D 13 20.75 37.51 -2.68
CA ARG D 13 19.92 37.24 -3.85
C ARG D 13 18.68 38.13 -3.89
N LEU D 14 18.18 38.53 -2.73
CA LEU D 14 17.06 39.47 -2.70
C LEU D 14 17.50 40.88 -3.08
N ALA D 15 18.73 41.25 -2.69
CA ALA D 15 19.21 42.59 -3.02
C ALA D 15 19.59 42.70 -4.49
N SER D 16 20.19 41.65 -5.07
CA SER D 16 20.77 41.77 -6.40
C SER D 16 19.73 41.58 -7.50
N THR D 17 18.76 40.70 -7.29
CA THR D 17 17.87 40.27 -8.37
C THR D 17 16.88 41.37 -8.74
N PRO D 18 16.63 41.58 -10.04
CA PRO D 18 15.48 42.43 -10.43
C PRO D 18 14.17 41.78 -10.02
N VAL D 19 13.14 42.62 -9.85
CA VAL D 19 11.90 42.16 -9.25
C VAL D 19 11.12 41.25 -10.21
N ASP D 20 11.27 41.48 -11.52
CA ASP D 20 10.48 40.72 -12.48
C ASP D 20 10.99 39.29 -12.65
N SER D 21 12.28 39.06 -12.40
CA SER D 21 12.82 37.71 -12.50
C SER D 21 12.74 36.94 -11.19
N LEU D 22 12.28 37.57 -10.11
CA LEU D 22 12.14 36.90 -8.83
C LEU D 22 11.19 35.68 -8.82
N PRO D 23 10.03 35.68 -9.52
CA PRO D 23 9.23 34.44 -9.53
C PRO D 23 9.95 33.21 -10.09
N ARG D 24 10.89 33.41 -11.01
CA ARG D 24 11.67 32.28 -11.51
C ARG D 24 12.68 31.79 -10.47
N LEU D 25 13.19 32.70 -9.64
CA LEU D 25 14.10 32.33 -8.56
C LEU D 25 13.37 31.93 -7.28
N CYS D 26 12.04 31.98 -7.26
CA CYS D 26 11.29 31.58 -6.07
C CYS D 26 11.56 30.17 -5.54
N PRO D 27 11.74 29.10 -6.35
CA PRO D 27 12.04 27.79 -5.73
C PRO D 27 13.32 27.78 -4.90
N LEU D 28 14.41 28.36 -5.39
CA LEU D 28 15.66 28.35 -4.63
C LEU D 28 15.56 29.27 -3.41
N LEU D 29 14.86 30.39 -3.55
CA LEU D 29 14.65 31.29 -2.41
C LEU D 29 13.84 30.60 -1.32
N ILE D 30 12.79 29.88 -1.70
CA ILE D 30 11.99 29.13 -0.74
C ILE D 30 12.83 28.04 -0.08
N ASN D 31 13.66 27.35 -0.86
CA ASN D 31 14.50 26.29 -0.28
C ASN D 31 15.47 26.87 0.74
N HIS D 32 16.10 28.00 0.40
CA HIS D 32 17.04 28.62 1.33
C HIS D 32 16.36 29.15 2.58
N VAL D 33 15.16 29.72 2.45
CA VAL D 33 14.50 30.29 3.64
C VAL D 33 13.89 29.18 4.50
N LEU D 34 13.53 28.06 3.89
CA LEU D 34 13.13 26.90 4.68
C LEU D 34 14.33 26.31 5.40
N ARG D 35 15.54 26.50 4.85
CA ARG D 35 16.74 26.02 5.52
C ARG D 35 17.00 26.80 6.81
N CYS D 36 16.85 28.13 6.77
CA CYS D 36 17.20 28.98 7.92
C CYS D 36 15.97 29.35 8.74
N GLY D 37 15.32 28.31 9.30
CA GLY D 37 14.17 28.56 10.16
C GLY D 37 14.56 29.06 11.54
N GLY D 38 15.72 28.62 12.04
CA GLY D 38 16.19 28.97 13.36
C GLY D 38 16.46 30.44 13.61
N PRO D 39 17.14 31.15 12.71
CA PRO D 39 17.26 32.62 12.89
C PRO D 39 15.93 33.36 12.92
N LEU D 40 14.94 32.91 12.15
CA LEU D 40 13.63 33.56 12.19
C LEU D 40 12.85 33.16 13.44
N SER D 41 13.18 32.01 14.02
CA SER D 41 12.47 31.57 15.22
C SER D 41 12.96 32.31 16.46
N GLU D 42 14.08 33.00 16.36
CA GLU D 42 14.63 33.70 17.51
C GLU D 42 13.80 34.94 17.83
N PRO D 43 13.42 35.15 19.09
CA PRO D 43 12.61 36.32 19.44
C PRO D 43 13.40 37.62 19.33
N GLN D 44 12.81 38.60 18.68
CA GLN D 44 13.44 39.90 18.50
C GLN D 44 12.91 40.92 19.51
N THR D 52 25.13 44.30 18.26
CA THR D 52 24.06 43.51 17.67
C THR D 52 24.65 42.38 16.83
N SER D 53 24.09 41.17 16.98
CA SER D 53 24.55 40.03 16.22
C SER D 53 24.21 40.20 14.74
N GLU D 54 25.05 39.64 13.87
CA GLU D 54 24.83 39.76 12.44
C GLU D 54 23.62 38.95 11.99
N THR D 55 23.33 37.86 12.71
CA THR D 55 22.17 37.03 12.38
C THR D 55 20.86 37.80 12.56
N ALA D 56 20.72 38.50 13.68
CA ALA D 56 19.51 39.29 13.92
C ALA D 56 19.39 40.46 12.94
N MET D 57 20.52 41.06 12.59
CA MET D 57 20.52 42.14 11.61
C MET D 57 20.05 41.63 10.24
N LEU D 58 20.57 40.48 9.80
CA LEU D 58 20.15 39.95 8.51
C LEU D 58 18.70 39.50 8.53
N VAL D 59 18.22 39.01 9.68
CA VAL D 59 16.81 38.66 9.81
C VAL D 59 15.94 39.91 9.69
N HIS D 60 16.35 41.01 10.33
CA HIS D 60 15.59 42.25 10.26
C HIS D 60 15.54 42.81 8.85
N LYS D 61 16.69 42.82 8.16
CA LYS D 61 16.70 43.25 6.76
C LYS D 61 15.89 42.32 5.86
N PHE D 62 15.88 41.02 6.16
CA PHE D 62 15.10 40.07 5.36
C PHE D 62 13.60 40.33 5.52
N ARG D 63 13.15 40.56 6.75
CA ARG D 63 11.74 40.86 6.97
C ARG D 63 11.36 42.21 6.37
N THR D 64 12.27 43.19 6.43
CA THR D 64 12.04 44.48 5.79
C THR D 64 11.90 44.32 4.29
N HIS D 65 12.74 43.48 3.68
CA HIS D 65 12.64 43.22 2.24
C HIS D 65 11.34 42.51 1.88
N ILE D 66 10.88 41.57 2.73
CA ILE D 66 9.60 40.91 2.48
C ILE D 66 8.46 41.92 2.52
N THR D 67 8.46 42.80 3.52
CA THR D 67 7.40 43.80 3.63
C THR D 67 7.43 44.78 2.45
N SER D 68 8.63 45.18 2.02
CA SER D 68 8.74 46.10 0.90
C SER D 68 8.33 45.45 -0.41
N LEU D 69 8.61 44.15 -0.57
CA LEU D 69 8.17 43.43 -1.76
C LEU D 69 6.66 43.29 -1.78
N LEU D 70 6.06 43.03 -0.61
CA LEU D 70 4.61 42.84 -0.54
C LEU D 70 3.86 44.15 -0.78
N THR D 71 4.28 45.23 -0.12
CA THR D 71 3.54 46.48 -0.20
C THR D 71 3.78 47.19 -1.53
N GLY D 72 4.93 46.96 -2.15
CA GLY D 72 5.23 47.64 -3.40
C GLY D 72 4.38 47.15 -4.54
N LYS D 73 4.19 48.01 -5.54
CA LYS D 73 3.35 47.68 -6.69
C LYS D 73 4.22 46.97 -7.74
N SER D 74 4.22 45.65 -7.65
CA SER D 74 4.85 44.79 -8.64
C SER D 74 4.20 43.41 -8.50
N PRO D 75 3.46 42.94 -9.52
CA PRO D 75 2.85 41.60 -9.42
C PRO D 75 3.84 40.48 -9.21
N ALA D 76 5.01 40.58 -9.84
CA ALA D 76 6.09 39.63 -9.58
C ALA D 76 6.58 39.75 -8.14
N GLY D 77 6.74 40.98 -7.65
CA GLY D 77 7.13 41.17 -6.27
C GLY D 77 6.09 40.68 -5.28
N ARG D 78 4.82 40.90 -5.59
CA ARG D 78 3.75 40.39 -4.72
C ARG D 78 3.72 38.87 -4.71
N PHE D 79 3.92 38.23 -5.88
CA PHE D 79 3.99 36.77 -5.95
C PHE D 79 5.15 36.23 -5.12
N THR D 80 6.34 36.84 -5.28
CA THR D 80 7.51 36.42 -4.52
C THR D 80 7.31 36.61 -3.02
N ALA D 81 6.68 37.72 -2.63
CA ALA D 81 6.41 37.97 -1.22
C ALA D 81 5.39 36.98 -0.67
N VAL D 82 4.41 36.57 -1.49
CA VAL D 82 3.46 35.55 -1.06
C VAL D 82 4.18 34.25 -0.74
N CYS D 83 5.07 33.83 -1.65
CA CYS D 83 5.83 32.60 -1.43
C CYS D 83 6.73 32.71 -0.19
N LEU D 84 7.39 33.85 -0.03
CA LEU D 84 8.29 34.05 1.12
C LEU D 84 7.53 34.09 2.43
N ILE D 85 6.35 34.73 2.44
CA ILE D 85 5.52 34.77 3.65
C ILE D 85 5.05 33.36 4.01
N LYS D 86 4.65 32.57 3.02
CA LYS D 86 4.25 31.20 3.30
C LYS D 86 5.38 30.40 3.93
N ALA D 87 6.58 30.49 3.36
CA ALA D 87 7.71 29.73 3.89
C ALA D 87 8.15 30.25 5.27
N VAL D 88 8.13 31.57 5.47
CA VAL D 88 8.55 32.16 6.74
C VAL D 88 7.58 31.80 7.85
N ILE D 89 6.27 31.84 7.57
CA ILE D 89 5.29 31.41 8.57
C ILE D 89 5.41 29.91 8.82
N ASP D 90 5.81 29.14 7.81
CA ASP D 90 6.05 27.72 8.01
C ASP D 90 7.21 27.46 8.97
N VAL D 91 8.30 28.23 8.87
CA VAL D 91 9.50 27.89 9.62
C VAL D 91 9.76 28.75 10.87
N GLY D 92 9.07 29.89 11.03
CA GLY D 92 9.44 30.80 12.10
C GLY D 92 8.70 30.53 13.39
N GLY D 93 7.39 30.31 13.30
CA GLY D 93 6.62 30.06 14.50
C GLY D 93 5.99 31.30 15.09
N TRP D 94 6.09 31.41 16.42
CA TRP D 94 5.35 32.44 17.15
C TRP D 94 5.89 33.83 16.87
N GLU D 95 7.21 33.95 16.67
CA GLU D 95 7.79 35.26 16.41
C GLU D 95 7.34 35.82 15.06
N SER D 96 7.22 34.96 14.05
CA SER D 96 6.68 35.41 12.77
C SER D 96 5.17 35.64 12.86
N LEU D 97 4.46 34.83 13.64
CA LEU D 97 3.02 35.02 13.80
C LEU D 97 2.71 36.32 14.52
N ARG D 98 3.64 36.80 15.36
CA ARG D 98 3.44 38.08 16.05
C ARG D 98 3.44 39.24 15.07
N SER D 99 4.30 39.19 14.05
CA SER D 99 4.39 40.28 13.08
C SER D 99 3.66 39.98 11.77
N ALA D 100 2.90 38.89 11.70
CA ALA D 100 2.23 38.52 10.46
C ALA D 100 1.04 39.42 10.12
N GLU D 101 0.65 40.33 11.02
CA GLU D 101 -0.53 41.15 10.77
C GLU D 101 -0.42 42.08 9.56
N PRO D 102 0.66 42.88 9.35
CA PRO D 102 0.75 43.60 8.07
C PRO D 102 0.86 42.67 6.87
N TRP D 103 1.38 41.46 7.08
CA TRP D 103 1.38 40.47 6.01
C TRP D 103 -0.02 39.99 5.70
N ILE D 104 -0.86 39.84 6.73
CA ILE D 104 -2.26 39.42 6.51
C ILE D 104 -3.01 40.48 5.72
N ARG D 105 -2.87 41.75 6.14
CA ARG D 105 -3.50 42.85 5.39
C ARG D 105 -2.95 42.94 3.97
N GLY D 106 -1.65 42.68 3.80
CA GLY D 106 -1.06 42.69 2.48
C GLY D 106 -1.58 41.59 1.58
N LEU D 107 -1.79 40.39 2.12
CA LEU D 107 -2.33 39.29 1.32
C LEU D 107 -3.78 39.55 0.92
N ILE D 108 -4.57 40.10 1.84
CA ILE D 108 -5.94 40.48 1.49
C ILE D 108 -5.94 41.57 0.42
N GLY D 109 -4.99 42.51 0.51
CA GLY D 109 -4.85 43.51 -0.54
C GLY D 109 -4.44 42.93 -1.88
N VAL D 110 -3.62 41.88 -1.85
CA VAL D 110 -3.25 41.17 -3.07
C VAL D 110 -4.49 40.53 -3.70
N LEU D 111 -5.35 39.93 -2.87
CA LEU D 111 -6.61 39.38 -3.38
C LEU D 111 -7.52 40.47 -3.94
N GLN D 112 -7.52 41.65 -3.33
CA GLN D 112 -8.36 42.73 -3.85
C GLN D 112 -7.78 43.30 -5.15
N LYS D 113 -6.46 43.34 -5.28
CA LYS D 113 -5.85 43.94 -6.46
C LYS D 113 -5.99 43.02 -7.68
N PRO D 114 -6.10 43.56 -8.87
CA PRO D 114 -6.12 42.72 -10.07
C PRO D 114 -4.73 42.16 -10.36
N ASP D 115 -4.58 40.86 -10.11
CA ASP D 115 -3.30 40.18 -10.23
C ASP D 115 -3.53 38.88 -11.00
N PRO D 116 -2.46 38.19 -11.40
CA PRO D 116 -2.63 36.83 -11.94
C PRO D 116 -3.30 35.92 -10.93
N LEU D 117 -4.13 35.01 -11.46
CA LEU D 117 -5.02 34.22 -10.61
C LEU D 117 -4.26 33.16 -9.82
N SER D 118 -3.08 32.78 -10.28
CA SER D 118 -2.27 31.85 -9.50
C SER D 118 -1.71 32.53 -8.26
N SER D 119 -1.37 33.82 -8.37
CA SER D 119 -0.96 34.58 -7.20
C SER D 119 -2.13 34.72 -6.21
N LYS D 120 -3.34 34.91 -6.71
CA LYS D 120 -4.52 34.95 -5.85
C LYS D 120 -4.74 33.61 -5.16
N GLU D 121 -4.57 32.50 -5.88
CA GLU D 121 -4.72 31.19 -5.28
C GLU D 121 -3.68 30.93 -4.20
N LEU D 122 -2.43 31.35 -4.45
CA LEU D 122 -1.39 31.18 -3.45
C LEU D 122 -1.62 32.07 -2.24
N SER D 123 -2.17 33.27 -2.46
CA SER D 123 -2.54 34.13 -1.34
C SER D 123 -3.66 33.50 -0.51
N ILE D 124 -4.61 32.86 -1.17
CA ILE D 124 -5.70 32.17 -0.48
C ILE D 124 -5.16 31.04 0.37
N VAL D 125 -4.24 30.24 -0.18
CA VAL D 125 -3.64 29.14 0.56
C VAL D 125 -2.82 29.66 1.74
N THR D 126 -2.06 30.74 1.51
CA THR D 126 -1.24 31.31 2.58
C THR D 126 -2.09 31.89 3.70
N LEU D 127 -3.20 32.56 3.36
CA LEU D 127 -4.08 33.11 4.39
C LEU D 127 -4.79 32.02 5.16
N THR D 128 -5.17 30.94 4.47
CA THR D 128 -5.77 29.80 5.15
C THR D 128 -4.79 29.18 6.14
N LYS D 129 -3.52 29.03 5.72
CA LYS D 129 -2.49 28.52 6.62
C LYS D 129 -2.26 29.46 7.80
N LEU D 130 -2.30 30.77 7.54
CA LEU D 130 -2.17 31.76 8.62
C LEU D 130 -3.29 31.63 9.64
N TYR D 131 -4.53 31.47 9.19
CA TYR D 131 -5.64 31.37 10.12
C TYR D 131 -5.59 30.07 10.92
N ILE D 132 -5.24 28.96 10.25
CA ILE D 132 -5.12 27.68 10.94
C ILE D 132 -4.00 27.73 11.98
N LEU D 133 -2.89 28.40 11.66
CA LEU D 133 -1.80 28.52 12.62
C LEU D 133 -2.12 29.52 13.72
N LEU D 134 -2.93 30.54 13.43
CA LEU D 134 -3.28 31.53 14.45
C LEU D 134 -4.30 30.96 15.43
N GLN D 135 -4.99 29.89 15.04
CA GLN D 135 -5.96 29.24 15.92
C GLN D 135 -5.39 28.75 17.25
N ASP D 136 -4.08 28.52 17.33
CA ASP D 136 -3.49 28.02 18.56
C ASP D 136 -3.49 29.08 19.66
N TYR D 137 -3.24 30.34 19.32
CA TYR D 137 -3.02 31.39 20.29
C TYR D 137 -4.22 32.34 20.33
N GLN D 138 -4.86 32.45 21.49
CA GLN D 138 -6.11 33.18 21.60
C GLN D 138 -5.90 34.69 21.46
N THR D 139 -4.79 35.20 22.00
CA THR D 139 -4.50 36.63 21.92
C THR D 139 -4.31 37.05 20.46
N LEU D 140 -3.66 36.22 19.67
CA LEU D 140 -3.48 36.52 18.26
C LEU D 140 -4.79 36.35 17.48
N ILE D 141 -5.68 35.49 17.96
CA ILE D 141 -7.02 35.42 17.38
C ILE D 141 -7.77 36.73 17.61
N ARG D 142 -7.68 37.28 18.82
CA ARG D 142 -8.34 38.55 19.11
C ARG D 142 -7.70 39.70 18.32
N GLU D 143 -6.38 39.68 18.18
CA GLU D 143 -5.69 40.79 17.52
C GLU D 143 -5.81 40.72 16.00
N MET D 144 -5.71 39.52 15.43
CA MET D 144 -5.48 39.37 14.00
C MET D 144 -6.64 38.73 13.25
N ALA D 145 -7.09 37.55 13.69
CA ALA D 145 -8.03 36.77 12.89
C ALA D 145 -9.41 37.42 12.84
N THR D 146 -9.94 37.82 13.99
CA THR D 146 -11.27 38.42 14.11
C THR D 146 -11.44 39.72 13.32
N PRO D 147 -10.49 40.72 13.36
CA PRO D 147 -10.71 41.91 12.53
C PRO D 147 -10.53 41.67 11.03
N THR D 148 -9.54 40.88 10.66
CA THR D 148 -9.17 40.76 9.25
C THR D 148 -10.06 39.78 8.50
N LEU D 149 -10.69 38.85 9.23
CA LEU D 149 -11.45 37.79 8.56
C LEU D 149 -12.68 38.24 7.75
N PRO D 150 -13.56 39.15 8.22
CA PRO D 150 -14.68 39.55 7.35
C PRO D 150 -14.25 40.20 6.03
N GLY D 151 -13.15 40.94 6.05
CA GLY D 151 -12.64 41.49 4.80
C GLY D 151 -12.18 40.42 3.82
N TYR D 152 -11.52 39.38 4.33
CA TYR D 152 -11.09 38.27 3.49
C TYR D 152 -12.28 37.52 2.92
N ALA D 153 -13.30 37.28 3.75
CA ALA D 153 -14.49 36.58 3.28
C ALA D 153 -15.24 37.41 2.24
N THR D 154 -15.32 38.73 2.45
CA THR D 154 -15.94 39.60 1.47
C THR D 154 -15.17 39.61 0.15
N ALA D 155 -13.83 39.61 0.24
CA ALA D 155 -13.00 39.61 -0.97
C ALA D 155 -13.17 38.31 -1.75
N CYS D 156 -13.30 37.18 -1.06
CA CYS D 156 -13.51 35.91 -1.75
C CYS D 156 -14.92 35.82 -2.36
N LEU D 157 -15.93 36.24 -1.60
CA LEU D 157 -17.31 36.16 -2.08
C LEU D 157 -17.55 37.16 -3.22
N GLN D 158 -16.77 38.24 -3.26
CA GLN D 158 -16.82 39.15 -4.40
C GLN D 158 -16.36 38.44 -5.67
N LEU D 159 -15.36 37.58 -5.54
CA LEU D 159 -14.84 36.88 -6.71
C LEU D 159 -15.78 35.78 -7.17
N ILE D 160 -16.33 34.99 -6.24
CA ILE D 160 -17.07 33.80 -6.69
C ILE D 160 -18.55 34.08 -6.86
N LYS D 161 -19.00 35.32 -6.65
CA LYS D 161 -20.41 35.61 -6.85
C LYS D 161 -20.74 35.62 -8.34
N PRO D 162 -21.81 34.95 -8.77
CA PRO D 162 -22.17 34.94 -10.18
C PRO D 162 -23.04 36.12 -10.53
N PRO D 163 -22.62 36.97 -11.47
CA PRO D 163 -23.52 38.02 -11.99
C PRO D 163 -24.29 37.54 -13.21
N ALA D 164 -24.94 36.38 -13.04
CA ALA D 164 -25.40 35.56 -14.17
C ALA D 164 -26.49 36.26 -14.99
N SER D 165 -27.18 37.24 -14.40
CA SER D 165 -28.16 38.01 -15.15
C SER D 165 -27.50 38.83 -16.25
N GLY D 166 -26.34 39.42 -15.96
CA GLY D 166 -25.68 40.27 -16.95
C GLY D 166 -24.63 39.54 -17.76
N ARG D 167 -23.86 38.67 -17.13
CA ARG D 167 -22.64 38.14 -17.72
C ARG D 167 -22.30 36.84 -17.00
N PRO D 168 -21.59 35.91 -17.65
CA PRO D 168 -21.17 34.72 -16.92
C PRO D 168 -19.87 34.90 -16.12
N LEU D 169 -19.36 33.79 -15.62
CA LEU D 169 -18.31 33.87 -14.62
C LEU D 169 -16.98 34.28 -15.25
N LYS D 170 -16.49 35.45 -14.85
CA LYS D 170 -15.14 35.86 -15.22
C LYS D 170 -14.11 35.05 -14.46
N VAL D 171 -14.50 34.49 -13.33
CA VAL D 171 -13.60 33.65 -12.52
C VAL D 171 -13.75 32.20 -12.97
N PRO D 172 -12.66 31.52 -13.31
CA PRO D 172 -12.74 30.10 -13.69
C PRO D 172 -13.19 29.23 -12.52
N LEU D 173 -13.74 28.07 -12.86
CA LEU D 173 -14.36 27.21 -11.86
C LEU D 173 -13.33 26.57 -10.94
N ASN D 174 -12.07 26.49 -11.38
CA ASN D 174 -11.01 25.99 -10.51
C ASN D 174 -10.74 27.00 -9.39
N PHE D 175 -10.84 28.29 -9.68
CA PHE D 175 -10.68 29.30 -8.64
C PHE D 175 -11.87 29.30 -7.68
N VAL D 176 -13.07 29.03 -8.18
CA VAL D 176 -14.24 28.84 -7.32
C VAL D 176 -14.03 27.65 -6.41
N ASP D 177 -13.43 26.58 -6.96
CA ASP D 177 -13.06 25.41 -6.16
C ASP D 177 -12.07 25.80 -5.06
N THR D 178 -11.09 26.65 -5.38
CA THR D 178 -10.11 27.08 -4.39
C THR D 178 -10.77 27.88 -3.26
N VAL D 179 -11.66 28.81 -3.62
CA VAL D 179 -12.31 29.64 -2.63
C VAL D 179 -13.23 28.80 -1.74
N ALA D 180 -13.97 27.86 -2.33
CA ALA D 180 -14.82 26.98 -1.55
C ALA D 180 -13.99 26.09 -0.61
N TRP D 181 -12.83 25.66 -1.08
CA TRP D 181 -11.94 24.86 -0.23
C TRP D 181 -11.44 25.67 0.97
N SER D 182 -11.11 26.94 0.78
CA SER D 182 -10.66 27.76 1.89
C SER D 182 -11.80 28.05 2.87
N LEU D 183 -12.98 28.39 2.34
CA LEU D 183 -14.12 28.69 3.20
C LEU D 183 -14.59 27.46 3.96
N SER D 184 -14.33 26.26 3.41
CA SER D 184 -14.67 25.02 4.11
C SER D 184 -13.88 24.90 5.41
N LYS D 185 -12.61 25.29 5.41
CA LYS D 185 -11.85 25.31 6.65
C LYS D 185 -12.32 26.43 7.57
N LEU D 186 -12.59 27.60 7.01
CA LEU D 186 -12.84 28.75 7.87
C LEU D 186 -14.23 28.72 8.52
N VAL D 187 -15.20 28.04 7.92
CA VAL D 187 -16.50 27.92 8.59
C VAL D 187 -16.38 26.97 9.79
N VAL D 188 -15.50 25.97 9.69
CA VAL D 188 -15.27 25.08 10.82
C VAL D 188 -14.52 25.80 11.93
N LEU D 189 -13.51 26.60 11.58
CA LEU D 189 -12.72 27.25 12.62
C LEU D 189 -13.45 28.44 13.22
N TYR D 190 -13.88 29.40 12.41
CA TYR D 190 -14.54 30.61 12.87
C TYR D 190 -16.00 30.58 12.43
N SER D 191 -16.86 30.03 13.28
CA SER D 191 -18.27 29.90 12.92
C SER D 191 -18.99 31.23 13.02
N THR D 192 -18.75 31.98 14.10
CA THR D 192 -19.54 33.19 14.36
C THR D 192 -19.17 34.32 13.41
N THR D 193 -17.89 34.41 13.03
CA THR D 193 -17.47 35.45 12.10
C THR D 193 -17.98 35.15 10.69
N MET D 194 -18.01 33.87 10.32
CA MET D 194 -18.44 33.50 8.97
C MET D 194 -19.95 33.31 8.89
N ARG D 195 -20.66 33.45 10.02
CA ARG D 195 -22.11 33.31 10.04
C ARG D 195 -22.86 34.30 9.13
N PRO D 196 -22.53 35.61 9.05
CA PRO D 196 -23.30 36.48 8.14
C PRO D 196 -23.17 36.14 6.66
N PHE D 197 -22.16 35.38 6.26
CA PHE D 197 -21.92 35.12 4.84
C PHE D 197 -22.56 33.84 4.34
N SER D 198 -23.29 33.10 5.20
CA SER D 198 -23.81 31.79 4.80
C SER D 198 -24.88 31.91 3.72
N GLY D 199 -25.73 32.93 3.80
CA GLY D 199 -26.74 33.13 2.78
C GLY D 199 -26.16 33.45 1.42
N GLN D 200 -25.01 34.15 1.40
CA GLN D 200 -24.33 34.41 0.14
C GLN D 200 -23.65 33.15 -0.38
N ILE D 201 -23.06 32.37 0.52
CA ILE D 201 -22.34 31.16 0.11
C ILE D 201 -23.31 30.14 -0.49
N LYS D 202 -24.51 30.01 0.09
CA LYS D 202 -25.50 29.09 -0.45
C LYS D 202 -25.94 29.48 -1.85
N SER D 203 -26.18 30.78 -2.08
CA SER D 203 -26.57 31.24 -3.40
C SER D 203 -25.44 31.10 -4.41
N ALA D 204 -24.20 31.24 -3.95
CA ALA D 204 -23.05 31.08 -4.85
C ALA D 204 -22.83 29.62 -5.23
N LEU D 205 -23.07 28.71 -4.28
CA LEU D 205 -22.78 27.29 -4.52
C LEU D 205 -24.00 26.48 -4.94
N ARG D 206 -25.16 27.11 -5.11
CA ARG D 206 -26.32 26.40 -5.65
C ARG D 206 -26.10 25.68 -6.98
N PRO D 207 -25.47 26.24 -8.03
CA PRO D 207 -25.42 25.51 -9.30
C PRO D 207 -24.53 24.27 -9.31
N TYR D 208 -23.62 24.13 -8.34
CA TYR D 208 -22.61 23.08 -8.41
C TYR D 208 -22.93 21.86 -7.56
N ILE D 209 -24.15 21.73 -7.04
CA ILE D 209 -24.45 20.61 -6.16
C ILE D 209 -24.84 19.37 -6.96
N ALA D 210 -25.70 19.54 -7.96
CA ALA D 210 -26.09 18.45 -8.85
C ALA D 210 -26.27 19.00 -10.26
N PRO D 211 -25.17 19.20 -11.00
CA PRO D 211 -25.28 19.73 -12.35
C PRO D 211 -25.91 18.72 -13.30
N THR D 212 -26.60 19.24 -14.31
CA THR D 212 -27.26 18.41 -15.32
C THR D 212 -26.81 18.83 -16.71
N SER D 213 -27.28 18.10 -17.71
CA SER D 213 -26.90 18.41 -19.09
C SER D 213 -27.62 19.65 -19.58
N SER D 214 -28.76 19.98 -18.98
CA SER D 214 -29.52 21.16 -19.37
C SER D 214 -28.88 22.45 -18.87
N ASP D 215 -27.92 22.33 -17.96
CA ASP D 215 -27.24 23.52 -17.43
C ASP D 215 -26.30 24.12 -18.47
N ASN D 216 -25.86 23.32 -19.44
CA ASN D 216 -25.00 23.69 -20.56
C ASN D 216 -23.65 24.24 -20.13
N VAL D 217 -23.12 23.80 -18.99
CA VAL D 217 -21.79 24.16 -18.55
C VAL D 217 -21.14 22.94 -17.92
N VAL D 218 -19.84 22.76 -18.15
CA VAL D 218 -19.13 21.62 -17.59
C VAL D 218 -18.55 22.00 -16.24
N VAL D 219 -18.94 21.26 -15.20
CA VAL D 219 -18.52 21.53 -13.82
C VAL D 219 -17.47 20.50 -13.46
N PRO D 220 -16.29 20.91 -13.00
CA PRO D 220 -15.29 19.95 -12.53
C PRO D 220 -15.77 19.20 -11.30
N GLN D 221 -15.28 17.97 -11.13
CA GLN D 221 -15.71 17.14 -10.02
C GLN D 221 -15.30 17.72 -8.68
N SER D 222 -14.10 18.32 -8.62
CA SER D 222 -13.62 18.91 -7.39
C SER D 222 -14.48 20.09 -6.96
N LEU D 223 -14.99 20.85 -7.94
CA LEU D 223 -15.89 21.96 -7.62
C LEU D 223 -17.17 21.46 -6.99
N LYS D 224 -17.77 20.38 -7.53
CA LYS D 224 -18.98 19.82 -6.93
C LYS D 224 -18.69 19.28 -5.53
N GLU D 225 -17.57 18.57 -5.36
CA GLU D 225 -17.24 18.01 -4.06
C GLU D 225 -17.04 19.08 -3.00
N ASN D 226 -16.30 20.14 -3.34
CA ASN D 226 -16.05 21.19 -2.36
C ASN D 226 -17.28 22.08 -2.14
N SER D 227 -18.14 22.20 -3.16
CA SER D 227 -19.39 22.92 -2.96
C SER D 227 -20.31 22.18 -1.99
N ARG D 228 -20.42 20.86 -2.17
CA ARG D 228 -21.21 20.05 -1.24
C ARG D 228 -20.61 20.08 0.16
N ASN D 229 -19.27 19.99 0.24
CA ASN D 229 -18.60 20.04 1.54
C ASN D 229 -18.85 21.37 2.24
N LEU D 230 -18.80 22.48 1.50
CA LEU D 230 -19.02 23.78 2.13
C LEU D 230 -20.47 23.97 2.55
N LEU D 231 -21.43 23.50 1.74
CA LEU D 231 -22.83 23.65 2.15
C LEU D 231 -23.17 22.75 3.34
N ILE D 232 -22.52 21.60 3.45
CA ILE D 232 -22.73 20.76 4.63
C ILE D 232 -22.05 21.40 5.85
N LEU D 233 -20.86 21.97 5.66
CA LEU D 233 -20.13 22.55 6.79
C LEU D 233 -20.68 23.92 7.18
N LEU D 234 -21.58 24.49 6.36
CA LEU D 234 -22.21 25.75 6.73
C LEU D 234 -23.17 25.61 7.91
N THR D 235 -23.49 24.39 8.32
CA THR D 235 -24.36 24.20 9.48
C THR D 235 -23.65 24.60 10.77
N TYR D 236 -22.32 24.69 10.73
CA TYR D 236 -21.55 25.13 11.90
C TYR D 236 -21.91 26.54 12.31
N THR D 237 -22.32 27.38 11.36
CA THR D 237 -22.59 28.78 11.61
C THR D 237 -24.03 29.02 12.04
N ALA D 238 -24.77 27.95 12.33
CA ALA D 238 -26.15 28.09 12.73
C ALA D 238 -26.24 28.71 14.13
N PRO D 239 -27.05 29.74 14.30
CA PRO D 239 -27.13 30.41 15.61
C PRO D 239 -27.87 29.58 16.64
N LYS D 240 -27.55 29.85 17.91
CA LYS D 240 -28.22 29.25 19.08
C LYS D 240 -28.13 27.73 19.07
N ASN D 241 -26.96 27.21 18.66
CA ASN D 241 -26.67 25.77 18.62
C ASN D 241 -27.69 25.01 17.76
N GLY D 242 -28.06 25.58 16.63
CA GLY D 242 -28.99 24.98 15.72
C GLY D 242 -28.39 24.15 14.62
N SER D 243 -27.13 23.73 14.77
CA SER D 243 -26.41 23.00 13.73
C SER D 243 -27.05 21.67 13.38
N SER D 244 -27.43 20.90 14.40
CA SER D 244 -27.96 19.56 14.18
C SER D 244 -29.31 19.61 13.48
N ASP D 245 -30.17 20.55 13.89
CA ASP D 245 -31.47 20.68 13.24
C ASP D 245 -31.35 21.06 11.77
N GLU D 246 -30.43 21.98 11.46
CA GLU D 246 -30.20 22.35 10.07
C GLU D 246 -29.64 21.18 9.27
N TRP D 247 -28.75 20.39 9.87
CA TRP D 247 -28.20 19.22 9.21
C TRP D 247 -29.30 18.20 8.89
N VAL D 248 -30.17 17.93 9.86
CA VAL D 248 -31.25 16.97 9.65
C VAL D 248 -32.24 17.45 8.60
N LYS D 249 -32.62 18.74 8.66
CA LYS D 249 -33.54 19.28 7.67
C LYS D 249 -32.94 19.23 6.27
N ALA D 250 -31.64 19.54 6.15
CA ALA D 250 -30.99 19.53 4.85
C ALA D 250 -30.91 18.12 4.26
N ILE D 251 -30.55 17.12 5.08
CA ILE D 251 -30.44 15.77 4.55
C ILE D 251 -31.81 15.20 4.21
N ARG D 252 -32.85 15.55 4.99
CA ARG D 252 -34.18 15.06 4.68
C ARG D 252 -34.74 15.74 3.43
N ALA D 253 -34.42 17.02 3.23
CA ALA D 253 -34.81 17.70 2.00
C ALA D 253 -34.13 17.08 0.79
N THR D 254 -32.86 16.68 0.94
CA THR D 254 -32.16 16.01 -0.15
C THR D 254 -32.79 14.66 -0.46
N ILE D 255 -33.21 13.91 0.57
CA ILE D 255 -33.87 12.62 0.34
C ILE D 255 -35.20 12.82 -0.39
N LEU D 256 -35.98 13.81 0.03
CA LEU D 256 -37.25 14.10 -0.66
C LEU D 256 -37.02 14.54 -2.10
N ASP D 257 -35.94 15.30 -2.34
CA ASP D 257 -35.61 15.72 -3.70
C ASP D 257 -35.24 14.52 -4.56
N CYS D 258 -34.50 13.56 -3.98
CA CYS D 258 -34.20 12.31 -4.67
C CYS D 258 -35.47 11.56 -5.05
N HIS D 259 -36.42 11.48 -4.11
CA HIS D 259 -37.68 10.77 -4.39
C HIS D 259 -38.49 11.46 -5.48
N THR D 260 -38.56 12.80 -5.44
CA THR D 260 -39.35 13.53 -6.43
C THR D 260 -38.73 13.44 -7.81
N THR D 261 -37.40 13.44 -7.90
CA THR D 261 -36.75 13.21 -9.20
C THR D 261 -36.92 11.77 -9.66
N ALA D 262 -36.93 10.83 -8.72
CA ALA D 262 -37.08 9.41 -9.05
C ALA D 262 -38.47 9.12 -9.61
N ASP D 263 -39.49 9.87 -9.17
CA ASP D 263 -40.82 9.75 -9.77
C ASP D 263 -40.78 10.04 -11.27
N GLN D 264 -40.18 11.17 -11.64
CA GLN D 264 -40.15 11.58 -13.04
C GLN D 264 -39.18 10.73 -13.85
N VAL D 265 -38.20 10.12 -13.19
CA VAL D 265 -37.32 9.20 -13.91
C VAL D 265 -38.03 7.88 -14.17
N PHE D 266 -38.70 7.32 -13.17
CA PHE D 266 -39.36 6.02 -13.29
C PHE D 266 -40.82 6.16 -13.68
N ARG D 267 -41.18 7.26 -14.35
CA ARG D 267 -42.50 7.38 -14.97
C ARG D 267 -42.76 6.25 -15.97
N ALA D 268 -41.72 5.75 -16.64
CA ALA D 268 -41.93 4.80 -17.73
C ALA D 268 -42.22 3.40 -17.22
N VAL D 269 -41.81 3.10 -15.99
CA VAL D 269 -41.91 1.76 -15.43
C VAL D 269 -42.91 1.75 -14.29
N ARG D 270 -43.86 0.81 -14.33
CA ARG D 270 -44.75 0.62 -13.20
C ARG D 270 -43.98 0.03 -12.03
N GLU D 271 -44.08 0.69 -10.88
CA GLU D 271 -43.26 0.40 -9.71
C GLU D 271 -44.07 -0.40 -8.71
N SER D 272 -43.54 -1.55 -8.30
CA SER D 272 -44.21 -2.36 -7.29
C SER D 272 -43.79 -1.93 -5.88
N TRP D 273 -42.88 -0.97 -5.79
CA TRP D 273 -42.32 -0.58 -4.50
C TRP D 273 -43.33 0.20 -3.67
N GLU D 274 -43.39 -0.13 -2.38
CA GLU D 274 -44.21 0.59 -1.41
C GLU D 274 -43.33 0.96 -0.23
N SER D 275 -43.51 2.19 0.26
CA SER D 275 -42.57 2.78 1.20
C SER D 275 -42.77 2.25 2.61
N THR D 276 -41.67 1.99 3.30
CA THR D 276 -41.72 1.72 4.74
C THR D 276 -41.95 3.00 5.52
N THR D 277 -41.30 4.09 5.13
CA THR D 277 -41.40 5.34 5.87
C THR D 277 -42.76 6.00 5.70
N GLY D 278 -43.34 5.90 4.50
CA GLY D 278 -44.64 6.49 4.25
C GLY D 278 -44.67 7.47 3.10
N TYR D 279 -43.74 7.33 2.16
CA TYR D 279 -43.74 8.13 0.95
C TYR D 279 -44.69 7.51 -0.06
N HIS D 280 -45.38 8.36 -0.82
CA HIS D 280 -46.33 7.91 -1.82
C HIS D 280 -45.97 8.51 -3.17
N ILE D 281 -45.93 7.64 -4.20
CA ILE D 281 -45.57 8.11 -5.54
C ILE D 281 -46.75 8.87 -6.13
N GLN D 282 -46.53 10.14 -6.43
CA GLN D 282 -47.55 10.97 -7.04
C GLN D 282 -47.78 10.57 -8.49
N PRO D 283 -48.98 10.79 -9.01
CA PRO D 283 -49.21 10.56 -10.45
C PRO D 283 -48.36 11.48 -11.31
N VAL D 284 -47.87 10.94 -12.42
CA VAL D 284 -46.96 11.64 -13.32
C VAL D 284 -47.62 11.69 -14.69
N ASN D 285 -47.63 12.87 -15.31
CA ASN D 285 -48.23 13.02 -16.63
C ASN D 285 -47.43 12.25 -17.67
N ALA D 286 -48.15 11.44 -18.46
CA ALA D 286 -47.49 10.61 -19.46
C ALA D 286 -47.11 11.41 -20.69
N THR D 287 -47.72 12.58 -20.87
CA THR D 287 -47.45 13.38 -22.06
C THR D 287 -46.17 14.18 -21.90
N GLY D 288 -45.28 14.05 -22.89
CA GLY D 288 -44.06 14.83 -22.93
C GLY D 288 -42.91 14.19 -22.17
N GLU D 289 -41.75 14.83 -22.29
CA GLU D 289 -40.56 14.35 -21.61
C GLU D 289 -40.64 14.63 -20.11
N PRO D 290 -39.92 13.86 -19.30
CA PRO D 290 -39.83 14.19 -17.87
C PRO D 290 -39.14 15.52 -17.64
N SER D 291 -39.57 16.22 -16.61
CA SER D 291 -39.04 17.53 -16.28
C SER D 291 -39.19 17.78 -14.78
N GLY D 292 -38.42 18.76 -14.29
CA GLY D 292 -38.45 19.08 -12.88
C GLY D 292 -37.57 20.26 -12.52
N GLY D 293 -37.29 20.41 -11.22
CA GLY D 293 -36.45 21.51 -10.76
C GLY D 293 -37.18 22.83 -10.74
N GLY D 294 -36.42 23.87 -10.40
CA GLY D 294 -37.00 25.21 -10.31
C GLY D 294 -35.96 26.25 -10.00
N ASP D 295 -36.42 27.50 -9.95
CA ASP D 295 -35.56 28.65 -9.70
C ASP D 295 -35.60 29.05 -8.22
N SER D 296 -36.35 28.33 -7.40
CA SER D 296 -36.47 28.66 -5.99
C SER D 296 -35.18 28.34 -5.24
N VAL D 297 -35.07 28.89 -4.03
CA VAL D 297 -33.85 28.71 -3.23
C VAL D 297 -33.74 27.27 -2.75
N ASP D 298 -34.85 26.70 -2.30
CA ASP D 298 -34.83 25.32 -1.82
C ASP D 298 -34.67 24.33 -2.97
N GLU D 299 -35.19 24.66 -4.15
CA GLU D 299 -35.12 23.76 -5.29
C GLU D 299 -33.79 23.90 -6.02
N LEU D 300 -33.29 22.77 -6.52
CA LEU D 300 -32.11 22.77 -7.38
C LEU D 300 -32.50 23.30 -8.77
N PRO D 301 -31.52 23.74 -9.58
CA PRO D 301 -31.83 24.33 -10.89
C PRO D 301 -32.60 23.38 -11.80
N PRO D 302 -33.47 23.92 -12.66
CA PRO D 302 -34.40 23.06 -13.42
C PRO D 302 -33.69 22.18 -14.44
N TRP D 303 -34.30 21.03 -14.70
CA TRP D 303 -33.81 20.06 -15.67
C TRP D 303 -34.97 19.62 -16.56
N SER D 304 -34.63 19.15 -17.76
CA SER D 304 -35.62 18.59 -18.67
C SER D 304 -34.94 17.53 -19.52
N GLY D 305 -35.58 16.37 -19.63
CA GLY D 305 -34.98 15.25 -20.31
C GLY D 305 -34.67 14.12 -19.35
N LEU D 306 -34.73 12.87 -19.84
CA LEU D 306 -34.53 11.73 -18.97
C LEU D 306 -33.08 11.59 -18.55
N GLN D 307 -32.14 11.89 -19.46
CA GLN D 307 -30.73 11.85 -19.12
C GLN D 307 -30.38 12.94 -18.10
N ALA D 308 -30.97 14.12 -18.26
CA ALA D 308 -30.75 15.19 -17.28
C ALA D 308 -31.35 14.83 -15.92
N GLY D 309 -32.51 14.15 -15.92
CA GLY D 309 -33.06 13.68 -14.67
C GLY D 309 -32.21 12.64 -14.00
N ALA D 310 -31.62 11.73 -14.79
CA ALA D 310 -30.69 10.76 -14.25
C ALA D 310 -29.44 11.43 -13.67
N GLU D 311 -28.94 12.46 -14.36
CA GLU D 311 -27.79 13.20 -13.85
C GLU D 311 -28.13 13.93 -12.55
N ARG D 312 -29.33 14.49 -12.46
CA ARG D 312 -29.78 15.15 -11.23
C ARG D 312 -29.90 14.16 -10.08
N LEU D 313 -30.44 12.96 -10.36
CA LEU D 313 -30.55 11.94 -9.33
C LEU D 313 -29.17 11.46 -8.87
N THR D 314 -28.24 11.31 -9.81
CA THR D 314 -26.87 10.92 -9.48
C THR D 314 -26.18 12.00 -8.65
N GLY D 315 -26.38 13.27 -8.99
CA GLY D 315 -25.79 14.35 -8.22
C GLY D 315 -26.38 14.44 -6.82
N LEU D 316 -27.68 14.19 -6.69
CA LEU D 316 -28.30 14.18 -5.36
C LEU D 316 -27.77 13.02 -4.52
N LEU D 317 -27.56 11.86 -5.14
CA LEU D 317 -26.96 10.73 -4.41
C LEU D 317 -25.52 11.03 -4.01
N GLU D 318 -24.77 11.74 -4.84
CA GLU D 318 -23.41 12.14 -4.47
C GLU D 318 -23.43 13.18 -3.36
N TYR D 319 -24.45 14.05 -3.34
CA TYR D 319 -24.63 14.97 -2.23
C TYR D 319 -24.90 14.23 -0.92
N LEU D 320 -25.73 13.19 -0.99
CA LEU D 320 -26.00 12.36 0.18
C LEU D 320 -24.73 11.62 0.64
N THR D 321 -23.88 11.24 -0.31
CA THR D 321 -22.57 10.69 0.03
C THR D 321 -21.71 11.73 0.76
N ALA D 322 -21.71 12.97 0.27
CA ALA D 322 -20.90 14.01 0.87
C ALA D 322 -21.41 14.37 2.26
N TYR D 323 -22.69 14.09 2.55
CA TYR D 323 -23.18 14.23 3.92
C TYR D 323 -22.42 13.32 4.89
N PHE D 324 -22.15 12.09 4.48
CA PHE D 324 -21.42 11.17 5.35
C PHE D 324 -19.92 11.41 5.28
N ASN D 325 -19.45 12.12 4.25
CA ASN D 325 -18.03 12.42 4.17
C ASN D 325 -17.62 13.51 5.16
N ASN D 326 -18.44 14.54 5.33
CA ASN D 326 -18.06 15.70 6.11
C ASN D 326 -18.36 15.50 7.60
N PRO D 327 -17.63 16.19 8.48
CA PRO D 327 -17.93 16.09 9.91
C PRO D 327 -19.06 17.03 10.33
N THR D 328 -19.47 16.89 11.59
CA THR D 328 -20.53 17.70 12.19
C THR D 328 -20.04 18.34 13.46
N ARG D 329 -20.59 19.51 13.78
CA ARG D 329 -20.21 20.23 14.99
C ARG D 329 -20.84 19.61 16.24
N ALA D 330 -22.07 19.14 16.13
CA ALA D 330 -22.84 18.61 17.24
C ALA D 330 -23.40 17.25 16.80
N PRO D 331 -23.81 16.41 17.76
CA PRO D 331 -24.48 15.17 17.39
C PRO D 331 -25.75 15.41 16.57
N VAL D 332 -25.91 14.62 15.51
CA VAL D 332 -26.98 14.80 14.54
C VAL D 332 -27.73 13.48 14.39
N ASN D 333 -29.00 13.58 13.98
CA ASN D 333 -29.83 12.41 13.74
C ASN D 333 -29.75 12.04 12.27
N VAL D 334 -29.26 10.83 11.99
CA VAL D 334 -29.06 10.36 10.63
C VAL D 334 -30.23 9.46 10.25
N PRO D 335 -31.07 9.86 9.30
CA PRO D 335 -32.23 9.02 8.91
C PRO D 335 -31.81 7.83 8.04
N LEU D 336 -31.37 6.77 8.70
CA LEU D 336 -30.92 5.58 7.97
C LEU D 336 -32.08 4.85 7.32
N GLY D 337 -33.25 4.88 7.94
CA GLY D 337 -34.41 4.21 7.38
C GLY D 337 -34.88 4.84 6.08
N GLU D 338 -34.89 6.18 6.04
CA GLU D 338 -35.30 6.89 4.82
C GLU D 338 -34.33 6.65 3.68
N LEU D 339 -33.02 6.70 3.97
CA LEU D 339 -32.02 6.41 2.95
C LEU D 339 -32.11 4.97 2.46
N LEU D 340 -32.36 4.04 3.39
CA LEU D 340 -32.49 2.64 3.00
C LEU D 340 -33.71 2.42 2.12
N ASP D 341 -34.83 3.05 2.44
CA ASP D 341 -36.02 2.95 1.60
C ASP D 341 -35.79 3.59 0.23
N LEU D 342 -35.10 4.74 0.19
CA LEU D 342 -34.81 5.40 -1.08
C LEU D 342 -33.92 4.54 -1.97
N THR D 343 -32.86 3.96 -1.38
CA THR D 343 -31.97 3.11 -2.16
C THR D 343 -32.66 1.83 -2.61
N THR D 344 -33.56 1.30 -1.78
CA THR D 344 -34.36 0.15 -2.18
C THR D 344 -35.23 0.49 -3.39
N ARG D 345 -35.86 1.67 -3.36
CA ARG D 345 -36.69 2.10 -4.48
C ARG D 345 -35.88 2.27 -5.76
N LEU D 346 -34.68 2.86 -5.66
CA LEU D 346 -33.89 3.07 -6.87
C LEU D 346 -33.29 1.77 -7.39
N THR D 347 -33.00 0.81 -6.51
CA THR D 347 -32.36 -0.42 -6.97
C THR D 347 -33.39 -1.46 -7.41
N LEU D 348 -34.66 -1.27 -7.06
CA LEU D 348 -35.68 -2.21 -7.51
C LEU D 348 -35.92 -2.11 -9.01
N VAL D 349 -35.70 -0.94 -9.59
CA VAL D 349 -35.88 -0.78 -11.03
C VAL D 349 -34.62 -1.18 -11.76
N ILE D 350 -34.70 -2.27 -12.52
CA ILE D 350 -33.54 -2.84 -13.20
C ILE D 350 -33.82 -2.93 -14.69
N PRO D 351 -32.78 -2.78 -15.51
CA PRO D 351 -32.98 -2.88 -16.95
C PRO D 351 -33.05 -4.34 -17.37
N PRO D 352 -33.82 -4.64 -18.43
CA PRO D 352 -33.97 -6.04 -18.85
C PRO D 352 -32.71 -6.57 -19.49
N SER D 353 -32.52 -7.88 -19.37
CA SER D 353 -31.50 -8.56 -20.15
C SER D 353 -31.94 -8.63 -21.62
N LEU D 354 -30.98 -8.96 -22.49
CA LEU D 354 -31.26 -9.01 -23.92
C LEU D 354 -32.23 -10.15 -24.24
N GLY D 355 -33.30 -9.81 -24.95
CA GLY D 355 -34.38 -10.74 -25.20
C GLY D 355 -35.46 -10.78 -24.15
N ALA D 356 -35.29 -10.04 -23.05
CA ALA D 356 -36.27 -10.02 -21.96
C ALA D 356 -36.90 -8.64 -21.78
N GLU D 357 -37.01 -7.85 -22.85
CA GLU D 357 -37.56 -6.51 -22.75
C GLU D 357 -39.03 -6.52 -22.38
N ASP D 358 -39.79 -7.50 -22.89
CA ASP D 358 -41.23 -7.54 -22.67
C ASP D 358 -41.59 -7.99 -21.25
N SER D 359 -40.63 -8.55 -20.51
CA SER D 359 -40.94 -9.05 -19.16
C SER D 359 -41.20 -7.92 -18.17
N ILE D 360 -40.51 -6.79 -18.33
CA ILE D 360 -40.68 -5.68 -17.39
C ILE D 360 -41.98 -4.94 -17.70
N GLU D 361 -42.76 -4.66 -16.66
CA GLU D 361 -44.02 -3.95 -16.78
C GLU D 361 -43.75 -2.47 -17.00
N THR D 362 -44.30 -1.93 -18.08
CA THR D 362 -44.10 -0.54 -18.45
C THR D 362 -45.45 0.11 -18.75
N ASN D 363 -45.50 1.43 -18.58
CA ASN D 363 -46.67 2.19 -18.98
C ASN D 363 -46.77 2.19 -20.51
N PRO D 364 -47.90 1.77 -21.08
CA PRO D 364 -48.00 1.71 -22.56
C PRO D 364 -47.95 3.08 -23.24
N ALA D 365 -48.21 4.16 -22.51
CA ALA D 365 -48.21 5.48 -23.12
C ALA D 365 -46.80 6.02 -23.37
N ILE D 366 -45.77 5.35 -22.85
CA ILE D 366 -44.41 5.83 -23.01
C ILE D 366 -43.84 5.33 -24.33
N GLY D 367 -43.09 6.20 -25.02
CA GLY D 367 -42.44 5.80 -26.24
C GLY D 367 -41.28 4.86 -26.00
N ARG D 368 -40.82 4.22 -27.08
CA ARG D 368 -39.76 3.21 -26.96
C ARG D 368 -38.40 3.87 -26.74
N ASP D 369 -38.19 5.06 -27.30
CA ASP D 369 -36.91 5.75 -27.15
C ASP D 369 -36.66 6.17 -25.71
N GLU D 370 -37.71 6.62 -25.00
CA GLU D 370 -37.56 6.96 -23.60
C GLU D 370 -37.26 5.72 -22.76
N LYS D 371 -37.87 4.58 -23.12
CA LYS D 371 -37.54 3.33 -22.45
C LYS D 371 -36.09 2.94 -22.66
N ALA D 372 -35.58 3.11 -23.88
CA ALA D 372 -34.18 2.78 -24.17
C ALA D 372 -33.24 3.70 -23.40
N GLU D 373 -33.57 5.00 -23.33
CA GLU D 373 -32.76 5.94 -22.58
C GLU D 373 -32.78 5.61 -21.08
N LEU D 374 -33.93 5.16 -20.57
CA LEU D 374 -34.00 4.75 -19.17
C LEU D 374 -33.15 3.53 -18.90
N TRP D 375 -33.19 2.54 -19.80
CA TRP D 375 -32.37 1.34 -19.63
C TRP D 375 -30.89 1.69 -19.70
N SER D 376 -30.54 2.70 -20.50
CA SER D 376 -29.15 3.16 -20.54
C SER D 376 -28.77 3.90 -19.26
N ALA D 377 -29.71 4.66 -18.69
CA ALA D 377 -29.37 5.57 -17.60
C ALA D 377 -29.39 4.89 -16.23
N LEU D 378 -30.08 3.75 -16.13
CA LEU D 378 -30.16 3.04 -14.84
C LEU D 378 -28.83 2.64 -14.19
N PRO D 379 -27.82 2.10 -14.90
CA PRO D 379 -26.59 1.69 -14.17
C PRO D 379 -25.83 2.81 -13.49
N ASP D 380 -25.88 4.04 -14.01
CA ASP D 380 -25.20 5.15 -13.34
C ASP D 380 -25.87 5.49 -12.01
N ILE D 381 -27.21 5.48 -11.99
CA ILE D 381 -27.95 5.68 -10.75
C ILE D 381 -27.61 4.56 -9.77
N HIS D 382 -27.54 3.32 -10.26
CA HIS D 382 -27.19 2.21 -9.40
C HIS D 382 -25.78 2.33 -8.84
N HIS D 383 -24.84 2.81 -9.65
CA HIS D 383 -23.47 3.04 -9.21
C HIS D 383 -23.40 4.12 -8.13
N ALA D 384 -24.17 5.19 -8.29
CA ALA D 384 -24.23 6.22 -7.26
C ALA D 384 -24.83 5.70 -5.97
N VAL D 385 -25.83 4.82 -6.07
CA VAL D 385 -26.41 4.19 -4.88
C VAL D 385 -25.37 3.33 -4.16
N LEU D 386 -24.58 2.56 -4.93
CA LEU D 386 -23.56 1.72 -4.32
C LEU D 386 -22.47 2.55 -3.66
N ARG D 387 -22.08 3.68 -4.26
CA ARG D 387 -21.11 4.57 -3.64
C ARG D 387 -21.66 5.20 -2.36
N LEU D 388 -22.96 5.53 -2.36
CA LEU D 388 -23.61 6.01 -1.15
C LEU D 388 -23.56 4.97 -0.04
N HIS D 389 -23.81 3.71 -0.38
CA HIS D 389 -23.70 2.63 0.59
C HIS D 389 -22.28 2.49 1.12
N CYS D 390 -21.29 2.65 0.24
CA CYS D 390 -19.89 2.60 0.67
C CYS D 390 -19.57 3.70 1.67
N ALA D 391 -20.04 4.92 1.42
CA ALA D 391 -19.78 6.03 2.34
C ALA D 391 -20.50 5.83 3.67
N ILE D 392 -21.74 5.32 3.62
CA ILE D 392 -22.49 5.03 4.85
C ILE D 392 -21.76 4.00 5.69
N ILE D 393 -21.24 2.94 5.05
CA ILE D 393 -20.45 1.93 5.76
C ILE D 393 -19.19 2.55 6.35
N ARG D 394 -18.48 3.37 5.57
CA ARG D 394 -17.22 3.93 6.03
C ARG D 394 -17.41 4.84 7.24
N ARG D 395 -18.50 5.60 7.27
CA ARG D 395 -18.74 6.47 8.41
C ARG D 395 -19.27 5.70 9.61
N LEU D 396 -20.16 4.73 9.39
CA LEU D 396 -20.83 4.11 10.53
C LEU D 396 -19.99 3.01 11.18
N GLU D 397 -19.14 2.33 10.39
CA GLU D 397 -18.41 1.13 10.80
C GLU D 397 -19.36 0.05 11.31
N ALA D 398 -19.27 -0.27 12.61
CA ALA D 398 -20.02 -1.40 13.14
C ALA D 398 -21.51 -1.09 13.28
N ASN D 399 -21.88 0.19 13.19
CA ASN D 399 -23.28 0.56 13.29
C ASN D 399 -24.03 0.30 11.98
N ALA D 400 -23.31 -0.01 10.91
CA ALA D 400 -23.95 -0.34 9.64
C ALA D 400 -24.24 -1.83 9.52
N ILE D 401 -23.94 -2.60 10.57
CA ILE D 401 -24.28 -4.04 10.55
C ILE D 401 -25.76 -4.32 10.36
N PRO D 402 -26.71 -3.61 11.01
CA PRO D 402 -28.14 -3.93 10.74
C PRO D 402 -28.61 -3.68 9.31
N LEU D 403 -27.90 -2.88 8.52
CA LEU D 403 -28.29 -2.63 7.14
C LEU D 403 -27.68 -3.62 6.15
N ALA D 404 -26.93 -4.61 6.64
CA ALA D 404 -26.11 -5.45 5.79
C ALA D 404 -26.94 -6.30 4.84
N THR D 405 -28.05 -6.85 5.32
CA THR D 405 -28.88 -7.72 4.48
C THR D 405 -29.50 -6.95 3.32
N ASP D 406 -30.01 -5.75 3.59
CA ASP D 406 -30.61 -4.94 2.53
C ASP D 406 -29.56 -4.45 1.54
N ILE D 407 -28.37 -4.07 2.04
CA ILE D 407 -27.31 -3.63 1.13
C ILE D 407 -26.81 -4.79 0.27
N ILE D 408 -26.77 -6.00 0.84
CA ILE D 408 -26.39 -7.20 0.07
C ILE D 408 -27.41 -7.47 -1.03
N ASP D 409 -28.71 -7.39 -0.70
CA ASP D 409 -29.75 -7.64 -1.69
C ASP D 409 -29.69 -6.61 -2.82
N GLN D 410 -29.50 -5.33 -2.46
CA GLN D 410 -29.38 -4.28 -3.47
C GLN D 410 -28.15 -4.49 -4.35
N MET D 411 -27.02 -4.85 -3.74
CA MET D 411 -25.78 -5.05 -4.49
C MET D 411 -25.89 -6.23 -5.45
N VAL D 412 -26.48 -7.32 -4.99
CA VAL D 412 -26.65 -8.50 -5.85
C VAL D 412 -27.59 -8.18 -7.01
N ARG D 413 -28.70 -7.49 -6.74
CA ARG D 413 -29.64 -7.14 -7.80
C ARG D 413 -29.01 -6.20 -8.83
N VAL D 414 -28.27 -5.19 -8.37
CA VAL D 414 -27.60 -4.25 -9.27
C VAL D 414 -26.53 -4.95 -10.10
N SER D 415 -25.67 -5.76 -9.46
CA SER D 415 -24.58 -6.39 -10.18
C SER D 415 -25.07 -7.46 -11.13
N THR D 416 -26.23 -8.06 -10.83
CA THR D 416 -26.83 -8.99 -11.78
C THR D 416 -27.43 -8.25 -12.97
N ALA D 417 -28.10 -7.13 -12.71
CA ALA D 417 -28.73 -6.37 -13.79
C ALA D 417 -27.70 -5.76 -14.75
N SER D 418 -26.60 -5.25 -14.20
CA SER D 418 -25.59 -4.54 -14.99
C SER D 418 -24.25 -5.26 -15.01
N LYS D 419 -24.25 -6.58 -15.25
CA LYS D 419 -23.05 -7.41 -15.20
C LYS D 419 -22.03 -7.07 -16.27
N GLN D 420 -22.46 -6.42 -17.35
CA GLN D 420 -21.56 -6.21 -18.48
C GLN D 420 -20.83 -4.87 -18.40
N LEU D 421 -21.12 -4.07 -17.38
CA LEU D 421 -20.37 -2.83 -17.18
C LEU D 421 -19.24 -3.04 -16.19
N PRO D 422 -17.99 -2.75 -16.56
CA PRO D 422 -16.89 -2.92 -15.61
C PRO D 422 -16.92 -1.96 -14.43
N SER D 423 -17.49 -0.76 -14.61
CA SER D 423 -17.51 0.23 -13.53
C SER D 423 -18.49 -0.17 -12.43
N VAL D 424 -19.68 -0.66 -12.81
CA VAL D 424 -20.65 -1.15 -11.84
C VAL D 424 -20.09 -2.35 -11.10
N ARG D 425 -19.40 -3.24 -11.82
CA ARG D 425 -18.75 -4.39 -11.19
C ARG D 425 -17.68 -3.96 -10.21
N GLU D 426 -16.88 -2.95 -10.58
CA GLU D 426 -15.82 -2.47 -9.70
C GLU D 426 -16.39 -1.86 -8.42
N THR D 427 -17.45 -1.05 -8.55
CA THR D 427 -18.08 -0.47 -7.38
C THR D 427 -18.73 -1.56 -6.52
N ALA D 428 -19.28 -2.60 -7.16
CA ALA D 428 -19.84 -3.72 -6.42
C ALA D 428 -18.76 -4.47 -5.65
N TYR D 429 -17.57 -4.64 -6.24
CA TYR D 429 -16.47 -5.30 -5.54
C TYR D 429 -16.02 -4.48 -4.33
N ILE D 430 -15.91 -3.16 -4.51
CA ILE D 430 -15.50 -2.29 -3.41
C ILE D 430 -16.53 -2.31 -2.28
N LEU D 431 -17.82 -2.30 -2.63
CA LEU D 431 -18.87 -2.41 -1.63
C LEU D 431 -18.86 -3.77 -0.94
N ALA D 432 -18.61 -4.83 -1.70
CA ALA D 432 -18.68 -6.18 -1.16
C ALA D 432 -17.56 -6.44 -0.18
N LYS D 433 -16.38 -5.83 -0.42
CA LYS D 433 -15.29 -5.97 0.55
C LYS D 433 -15.68 -5.41 1.90
N GLU D 434 -16.28 -4.21 1.93
CA GLU D 434 -16.68 -3.60 3.19
C GLU D 434 -17.83 -4.35 3.85
N ILE D 435 -18.78 -4.84 3.04
CA ILE D 435 -19.87 -5.66 3.55
C ILE D 435 -19.34 -6.92 4.23
N LEU D 436 -18.43 -7.62 3.58
CA LEU D 436 -17.92 -8.86 4.16
C LEU D 436 -17.04 -8.58 5.37
N LEU D 437 -16.33 -7.44 5.36
CA LEU D 437 -15.55 -7.05 6.54
C LEU D 437 -16.45 -6.77 7.74
N LEU D 438 -17.64 -6.21 7.50
CA LEU D 438 -18.55 -5.98 8.62
C LEU D 438 -19.27 -7.27 9.04
N ALA D 439 -20.08 -7.83 8.16
CA ALA D 439 -20.98 -8.91 8.54
C ALA D 439 -20.93 -10.10 7.60
N GLY D 440 -19.78 -10.40 7.01
CA GLY D 440 -19.71 -11.50 6.06
C GLY D 440 -19.57 -12.85 6.74
N SER D 441 -19.04 -12.87 7.97
CA SER D 441 -18.66 -14.14 8.59
C SER D 441 -19.88 -14.95 9.02
N THR D 442 -20.97 -14.29 9.37
CA THR D 442 -22.15 -14.96 9.89
C THR D 442 -23.30 -15.04 8.89
N LEU D 443 -23.01 -15.01 7.59
CA LEU D 443 -24.06 -14.98 6.59
C LEU D 443 -24.75 -16.34 6.49
N PRO D 444 -26.05 -16.38 6.20
CA PRO D 444 -26.72 -17.67 5.96
C PRO D 444 -26.36 -18.22 4.59
N LYS D 445 -26.90 -19.40 4.30
CA LYS D 445 -26.54 -20.10 3.07
C LYS D 445 -27.11 -19.41 1.84
N LEU D 446 -28.32 -18.87 1.93
CA LEU D 446 -28.97 -18.25 0.78
C LEU D 446 -28.25 -16.98 0.35
N THR D 447 -27.76 -16.21 1.32
CA THR D 447 -26.97 -15.02 1.01
C THR D 447 -25.67 -15.39 0.30
N VAL D 448 -25.01 -16.46 0.75
CA VAL D 448 -23.81 -16.93 0.05
C VAL D 448 -24.15 -17.39 -1.36
N ASP D 449 -25.30 -18.06 -1.52
CA ASP D 449 -25.73 -18.54 -2.84
C ASP D 449 -25.97 -17.40 -3.81
N ILE D 450 -26.58 -16.31 -3.34
CA ILE D 450 -26.79 -15.18 -4.24
C ILE D 450 -25.51 -14.37 -4.39
N LEU D 451 -24.54 -14.56 -3.49
CA LEU D 451 -23.26 -13.86 -3.64
C LEU D 451 -22.34 -14.61 -4.60
N ILE D 452 -22.61 -15.88 -4.88
CA ILE D 452 -21.79 -16.72 -5.77
C ILE D 452 -21.50 -16.11 -7.15
N PRO D 453 -22.50 -15.55 -7.90
CA PRO D 453 -22.13 -14.95 -9.19
C PRO D 453 -21.16 -13.78 -9.10
N LEU D 454 -21.20 -13.03 -8.00
CA LEU D 454 -20.22 -11.95 -7.80
C LEU D 454 -18.81 -12.51 -7.64
N ILE D 455 -18.67 -13.62 -6.92
CA ILE D 455 -17.37 -14.28 -6.79
C ILE D 455 -16.89 -14.79 -8.14
N GLN D 456 -17.79 -15.39 -8.92
CA GLN D 456 -17.42 -15.87 -10.25
C GLN D 456 -16.96 -14.73 -11.14
N SER D 457 -17.67 -13.60 -11.11
CA SER D 457 -17.30 -12.44 -11.91
C SER D 457 -15.96 -11.87 -11.49
N SER D 458 -15.71 -11.78 -10.18
CA SER D 458 -14.44 -11.23 -9.69
C SER D 458 -13.27 -12.12 -10.09
N CYS D 459 -13.44 -13.44 -9.95
CA CYS D 459 -12.38 -14.36 -10.34
C CYS D 459 -12.14 -14.31 -11.85
N HIS D 460 -13.21 -14.18 -12.64
CA HIS D 460 -13.04 -14.07 -14.09
C HIS D 460 -12.31 -12.79 -14.47
N ASP D 461 -12.61 -11.67 -13.80
CA ASP D 461 -11.90 -10.43 -14.08
C ASP D 461 -10.42 -10.53 -13.72
N ILE D 462 -10.11 -11.14 -12.57
CA ILE D 462 -8.72 -11.30 -12.16
C ILE D 462 -7.96 -12.18 -13.15
N LEU D 463 -8.58 -13.30 -13.56
CA LEU D 463 -7.92 -14.21 -14.48
C LEU D 463 -7.76 -13.60 -15.86
N THR D 464 -8.72 -12.77 -16.27
CA THR D 464 -8.59 -12.06 -17.54
C THR D 464 -7.45 -11.06 -17.49
N ALA D 465 -7.31 -10.33 -16.37
CA ALA D 465 -6.21 -9.39 -16.23
C ALA D 465 -4.86 -10.11 -16.19
N ALA D 466 -4.80 -11.26 -15.53
CA ALA D 466 -3.55 -12.03 -15.52
C ALA D 466 -3.32 -12.74 -16.84
N GLY D 467 -4.37 -12.89 -17.64
CA GLY D 467 -4.26 -13.54 -18.94
C GLY D 467 -4.28 -15.04 -18.91
N HIS D 468 -4.49 -15.66 -17.75
CA HIS D 468 -4.42 -17.11 -17.65
C HIS D 468 -5.74 -17.76 -18.06
N ALA D 469 -6.77 -16.96 -18.28
CA ALA D 469 -8.05 -17.48 -18.76
C ALA D 469 -8.62 -16.59 -19.86
N SER D 512 -2.31 -9.51 -19.38
CA SER D 512 -2.90 -8.24 -19.77
C SER D 512 -2.57 -7.15 -18.75
N THR D 513 -2.86 -5.89 -19.11
CA THR D 513 -2.57 -4.77 -18.23
C THR D 513 -3.56 -4.73 -17.07
N ALA D 514 -3.13 -4.09 -15.99
CA ALA D 514 -3.99 -3.95 -14.81
C ALA D 514 -5.12 -2.97 -15.08
N SER D 515 -6.29 -3.26 -14.53
CA SER D 515 -7.49 -2.47 -14.68
C SER D 515 -8.03 -2.12 -13.31
N PRO D 516 -8.73 -0.99 -13.17
CA PRO D 516 -9.33 -0.66 -11.86
C PRO D 516 -10.32 -1.71 -11.37
N VAL D 517 -11.09 -2.31 -12.26
CA VAL D 517 -11.98 -3.42 -11.86
C VAL D 517 -11.15 -4.63 -11.43
N SER D 518 -10.02 -4.85 -12.11
CA SER D 518 -9.11 -5.93 -11.73
C SER D 518 -8.48 -5.68 -10.39
N GLN D 519 -8.08 -4.43 -10.11
CA GLN D 519 -7.50 -4.10 -8.82
C GLN D 519 -8.52 -4.22 -7.71
N ALA D 520 -9.76 -3.80 -7.97
CA ALA D 520 -10.82 -3.95 -6.97
C ALA D 520 -11.11 -5.41 -6.67
N ALA D 521 -11.15 -6.25 -7.72
CA ALA D 521 -11.39 -7.68 -7.50
C ALA D 521 -10.19 -8.35 -6.82
N SER D 522 -8.97 -7.90 -7.12
CA SER D 522 -7.79 -8.44 -6.44
C SER D 522 -7.79 -8.07 -4.97
N ALA D 523 -8.25 -6.86 -4.64
CA ALA D 523 -8.39 -6.49 -3.23
C ALA D 523 -9.52 -7.28 -2.57
N LEU D 524 -10.56 -7.60 -3.33
CA LEU D 524 -11.67 -8.38 -2.78
C LEU D 524 -11.29 -9.83 -2.55
N LEU D 525 -10.32 -10.34 -3.32
CA LEU D 525 -9.98 -11.77 -3.32
C LEU D 525 -9.57 -12.35 -1.97
N PRO D 526 -8.72 -11.71 -1.13
CA PRO D 526 -8.47 -12.30 0.20
C PRO D 526 -9.68 -12.29 1.11
N THR D 527 -10.62 -11.36 0.87
CA THR D 527 -11.78 -11.24 1.73
C THR D 527 -12.74 -12.40 1.53
N PHE D 528 -12.73 -13.01 0.34
CA PHE D 528 -13.55 -14.20 0.09
C PHE D 528 -13.10 -15.37 0.94
N PHE D 529 -11.82 -15.40 1.32
CA PHE D 529 -11.36 -16.45 2.22
C PHE D 529 -11.55 -16.03 3.68
N THR D 530 -11.14 -14.82 4.03
CA THR D 530 -11.12 -14.41 5.43
C THR D 530 -12.52 -14.21 6.00
N HIS D 531 -13.38 -13.50 5.27
CA HIS D 531 -14.65 -13.03 5.81
C HIS D 531 -15.86 -13.58 5.09
N LEU D 532 -15.79 -14.81 4.60
CA LEU D 532 -16.94 -15.49 4.02
C LEU D 532 -17.02 -16.90 4.59
N PRO D 533 -18.22 -17.44 4.86
CA PRO D 533 -18.31 -18.81 5.38
C PRO D 533 -17.88 -19.83 4.33
N GLN D 534 -16.81 -20.58 4.63
CA GLN D 534 -16.32 -21.55 3.67
C GLN D 534 -17.26 -22.74 3.55
N LYS D 535 -17.99 -23.05 4.62
CA LYS D 535 -18.88 -24.21 4.61
C LYS D 535 -20.05 -24.02 3.64
N HIS D 536 -20.42 -22.77 3.38
CA HIS D 536 -21.54 -22.51 2.49
C HIS D 536 -21.12 -22.50 1.02
N LEU D 537 -19.83 -22.34 0.76
CA LEU D 537 -19.35 -22.26 -0.62
C LEU D 537 -19.34 -23.66 -1.25
N PRO D 538 -19.74 -23.78 -2.51
CA PRO D 538 -19.57 -25.05 -3.22
C PRO D 538 -18.11 -25.32 -3.50
N PRO D 539 -17.71 -26.59 -3.68
CA PRO D 539 -16.30 -26.90 -3.94
C PRO D 539 -15.75 -26.30 -5.23
N ASP D 540 -16.62 -26.13 -6.23
CA ASP D 540 -16.20 -25.49 -7.48
C ASP D 540 -15.78 -24.04 -7.25
N ILE D 541 -16.52 -23.33 -6.40
CA ILE D 541 -16.20 -21.93 -6.10
C ILE D 541 -14.90 -21.83 -5.34
N ARG D 542 -14.67 -22.73 -4.39
CA ARG D 542 -13.41 -22.74 -3.65
C ARG D 542 -12.23 -23.08 -4.54
N GLY D 543 -12.40 -24.04 -5.45
CA GLY D 543 -11.34 -24.35 -6.40
C GLY D 543 -11.04 -23.20 -7.34
N LEU D 544 -12.08 -22.50 -7.79
CA LEU D 544 -11.90 -21.31 -8.62
C LEU D 544 -11.17 -20.22 -7.85
N LEU D 545 -11.50 -20.03 -6.57
CA LEU D 545 -10.83 -19.04 -5.74
C LEU D 545 -9.35 -19.37 -5.57
N ASP D 546 -9.05 -20.64 -5.31
CA ASP D 546 -7.66 -21.06 -5.14
C ASP D 546 -6.86 -20.89 -6.43
N ARG D 547 -7.45 -21.29 -7.57
CA ARG D 547 -6.77 -21.12 -8.85
C ARG D 547 -6.55 -19.65 -9.16
N THR D 548 -7.54 -18.80 -8.86
CA THR D 548 -7.40 -17.37 -9.08
C THR D 548 -6.30 -16.78 -8.22
N ALA D 549 -6.21 -17.22 -6.95
CA ALA D 549 -5.17 -16.73 -6.06
C ALA D 549 -3.78 -17.17 -6.53
N ILE D 550 -3.66 -18.40 -7.01
CA ILE D 550 -2.36 -18.88 -7.48
C ILE D 550 -1.94 -18.15 -8.75
N LEU D 551 -2.84 -18.07 -9.74
CA LEU D 551 -2.46 -17.49 -11.02
C LEU D 551 -2.34 -15.97 -10.96
N SER D 552 -2.95 -15.35 -9.95
CA SER D 552 -2.84 -13.90 -9.80
C SER D 552 -1.56 -13.49 -9.10
N HIS D 553 -0.85 -14.47 -8.49
CA HIS D 553 0.32 -14.22 -7.65
C HIS D 553 0.01 -13.25 -6.52
N ASN D 554 -1.15 -13.41 -5.90
CA ASN D 554 -1.59 -12.55 -4.81
C ASN D 554 -1.16 -13.20 -3.51
N GLN D 555 -0.24 -12.54 -2.79
CA GLN D 555 0.27 -13.09 -1.54
C GLN D 555 -0.81 -13.15 -0.47
N SER D 556 -1.63 -12.09 -0.39
CA SER D 556 -2.64 -12.02 0.67
C SER D 556 -3.73 -13.07 0.48
N ALA D 557 -4.18 -13.28 -0.76
CA ALA D 557 -5.21 -14.28 -1.01
C ALA D 557 -4.69 -15.69 -0.79
N MET D 558 -3.44 -15.95 -1.21
CA MET D 558 -2.84 -17.26 -0.99
C MET D 558 -2.64 -17.54 0.50
N LEU D 559 -2.21 -16.52 1.24
CA LEU D 559 -2.07 -16.64 2.69
C LEU D 559 -3.41 -16.89 3.37
N ALA D 560 -4.45 -16.18 2.93
CA ALA D 560 -5.78 -16.33 3.50
C ALA D 560 -6.36 -17.71 3.18
N SER D 561 -6.08 -18.23 1.99
CA SER D 561 -6.49 -19.59 1.66
C SER D 561 -5.73 -20.61 2.47
N CYS D 562 -4.48 -20.33 2.80
CA CYS D 562 -3.71 -21.21 3.66
C CYS D 562 -4.28 -21.22 5.08
N LEU D 563 -4.70 -20.06 5.58
CA LEU D 563 -5.18 -19.96 6.96
C LEU D 563 -6.65 -20.35 7.11
N HIS D 564 -7.40 -20.49 6.03
CA HIS D 564 -8.81 -20.84 6.08
C HIS D 564 -9.06 -22.05 5.19
N PRO D 565 -8.79 -23.26 5.68
CA PRO D 565 -9.01 -24.46 4.86
C PRO D 565 -10.50 -24.73 4.64
N TYR D 566 -10.77 -25.42 3.53
CA TYR D 566 -12.12 -25.72 3.10
C TYR D 566 -12.40 -27.19 3.40
N ARG D 567 -13.48 -27.46 4.12
CA ARG D 567 -13.86 -28.83 4.45
C ARG D 567 -15.17 -29.15 3.74
N ASP D 568 -15.13 -30.18 2.91
CA ASP D 568 -16.29 -30.59 2.13
C ASP D 568 -17.17 -31.62 2.85
N SER D 569 -18.09 -32.24 2.10
CA SER D 569 -19.07 -33.14 2.70
C SER D 569 -18.43 -34.43 3.24
N ARG D 570 -17.33 -34.86 2.65
CA ARG D 570 -16.65 -36.07 3.12
C ARG D 570 -15.74 -35.82 4.33
N GLY D 571 -15.73 -34.59 4.85
CA GLY D 571 -15.08 -34.32 6.12
C GLY D 571 -13.58 -34.36 6.09
N ARG D 572 -12.99 -34.24 4.90
CA ARG D 572 -11.55 -34.29 4.73
C ARG D 572 -11.07 -33.02 4.05
N TYR D 573 -9.98 -32.46 4.54
CA TYR D 573 -9.51 -31.17 4.08
C TYR D 573 -8.87 -31.30 2.70
N TYR D 574 -9.09 -30.31 1.85
CA TYR D 574 -8.36 -30.20 0.60
C TYR D 574 -6.92 -29.74 0.84
N PRO D 575 -6.00 -30.07 -0.08
CA PRO D 575 -4.60 -29.64 0.10
C PRO D 575 -4.43 -28.13 0.06
N SER D 576 -3.46 -27.64 0.84
CA SER D 576 -3.17 -26.22 0.92
C SER D 576 -2.36 -25.78 -0.30
N ILE D 577 -2.41 -24.48 -0.58
CA ILE D 577 -1.65 -23.88 -1.66
C ILE D 577 -0.36 -23.22 -1.15
N LEU D 578 0.13 -23.67 0.01
CA LEU D 578 1.40 -23.18 0.54
C LEU D 578 2.61 -23.34 -0.38
N PRO D 579 2.81 -24.44 -1.14
CA PRO D 579 3.96 -24.48 -2.05
C PRO D 579 4.02 -23.35 -3.05
N PHE D 580 2.88 -22.94 -3.61
CA PHE D 580 2.87 -21.81 -4.53
C PHE D 580 3.26 -20.52 -3.84
N LEU D 581 2.79 -20.32 -2.61
CA LEU D 581 3.11 -19.11 -1.86
C LEU D 581 4.58 -19.03 -1.51
N VAL D 582 5.18 -20.15 -1.09
CA VAL D 582 6.60 -20.13 -0.72
C VAL D 582 7.47 -20.03 -1.98
N ARG D 583 7.03 -20.63 -3.09
CA ARG D 583 7.81 -20.54 -4.32
C ARG D 583 7.80 -19.12 -4.89
N ARG D 584 6.65 -18.44 -4.84
CA ARG D 584 6.58 -17.11 -5.43
C ARG D 584 7.12 -16.03 -4.50
N PHE D 585 6.85 -16.13 -3.20
CA PHE D 585 7.33 -15.15 -2.22
C PHE D 585 8.12 -15.87 -1.13
N PRO D 586 9.40 -16.17 -1.38
CA PRO D 586 10.17 -16.91 -0.38
C PRO D 586 10.59 -16.06 0.82
N ARG D 587 10.96 -14.80 0.59
CA ARG D 587 11.59 -13.98 1.61
C ARG D 587 10.66 -12.91 2.17
N ASP D 588 9.38 -12.96 1.83
CA ASP D 588 8.45 -11.95 2.31
C ASP D 588 8.14 -12.15 3.79
N GLU D 589 7.54 -11.11 4.39
CA GLU D 589 7.41 -11.07 5.84
C GLU D 589 6.34 -12.04 6.33
N SER D 590 5.30 -12.27 5.52
CA SER D 590 4.22 -13.17 5.93
C SER D 590 4.70 -14.61 6.03
N VAL D 591 5.50 -15.05 5.06
CA VAL D 591 6.08 -16.39 5.12
C VAL D 591 7.10 -16.47 6.25
N GLU D 592 7.74 -15.34 6.57
CA GLU D 592 8.62 -15.27 7.73
C GLU D 592 7.84 -15.46 9.02
N VAL D 593 6.62 -14.94 9.08
CA VAL D 593 5.76 -15.17 10.25
C VAL D 593 5.32 -16.62 10.30
N LEU D 594 5.06 -17.22 9.13
CA LEU D 594 4.77 -18.66 9.06
C LEU D 594 5.97 -19.49 9.51
N ARG D 595 7.17 -18.95 9.41
CA ARG D 595 8.37 -19.69 9.78
C ARG D 595 8.69 -19.59 11.26
N SER D 596 7.82 -18.96 12.04
CA SER D 596 8.05 -18.76 13.47
C SER D 596 8.12 -20.07 14.24
#